data_4H6I
# 
_entry.id   4H6I 
# 
_audit_conform.dict_name       mmcif_pdbx.dic 
_audit_conform.dict_version    5.379 
_audit_conform.dict_location   http://mmcif.pdb.org/dictionaries/ascii/mmcif_pdbx.dic 
# 
loop_
_database_2.database_id 
_database_2.database_code 
_database_2.pdbx_database_accession 
_database_2.pdbx_DOI 
PDB   4H6I         pdb_00004h6i 10.2210/pdb4h6i/pdb 
RCSB  RCSB075080   ?            ?                   
WWPDB D_1000075080 ?            ?                   
# 
_pdbx_database_related.db_name        PDB 
_pdbx_database_related.db_id          3T49 
_pdbx_database_related.details        'Staphylococcal Complement Inhibitor B SCIN-B(18-85)' 
_pdbx_database_related.content_type   unspecified 
# 
_pdbx_database_status.entry_id                        4H6I 
_pdbx_database_status.status_code                     REL 
_pdbx_database_status.deposit_site                    RCSB 
_pdbx_database_status.process_site                    RCSB 
_pdbx_database_status.recvd_initial_deposition_date   2012-09-19 
_pdbx_database_status.status_code_sf                  REL 
_pdbx_database_status.status_code_mr                  ? 
_pdbx_database_status.SG_entry                        ? 
_pdbx_database_status.status_code_cs                  ? 
_pdbx_database_status.methods_development_category    ? 
_pdbx_database_status.pdb_format_compatible           Y 
_pdbx_database_status.status_code_nmr_data            ? 
# 
loop_
_audit_author.name 
_audit_author.pdbx_ordinal 
'Garcia, B.L.'     1 
'Geisbrecht, B.V.' 2 
# 
_citation.id                        primary 
_citation.title                     
'A Structurally Dynamic N-terminal Helix Is a Key Functional Determinant in Staphylococcal Complement Inhibitor (SCIN) Proteins.' 
_citation.journal_abbrev            J.Biol.Chem. 
_citation.journal_volume            288 
_citation.page_first                2870 
_citation.page_last                 2881 
_citation.year                      2013 
_citation.journal_id_ASTM           JBCHA3 
_citation.country                   US 
_citation.journal_id_ISSN           0021-9258 
_citation.journal_id_CSD            0071 
_citation.book_publisher            ? 
_citation.pdbx_database_id_PubMed   23233676 
_citation.pdbx_database_id_DOI      10.1074/jbc.M112.426858 
# 
loop_
_citation_author.citation_id 
_citation_author.name 
_citation_author.ordinal 
_citation_author.identifier_ORCID 
primary 'Garcia, B.L.'     1 ? 
primary 'Summers, B.J.'    2 ? 
primary 'Ramyar, K.X.'     3 ? 
primary 'Tzekou, A.'       4 ? 
primary 'Lin, Z.'          5 ? 
primary 'Ricklin, D.'      6 ? 
primary 'Lambris, J.D.'    7 ? 
primary 'Laity, J.H.'      8 ? 
primary 'Geisbrecht, B.V.' 9 ? 
# 
_cell.entry_id           4H6I 
_cell.length_a           66.539 
_cell.length_b           115.251 
_cell.length_c           79.573 
_cell.angle_alpha        90.00 
_cell.angle_beta         90.00 
_cell.angle_gamma        90.00 
_cell.Z_PDB              24 
_cell.pdbx_unique_axis   ? 
_cell.length_a_esd       ? 
_cell.length_b_esd       ? 
_cell.length_c_esd       ? 
_cell.angle_alpha_esd    ? 
_cell.angle_beta_esd     ? 
_cell.angle_gamma_esd    ? 
# 
_symmetry.entry_id                         4H6I 
_symmetry.space_group_name_H-M             'C 2 2 2' 
_symmetry.pdbx_full_space_group_name_H-M   ? 
_symmetry.cell_setting                     ? 
_symmetry.Int_Tables_number                21 
_symmetry.space_group_name_Hall            ? 
# 
_entity.id                         1 
_entity.type                       polymer 
_entity.src_method                 man 
_entity.pdbx_description           'Fibrinogen-binding protein' 
_entity.formula_weight             10123.601 
_entity.pdbx_number_of_molecules   3 
_entity.pdbx_ec                    ? 
_entity.pdbx_mutation              ? 
_entity.pdbx_fragment              ? 
_entity.details                    ? 
# 
_entity_poly.entity_id                      1 
_entity_poly.type                           'polypeptide(L)' 
_entity_poly.nstd_linkage                   no 
_entity_poly.nstd_monomer                   no 
_entity_poly.pdbx_seq_one_letter_code       
;GSTSSLDKYLTESQFHDKRIAEELRTLLNKSNVYALAAGSLNPYYKRTIMMNEYRAKAALKKNDFVSMADAKVALEKIYK
EIDEIINR
;
_entity_poly.pdbx_seq_one_letter_code_can   
;GSTSSLDKYLTESQFHDKRIAEELRTLLNKSNVYALAAGSLNPYYKRTIMMNEYRAKAALKKNDFVSMADAKVALEKIYK
EIDEIINR
;
_entity_poly.pdbx_strand_id                 A,B,C 
_entity_poly.pdbx_target_identifier         ? 
# 
loop_
_entity_poly_seq.entity_id 
_entity_poly_seq.num 
_entity_poly_seq.mon_id 
_entity_poly_seq.hetero 
1 1  GLY n 
1 2  SER n 
1 3  THR n 
1 4  SER n 
1 5  SER n 
1 6  LEU n 
1 7  ASP n 
1 8  LYS n 
1 9  TYR n 
1 10 LEU n 
1 11 THR n 
1 12 GLU n 
1 13 SER n 
1 14 GLN n 
1 15 PHE n 
1 16 HIS n 
1 17 ASP n 
1 18 LYS n 
1 19 ARG n 
1 20 ILE n 
1 21 ALA n 
1 22 GLU n 
1 23 GLU n 
1 24 LEU n 
1 25 ARG n 
1 26 THR n 
1 27 LEU n 
1 28 LEU n 
1 29 ASN n 
1 30 LYS n 
1 31 SER n 
1 32 ASN n 
1 33 VAL n 
1 34 TYR n 
1 35 ALA n 
1 36 LEU n 
1 37 ALA n 
1 38 ALA n 
1 39 GLY n 
1 40 SER n 
1 41 LEU n 
1 42 ASN n 
1 43 PRO n 
1 44 TYR n 
1 45 TYR n 
1 46 LYS n 
1 47 ARG n 
1 48 THR n 
1 49 ILE n 
1 50 MET n 
1 51 MET n 
1 52 ASN n 
1 53 GLU n 
1 54 TYR n 
1 55 ARG n 
1 56 ALA n 
1 57 LYS n 
1 58 ALA n 
1 59 ALA n 
1 60 LEU n 
1 61 LYS n 
1 62 LYS n 
1 63 ASN n 
1 64 ASP n 
1 65 PHE n 
1 66 VAL n 
1 67 SER n 
1 68 MET n 
1 69 ALA n 
1 70 ASP n 
1 71 ALA n 
1 72 LYS n 
1 73 VAL n 
1 74 ALA n 
1 75 LEU n 
1 76 GLU n 
1 77 LYS n 
1 78 ILE n 
1 79 TYR n 
1 80 LYS n 
1 81 GLU n 
1 82 ILE n 
1 83 ASP n 
1 84 GLU n 
1 85 ILE n 
1 86 ILE n 
1 87 ASN n 
1 88 ARG n 
# 
_entity_src_gen.entity_id                          1 
_entity_src_gen.pdbx_src_id                        1 
_entity_src_gen.pdbx_alt_source_flag               sample 
_entity_src_gen.pdbx_seq_type                      ? 
_entity_src_gen.pdbx_beg_seq_num                   ? 
_entity_src_gen.pdbx_end_seq_num                   ? 
_entity_src_gen.gene_src_common_name               ? 
_entity_src_gen.gene_src_genus                     ? 
_entity_src_gen.pdbx_gene_src_gene                 'SAV1159, SAV_1159' 
_entity_src_gen.gene_src_species                   ? 
_entity_src_gen.gene_src_strain                    'Mu50 / ATCC 700699' 
_entity_src_gen.gene_src_tissue                    ? 
_entity_src_gen.gene_src_tissue_fraction           ? 
_entity_src_gen.gene_src_details                   ? 
_entity_src_gen.pdbx_gene_src_fragment             ? 
_entity_src_gen.pdbx_gene_src_scientific_name      'Staphylococcus aureus subsp. aureus' 
_entity_src_gen.pdbx_gene_src_ncbi_taxonomy_id     158878 
_entity_src_gen.pdbx_gene_src_variant              ? 
_entity_src_gen.pdbx_gene_src_cell_line            ? 
_entity_src_gen.pdbx_gene_src_atcc                 ? 
_entity_src_gen.pdbx_gene_src_organ                ? 
_entity_src_gen.pdbx_gene_src_organelle            ? 
_entity_src_gen.pdbx_gene_src_cell                 ? 
_entity_src_gen.pdbx_gene_src_cellular_location    ? 
_entity_src_gen.host_org_common_name               ? 
_entity_src_gen.pdbx_host_org_scientific_name      'Escherichia coli' 
_entity_src_gen.pdbx_host_org_ncbi_taxonomy_id     469008 
_entity_src_gen.host_org_genus                     ? 
_entity_src_gen.pdbx_host_org_gene                 ? 
_entity_src_gen.pdbx_host_org_organ                ? 
_entity_src_gen.host_org_species                   ? 
_entity_src_gen.pdbx_host_org_tissue               ? 
_entity_src_gen.pdbx_host_org_tissue_fraction      ? 
_entity_src_gen.pdbx_host_org_strain               'BL21(DE3)' 
_entity_src_gen.pdbx_host_org_variant              ? 
_entity_src_gen.pdbx_host_org_cell_line            ? 
_entity_src_gen.pdbx_host_org_atcc                 ? 
_entity_src_gen.pdbx_host_org_culture_collection   ? 
_entity_src_gen.pdbx_host_org_cell                 ? 
_entity_src_gen.pdbx_host_org_organelle            ? 
_entity_src_gen.pdbx_host_org_cellular_location    ? 
_entity_src_gen.pdbx_host_org_vector_type          plasmid 
_entity_src_gen.pdbx_host_org_vector               ? 
_entity_src_gen.host_org_details                   ? 
_entity_src_gen.expression_system_id               ? 
_entity_src_gen.plasmid_name                       pt7HMT 
_entity_src_gen.plasmid_details                    ? 
_entity_src_gen.pdbx_description                   ? 
# 
_struct_ref.id                         1 
_struct_ref.db_name                    UNP 
_struct_ref.db_code                    Q99UU9_STAAM 
_struct_ref.pdbx_db_accession          Q99UU9 
_struct_ref.entity_id                  1 
_struct_ref.pdbx_seq_one_letter_code   
;SSLDKYLTESQFHDKRIAEELRTLLNKSNVYALAAGSLNPYYKRTIMMNEYRAKAALKKNDFVSMADAKVALEKIYKEID
EIINR
;
_struct_ref.pdbx_align_begin           32 
_struct_ref.pdbx_db_isoform            ? 
# 
loop_
_struct_ref_seq.align_id 
_struct_ref_seq.ref_id 
_struct_ref_seq.pdbx_PDB_id_code 
_struct_ref_seq.pdbx_strand_id 
_struct_ref_seq.seq_align_beg 
_struct_ref_seq.pdbx_seq_align_beg_ins_code 
_struct_ref_seq.seq_align_end 
_struct_ref_seq.pdbx_seq_align_end_ins_code 
_struct_ref_seq.pdbx_db_accession 
_struct_ref_seq.db_align_beg 
_struct_ref_seq.pdbx_db_align_beg_ins_code 
_struct_ref_seq.db_align_end 
_struct_ref_seq.pdbx_db_align_end_ins_code 
_struct_ref_seq.pdbx_auth_seq_align_beg 
_struct_ref_seq.pdbx_auth_seq_align_end 
1 1 4H6I A 4 ? 88 ? Q99UU9 32 ? 116 ? 1 85 
2 1 4H6I B 4 ? 88 ? Q99UU9 32 ? 116 ? 1 85 
3 1 4H6I C 4 ? 88 ? Q99UU9 32 ? 116 ? 1 85 
# 
loop_
_struct_ref_seq_dif.align_id 
_struct_ref_seq_dif.pdbx_pdb_id_code 
_struct_ref_seq_dif.mon_id 
_struct_ref_seq_dif.pdbx_pdb_strand_id 
_struct_ref_seq_dif.seq_num 
_struct_ref_seq_dif.pdbx_pdb_ins_code 
_struct_ref_seq_dif.pdbx_seq_db_name 
_struct_ref_seq_dif.pdbx_seq_db_accession_code 
_struct_ref_seq_dif.db_mon_id 
_struct_ref_seq_dif.pdbx_seq_db_seq_num 
_struct_ref_seq_dif.details 
_struct_ref_seq_dif.pdbx_auth_seq_num 
_struct_ref_seq_dif.pdbx_ordinal 
1 4H6I GLY A 1 ? UNP Q99UU9 ? ? 'expression tag' -2 1 
1 4H6I SER A 2 ? UNP Q99UU9 ? ? 'expression tag' -1 2 
1 4H6I THR A 3 ? UNP Q99UU9 ? ? 'expression tag' 0  3 
2 4H6I GLY B 1 ? UNP Q99UU9 ? ? 'expression tag' -2 4 
2 4H6I SER B 2 ? UNP Q99UU9 ? ? 'expression tag' -1 5 
2 4H6I THR B 3 ? UNP Q99UU9 ? ? 'expression tag' 0  6 
3 4H6I GLY C 1 ? UNP Q99UU9 ? ? 'expression tag' -2 7 
3 4H6I SER C 2 ? UNP Q99UU9 ? ? 'expression tag' -1 8 
3 4H6I THR C 3 ? UNP Q99UU9 ? ? 'expression tag' 0  9 
# 
loop_
_chem_comp.id 
_chem_comp.type 
_chem_comp.mon_nstd_flag 
_chem_comp.name 
_chem_comp.pdbx_synonyms 
_chem_comp.formula 
_chem_comp.formula_weight 
ALA 'L-peptide linking' y ALANINE         ? 'C3 H7 N O2'     89.093  
ARG 'L-peptide linking' y ARGININE        ? 'C6 H15 N4 O2 1' 175.209 
ASN 'L-peptide linking' y ASPARAGINE      ? 'C4 H8 N2 O3'    132.118 
ASP 'L-peptide linking' y 'ASPARTIC ACID' ? 'C4 H7 N O4'     133.103 
GLN 'L-peptide linking' y GLUTAMINE       ? 'C5 H10 N2 O3'   146.144 
GLU 'L-peptide linking' y 'GLUTAMIC ACID' ? 'C5 H9 N O4'     147.129 
GLY 'peptide linking'   y GLYCINE         ? 'C2 H5 N O2'     75.067  
HIS 'L-peptide linking' y HISTIDINE       ? 'C6 H10 N3 O2 1' 156.162 
ILE 'L-peptide linking' y ISOLEUCINE      ? 'C6 H13 N O2'    131.173 
LEU 'L-peptide linking' y LEUCINE         ? 'C6 H13 N O2'    131.173 
LYS 'L-peptide linking' y LYSINE          ? 'C6 H15 N2 O2 1' 147.195 
MET 'L-peptide linking' y METHIONINE      ? 'C5 H11 N O2 S'  149.211 
PHE 'L-peptide linking' y PHENYLALANINE   ? 'C9 H11 N O2'    165.189 
PRO 'L-peptide linking' y PROLINE         ? 'C5 H9 N O2'     115.130 
SER 'L-peptide linking' y SERINE          ? 'C3 H7 N O3'     105.093 
THR 'L-peptide linking' y THREONINE       ? 'C4 H9 N O3'     119.119 
TYR 'L-peptide linking' y TYROSINE        ? 'C9 H11 N O3'    181.189 
VAL 'L-peptide linking' y VALINE          ? 'C5 H11 N O2'    117.146 
# 
_exptl.entry_id          4H6I 
_exptl.method            'X-RAY DIFFRACTION' 
_exptl.crystals_number   1 
# 
_exptl_crystal.id                    1 
_exptl_crystal.density_meas          ? 
_exptl_crystal.density_Matthews      2.51 
_exptl_crystal.density_percent_sol   51.03 
_exptl_crystal.description           ? 
_exptl_crystal.F_000                 ? 
_exptl_crystal.preparation           ? 
# 
_exptl_crystal_grow.crystal_id      1 
_exptl_crystal_grow.method          'VAPOR DIFFUSION, HANGING DROP' 
_exptl_crystal_grow.temp            277 
_exptl_crystal_grow.temp_details    ? 
_exptl_crystal_grow.pH              7.4 
_exptl_crystal_grow.pdbx_pH_range   ? 
_exptl_crystal_grow.pdbx_details    
;16mg/ml protein sample stored in 10mM Tris (pH 7.4), 50mM NaCl; Crystallization conditions: 0.2M AmSO4, 30% PEG 8k. Crystals appear in 5-7d, VAPOR DIFFUSION, HANGING DROP, temperature 277K
;
# 
_diffrn.id                     1 
_diffrn.ambient_temp           93 
_diffrn.ambient_temp_details   ? 
_diffrn.crystal_id             1 
# 
_diffrn_detector.diffrn_id              1 
_diffrn_detector.detector               CCD 
_diffrn_detector.type                   'MARMOSAIC 225 mm CCD' 
_diffrn_detector.pdbx_collection_date   2010-02-01 
_diffrn_detector.details                mirror 
# 
_diffrn_radiation.diffrn_id                        1 
_diffrn_radiation.wavelength_id                    1 
_diffrn_radiation.pdbx_monochromatic_or_laue_m_l   M 
_diffrn_radiation.monochromator                    'Si(220)' 
_diffrn_radiation.pdbx_diffrn_protocol             'SINGLE WAVELENGTH' 
_diffrn_radiation.pdbx_scattering_type             x-ray 
# 
_diffrn_radiation_wavelength.id           1 
_diffrn_radiation_wavelength.wavelength   1.00 
_diffrn_radiation_wavelength.wt           1.0 
# 
_diffrn_source.diffrn_id                   1 
_diffrn_source.source                      SYNCHROTRON 
_diffrn_source.type                        'APS BEAMLINE 22-BM' 
_diffrn_source.pdbx_synchrotron_site       APS 
_diffrn_source.pdbx_synchrotron_beamline   22-BM 
_diffrn_source.pdbx_wavelength             ? 
_diffrn_source.pdbx_wavelength_list        1.00 
# 
_reflns.pdbx_diffrn_id               1 
_reflns.pdbx_ordinal                 1 
_reflns.entry_id                     4H6I 
_reflns.observed_criterion_sigma_I   2.0 
_reflns.observed_criterion_sigma_F   2.0 
_reflns.d_resolution_low             50.000 
_reflns.d_resolution_high            3.093 
_reflns.number_obs                   5479 
_reflns.number_all                   5479 
_reflns.percent_possible_obs         93.200 
_reflns.pdbx_Rmerge_I_obs            0.071 
_reflns.pdbx_Rsym_value              ? 
_reflns.pdbx_netI_over_sigmaI        10.700 
_reflns.B_iso_Wilson_estimate        ? 
_reflns.pdbx_redundancy              4.600 
_reflns.R_free_details               ? 
_reflns.limit_h_max                  ? 
_reflns.limit_h_min                  ? 
_reflns.limit_k_max                  ? 
_reflns.limit_k_min                  ? 
_reflns.limit_l_max                  ? 
_reflns.limit_l_min                  ? 
_reflns.observed_criterion_F_max     ? 
_reflns.observed_criterion_F_min     ? 
_reflns.pdbx_chi_squared             ? 
_reflns.pdbx_scaling_rejects         ? 
# 
loop_
_reflns_shell.pdbx_diffrn_id 
_reflns_shell.pdbx_ordinal 
_reflns_shell.d_res_high 
_reflns_shell.d_res_low 
_reflns_shell.percent_possible_all 
_reflns_shell.Rmerge_I_obs 
_reflns_shell.pdbx_Rsym_value 
_reflns_shell.meanI_over_sigI_obs 
_reflns_shell.pdbx_redundancy 
_reflns_shell.percent_possible_obs 
_reflns_shell.number_unique_all 
_reflns_shell.number_measured_all 
_reflns_shell.number_measured_obs 
_reflns_shell.number_unique_obs 
_reflns_shell.pdbx_chi_squared 
1 1  3.091 3.210  61.400  0.272 ? ? 4.300 ? ? ? ? ? ? 
1 2  3.210 3.340  80.800  0.194 ? ? 4.100 ? ? ? ? ? ? 
1 3  3.340 3.490  94.400  0.223 ? ? 4.300 ? ? ? ? ? ? 
1 4  3.490 3.680  98.100  0.173 ? ? 4.500 ? ? ? ? ? ? 
1 5  3.680 3.910  99.700  0.121 ? ? 4.800 ? ? ? ? ? ? 
1 6  3.910 4.210  99.700  0.089 ? ? 4.900 ? ? ? ? ? ? 
1 7  4.210 4.630  100.000 0.073 ? ? 4.900 ? ? ? ? ? ? 
1 8  4.630 5.300  99.700  0.074 ? ? 4.800 ? ? ? ? ? ? 
1 9  5.300 6.670  100.000 0.066 ? ? 4.600 ? ? ? ? ? ? 
1 10 6.670 50.000 97.800  0.028 ? ? 4.400 ? ? ? ? ? ? 
# 
_refine.pdbx_refine_id                           'X-RAY DIFFRACTION' 
_refine.entry_id                                 4H6I 
_refine.pdbx_diffrn_id                           1 
_refine.pdbx_TLS_residual_ADP_flag               ? 
_refine.ls_number_reflns_obs                     5461 
_refine.ls_number_reflns_all                     5149 
_refine.pdbx_ls_sigma_I                          ? 
_refine.pdbx_ls_sigma_F                          1.34 
_refine.pdbx_data_cutoff_high_absF               ? 
_refine.pdbx_data_cutoff_low_absF                ? 
_refine.pdbx_data_cutoff_high_rms_absF           ? 
_refine.ls_d_res_low                             32.741 
_refine.ls_d_res_high                            3.091 
_refine.ls_percent_reflns_obs                    92.89 
_refine.ls_R_factor_obs                          0.2825 
_refine.ls_R_factor_all                          ? 
_refine.ls_R_factor_R_work                       0.2811 
_refine.ls_R_factor_R_free                       0.2930 
_refine.ls_R_factor_R_free_error                 ? 
_refine.ls_R_factor_R_free_error_details         ? 
_refine.ls_percent_reflns_R_free                 9.92 
_refine.ls_number_reflns_R_free                  542 
_refine.ls_number_parameters                     ? 
_refine.ls_number_restraints                     ? 
_refine.occupancy_min                            1.000 
_refine.occupancy_max                            1.000 
_refine.correlation_coeff_Fo_to_Fc               ? 
_refine.correlation_coeff_Fo_to_Fc_free          ? 
_refine.B_iso_mean                               109.7075 
_refine.aniso_B[1][1]                            ? 
_refine.aniso_B[2][2]                            ? 
_refine.aniso_B[3][3]                            ? 
_refine.aniso_B[1][2]                            ? 
_refine.aniso_B[1][3]                            ? 
_refine.aniso_B[2][3]                            ? 
_refine.solvent_model_details                    'FLAT BULK SOLVENT MODEL' 
_refine.solvent_model_param_ksol                 ? 
_refine.solvent_model_param_bsol                 ? 
_refine.pdbx_solvent_vdw_probe_radii             1.11 
_refine.pdbx_solvent_ion_probe_radii             ? 
_refine.pdbx_solvent_shrinkage_radii             0.90 
_refine.pdbx_ls_cross_valid_method               ? 
_refine.details                                  ? 
_refine.pdbx_starting_model                      'STARTING MODEL 3T49' 
_refine.pdbx_method_to_determine_struct          'MOLECULAR REPLACEMENT' 
_refine.pdbx_isotropic_thermal_model             ? 
_refine.pdbx_stereochemistry_target_values       ML 
_refine.pdbx_stereochem_target_val_spec_case     ? 
_refine.pdbx_R_Free_selection_details            ? 
_refine.pdbx_overall_ESU_R                       ? 
_refine.pdbx_overall_ESU_R_Free                  ? 
_refine.overall_SU_ML                            0.34 
_refine.pdbx_overall_phase_error                 31.83 
_refine.overall_SU_B                             ? 
_refine.overall_SU_R_Cruickshank_DPI             ? 
_refine.pdbx_overall_SU_R_free_Cruickshank_DPI   ? 
_refine.pdbx_overall_SU_R_Blow_DPI               ? 
_refine.pdbx_overall_SU_R_free_Blow_DPI          ? 
_refine.ls_redundancy_reflns_obs                 ? 
_refine.B_iso_min                                ? 
_refine.B_iso_max                                ? 
_refine.overall_SU_R_free                        ? 
_refine.ls_wR_factor_R_free                      ? 
_refine.ls_wR_factor_R_work                      ? 
_refine.overall_FOM_free_R_set                   ? 
_refine.overall_FOM_work_R_set                   ? 
# 
_refine_hist.pdbx_refine_id                   'X-RAY DIFFRACTION' 
_refine_hist.cycle_id                         LAST 
_refine_hist.pdbx_number_atoms_protein        1884 
_refine_hist.pdbx_number_atoms_nucleic_acid   0 
_refine_hist.pdbx_number_atoms_ligand         0 
_refine_hist.number_atoms_solvent             0 
_refine_hist.number_atoms_total               1884 
_refine_hist.d_res_high                       3.091 
_refine_hist.d_res_low                        32.741 
# 
loop_
_refine_ls_restr.type 
_refine_ls_restr.dev_ideal 
_refine_ls_restr.dev_ideal_target 
_refine_ls_restr.weight 
_refine_ls_restr.number 
_refine_ls_restr.pdbx_refine_id 
_refine_ls_restr.pdbx_restraint_function 
f_bond_d           0.011  ? ? 1908 'X-RAY DIFFRACTION' ? 
f_angle_d          1.449  ? ? 2553 'X-RAY DIFFRACTION' ? 
f_dihedral_angle_d 16.581 ? ? 747  'X-RAY DIFFRACTION' ? 
f_chiral_restr     0.101  ? ? 282  'X-RAY DIFFRACTION' ? 
f_plane_restr      0.008  ? ? 324  'X-RAY DIFFRACTION' ? 
# 
loop_
_refine_ls_shell.pdbx_refine_id 
_refine_ls_shell.pdbx_total_number_of_bins_used 
_refine_ls_shell.d_res_high 
_refine_ls_shell.d_res_low 
_refine_ls_shell.number_reflns_R_work 
_refine_ls_shell.R_factor_R_work 
_refine_ls_shell.percent_reflns_obs 
_refine_ls_shell.R_factor_R_free 
_refine_ls_shell.R_factor_R_free_error 
_refine_ls_shell.percent_reflns_R_free 
_refine_ls_shell.number_reflns_R_free 
_refine_ls_shell.number_reflns_all 
_refine_ls_shell.R_factor_all 
_refine_ls_shell.redundancy_reflns_obs 
_refine_ls_shell.number_reflns_obs 
'X-RAY DIFFRACTION' . 3.0910 3.4017  957  0.3009 74.00 0.3364 . . 105 . . . . 
'X-RAY DIFFRACTION' . 3.4017 3.8933  1292 0.3012 98.00 0.4109 . . 137 . . . . 
'X-RAY DIFFRACTION' . 3.8933 4.9025  1299 0.2559 99.00 0.2695 . . 146 . . . . 
'X-RAY DIFFRACTION' . 4.9025 32.7427 1371 0.2850 99.00 0.2566 . . 154 . . . . 
# 
_struct.entry_id                  4H6I 
_struct.title                     'Crystal Structure of Staphylococcal Complement Inhibitor SCIN-B' 
_struct.pdbx_model_details        ? 
_struct.pdbx_CASP_flag            ? 
_struct.pdbx_model_type_details   ? 
# 
_struct_keywords.entry_id        4H6I 
_struct_keywords.text            'Complement System, Innate Immunity, Staphylococcus aureus Structural Biology, IMMUNE SYSTEM' 
_struct_keywords.pdbx_keywords   'IMMUNE SYSTEM' 
# 
loop_
_struct_asym.id 
_struct_asym.pdbx_blank_PDB_chainid_flag 
_struct_asym.pdbx_modified 
_struct_asym.entity_id 
_struct_asym.details 
A N N 1 ? 
B N N 1 ? 
C N N 1 ? 
# 
_struct_biol.id        1 
_struct_biol.details   ? 
# 
loop_
_struct_conf.conf_type_id 
_struct_conf.id 
_struct_conf.pdbx_PDB_helix_id 
_struct_conf.beg_label_comp_id 
_struct_conf.beg_label_asym_id 
_struct_conf.beg_label_seq_id 
_struct_conf.pdbx_beg_PDB_ins_code 
_struct_conf.end_label_comp_id 
_struct_conf.end_label_asym_id 
_struct_conf.end_label_seq_id 
_struct_conf.pdbx_end_PDB_ins_code 
_struct_conf.beg_auth_comp_id 
_struct_conf.beg_auth_asym_id 
_struct_conf.beg_auth_seq_id 
_struct_conf.end_auth_comp_id 
_struct_conf.end_auth_asym_id 
_struct_conf.end_auth_seq_id 
_struct_conf.pdbx_PDB_helix_class 
_struct_conf.details 
_struct_conf.pdbx_PDB_helix_length 
HELX_P HELX_P1  1  GLU A 23 ? LYS A 30 ? GLU A 20 LYS A 27 1 ? 8  
HELX_P HELX_P2  2  ASN A 32 ? ALA A 38 ? ASN A 29 ALA A 35 1 ? 7  
HELX_P HELX_P3  3  GLY A 39 ? LEU A 41 ? GLY A 36 LEU A 38 5 ? 3  
HELX_P HELX_P4  4  ASN A 42 ? LYS A 62 ? ASN A 39 LYS A 59 1 ? 21 
HELX_P HELX_P5  5  ASP A 64 ? ARG A 88 ? ASP A 61 ARG A 85 1 ? 25 
HELX_P HELX_P6  6  GLU B 23 ? LYS B 30 ? GLU B 20 LYS B 27 1 ? 8  
HELX_P HELX_P7  7  ASN B 32 ? ALA B 38 ? ASN B 29 ALA B 35 1 ? 7  
HELX_P HELX_P8  8  GLY B 39 ? LEU B 41 ? GLY B 36 LEU B 38 5 ? 3  
HELX_P HELX_P9  9  ASN B 42 ? LYS B 62 ? ASN B 39 LYS B 59 1 ? 21 
HELX_P HELX_P10 10 ASP B 64 ? ARG B 88 ? ASP B 61 ARG B 85 1 ? 25 
HELX_P HELX_P11 11 GLU C 23 ? LYS C 30 ? GLU C 20 LYS C 27 1 ? 8  
HELX_P HELX_P12 12 ASN C 32 ? ALA C 38 ? ASN C 29 ALA C 35 1 ? 7  
HELX_P HELX_P13 13 GLY C 39 ? LEU C 41 ? GLY C 36 LEU C 38 5 ? 3  
HELX_P HELX_P14 14 ASN C 42 ? LYS C 62 ? ASN C 39 LYS C 59 1 ? 21 
HELX_P HELX_P15 15 ASP C 64 ? ARG C 88 ? ASP C 61 ARG C 85 1 ? 25 
# 
_struct_conf_type.id          HELX_P 
_struct_conf_type.criteria    ? 
_struct_conf_type.reference   ? 
# 
_atom_sites.entry_id                    4H6I 
_atom_sites.fract_transf_matrix[1][1]   0.01022473 
_atom_sites.fract_transf_matrix[1][2]   -0.00851240 
_atom_sites.fract_transf_matrix[1][3]   0.00699034 
_atom_sites.fract_transf_matrix[2][1]   -0.00617483 
_atom_sites.fract_transf_matrix[2][2]   -0.00311265 
_atom_sites.fract_transf_matrix[2][3]   0.00524149 
_atom_sites.fract_transf_matrix[3][1]   -0.00220289 
_atom_sites.fract_transf_matrix[3][2]   -0.00932426 
_atom_sites.fract_transf_matrix[3][3]   -0.00813234 
_atom_sites.fract_transf_vector[1]      0.184930 
_atom_sites.fract_transf_vector[2]      0.064084 
_atom_sites.fract_transf_vector[3]      0.270295 
# 
loop_
_atom_type.symbol 
C 
N 
O 
S 
# 
loop_
_atom_site.group_PDB 
_atom_site.id 
_atom_site.type_symbol 
_atom_site.label_atom_id 
_atom_site.label_alt_id 
_atom_site.label_comp_id 
_atom_site.label_asym_id 
_atom_site.label_entity_id 
_atom_site.label_seq_id 
_atom_site.pdbx_PDB_ins_code 
_atom_site.Cartn_x 
_atom_site.Cartn_y 
_atom_site.Cartn_z 
_atom_site.occupancy 
_atom_site.B_iso_or_equiv 
_atom_site.pdbx_formal_charge 
_atom_site.auth_seq_id 
_atom_site.auth_comp_id 
_atom_site.auth_asym_id 
_atom_site.auth_atom_id 
_atom_site.pdbx_PDB_model_num 
ATOM 1    N N   . GLU A 1 12 ? -34.599 -3.226  31.282  1.00 194.88 ? 9  GLU A N   1 
ATOM 2    C CA  . GLU A 1 12 ? -35.430 -2.843  30.147  1.00 195.90 ? 9  GLU A CA  1 
ATOM 3    C C   . GLU A 1 12 ? -34.740 -3.162  28.825  1.00 190.98 ? 9  GLU A C   1 
ATOM 4    O O   . GLU A 1 12 ? -33.708 -2.577  28.494  1.00 192.61 ? 9  GLU A O   1 
ATOM 5    C CB  . GLU A 1 12 ? -35.772 -1.353  30.213  1.00 193.20 ? 9  GLU A CB  1 
ATOM 6    C CG  . GLU A 1 12 ? -36.637 -0.966  31.402  1.00 194.57 ? 9  GLU A CG  1 
ATOM 7    C CD  . GLU A 1 12 ? -35.823 -0.705  32.654  1.00 197.12 ? 9  GLU A CD  1 
ATOM 8    O OE1 . GLU A 1 12 ? -34.587 -0.881  32.609  1.00 195.99 ? 9  GLU A OE1 1 
ATOM 9    O OE2 . GLU A 1 12 ? -36.419 -0.325  33.684  1.00 198.16 ? 9  GLU A OE2 1 
ATOM 10   N N   . SER A 1 13 ? -35.315 -4.096  28.073  1.00 186.95 ? 10 SER A N   1 
ATOM 11   C CA  . SER A 1 13 ? -34.756 -4.494  26.786  1.00 184.52 ? 10 SER A CA  1 
ATOM 12   C C   . SER A 1 13 ? -35.266 -3.596  25.663  1.00 182.61 ? 10 SER A C   1 
ATOM 13   O O   . SER A 1 13 ? -36.419 -3.168  25.673  1.00 180.66 ? 10 SER A O   1 
ATOM 14   C CB  . SER A 1 13 ? -35.095 -5.955  26.486  1.00 181.13 ? 10 SER A CB  1 
ATOM 15   O OG  . SER A 1 13 ? -36.409 -6.079  25.969  1.00 176.92 ? 10 SER A OG  1 
ATOM 16   N N   . GLN A 1 14 ? -34.397 -3.317  24.697  1.00 176.52 ? 11 GLN A N   1 
ATOM 17   C CA  . GLN A 1 14 ? -34.756 -2.471  23.566  1.00 167.21 ? 11 GLN A CA  1 
ATOM 18   C C   . GLN A 1 14 ? -34.009 -2.879  22.300  1.00 164.72 ? 11 GLN A C   1 
ATOM 19   O O   . GLN A 1 14 ? -32.843 -3.267  22.351  1.00 163.33 ? 11 GLN A O   1 
ATOM 20   C CB  . GLN A 1 14 ? -34.479 -1.001  23.888  1.00 164.16 ? 11 GLN A CB  1 
ATOM 21   C CG  . GLN A 1 14 ? -35.355 -0.432  24.992  1.00 170.45 ? 11 GLN A CG  1 
ATOM 22   C CD  . GLN A 1 14 ? -36.831 -0.496  24.657  1.00 167.58 ? 11 GLN A CD  1 
ATOM 23   O OE1 . GLN A 1 14 ? -37.233 -0.253  23.520  1.00 163.38 ? 11 GLN A OE1 1 
ATOM 24   N NE2 . GLN A 1 14 ? -37.649 -0.829  25.651  1.00 171.07 ? 11 GLN A NE2 1 
ATOM 25   N N   . PHE A 1 15 ? -34.693 -2.785  21.163  1.00 168.03 ? 12 PHE A N   1 
ATOM 26   C CA  . PHE A 1 15 ? -34.098 -3.126  19.873  1.00 165.78 ? 12 PHE A CA  1 
ATOM 27   C C   . PHE A 1 15 ? -34.422 -2.124  18.752  1.00 156.03 ? 12 PHE A C   1 
ATOM 28   O O   . PHE A 1 15 ? -35.582 -1.784  18.508  1.00 150.67 ? 12 PHE A O   1 
ATOM 29   C CB  . PHE A 1 15 ? -34.486 -4.568  19.492  1.00 165.97 ? 12 PHE A CB  1 
ATOM 30   C CG  . PHE A 1 15 ? -33.952 -5.632  20.422  1.00 177.22 ? 12 PHE A CG  1 
ATOM 31   C CD1 . PHE A 1 15 ? -32.659 -6.112  20.272  1.00 181.13 ? 12 PHE A CD1 1 
ATOM 32   C CD2 . PHE A 1 15 ? -34.729 -6.126  21.466  1.00 177.38 ? 12 PHE A CD2 1 
ATOM 33   C CE1 . PHE A 1 15 ? -32.151 -7.080  21.133  1.00 177.59 ? 12 PHE A CE1 1 
ATOM 34   C CE2 . PHE A 1 15 ? -34.232 -7.098  22.325  1.00 178.01 ? 12 PHE A CE2 1 
ATOM 35   C CZ  . PHE A 1 15 ? -32.939 -7.574  22.158  1.00 176.45 ? 12 PHE A CZ  1 
ATOM 36   N N   . HIS A 1 16 ? -33.374 -1.619  18.112  1.00 147.28 ? 13 HIS A N   1 
ATOM 37   C CA  . HIS A 1 16 ? -33.502 -0.926  16.838  1.00 143.34 ? 13 HIS A CA  1 
ATOM 38   C C   . HIS A 1 16 ? -33.245 -1.984  15.754  1.00 143.44 ? 13 HIS A C   1 
ATOM 39   O O   . HIS A 1 16 ? -32.514 -2.958  15.985  1.00 135.50 ? 13 HIS A O   1 
ATOM 40   C CB  . HIS A 1 16 ? -32.521 0.264   16.782  1.00 146.27 ? 13 HIS A CB  1 
ATOM 41   C CG  . HIS A 1 16 ? -32.760 1.341   17.807  1.00 151.83 ? 13 HIS A CG  1 
ATOM 42   N ND1 . HIS A 1 16 ? -31.814 2.309   18.096  1.00 152.22 ? 13 HIS A ND1 1 
ATOM 43   C CD2 . HIS A 1 16 ? -33.837 1.637   18.576  1.00 150.78 ? 13 HIS A CD2 1 
ATOM 44   C CE1 . HIS A 1 16 ? -32.292 3.130   19.015  1.00 150.70 ? 13 HIS A CE1 1 
ATOM 45   N NE2 . HIS A 1 16 ? -33.518 2.745   19.323  1.00 150.22 ? 13 HIS A NE2 1 
ATOM 46   N N   . ASP A 1 17 ? -33.842 -1.786  14.580  1.00 149.04 ? 14 ASP A N   1 
ATOM 47   C CA  . ASP A 1 17 ? -33.913 -2.805  13.531  1.00 147.39 ? 14 ASP A CA  1 
ATOM 48   C C   . ASP A 1 17 ? -33.279 -2.330  12.226  1.00 140.52 ? 14 ASP A C   1 
ATOM 49   O O   . ASP A 1 17 ? -32.815 -1.191  12.103  1.00 136.50 ? 14 ASP A O   1 
ATOM 50   C CB  . ASP A 1 17 ? -35.371 -3.165  13.247  1.00 143.76 ? 14 ASP A CB  1 
ATOM 51   C CG  . ASP A 1 17 ? -36.265 -1.947  13.202  1.00 144.59 ? 14 ASP A CG  1 
ATOM 52   O OD1 . ASP A 1 17 ? -36.579 -1.404  14.285  1.00 133.05 ? 14 ASP A OD1 1 
ATOM 53   O OD2 . ASP A 1 17 ? -36.629 -1.516  12.083  1.00 145.98 ? 14 ASP A OD2 1 
ATOM 54   N N   . LYS A 1 18 ? -33.255 -3.222  11.248  1.00 135.35 ? 15 LYS A N   1 
ATOM 55   C CA  . LYS A 1 18 ? -32.531 -2.928  10.031  1.00 137.71 ? 15 LYS A CA  1 
ATOM 56   C C   . LYS A 1 18 ? -33.364 -2.343  8.895   1.00 138.10 ? 15 LYS A C   1 
ATOM 57   O O   . LYS A 1 18 ? -33.569 -2.984  7.857   1.00 130.11 ? 15 LYS A O   1 
ATOM 58   C CB  . LYS A 1 18 ? -31.729 -4.140  9.586   1.00 140.14 ? 15 LYS A CB  1 
ATOM 59   C CG  . LYS A 1 18 ? -30.624 -4.471  10.561  1.00 138.14 ? 15 LYS A CG  1 
ATOM 60   C CD  . LYS A 1 18 ? -29.552 -5.226  9.867   1.00 139.81 ? 15 LYS A CD  1 
ATOM 61   C CE  . LYS A 1 18 ? -29.705 -6.709  10.037  1.00 151.71 ? 15 LYS A CE  1 
ATOM 62   N NZ  . LYS A 1 18 ? -28.403 -7.390  10.304  1.00 156.63 ? 15 LYS A NZ  1 
ATOM 63   N N   . ARG A 1 19 ? -33.838 -1.116  9.106   1.00 137.84 ? 16 ARG A N   1 
ATOM 64   C CA  . ARG A 1 19 ? -34.283 -0.265  8.006   1.00 135.80 ? 16 ARG A CA  1 
ATOM 65   C C   . ARG A 1 19 ? -33.110 0.609   7.546   1.00 135.61 ? 16 ARG A C   1 
ATOM 66   O O   . ARG A 1 19 ? -32.692 1.535   8.248   1.00 133.25 ? 16 ARG A O   1 
ATOM 67   C CB  . ARG A 1 19 ? -35.512 0.557   8.382   1.00 132.18 ? 16 ARG A CB  1 
ATOM 68   C CG  . ARG A 1 19 ? -35.936 1.494   7.274   1.00 132.66 ? 16 ARG A CG  1 
ATOM 69   C CD  . ARG A 1 19 ? -36.372 0.708   6.046   1.00 125.65 ? 16 ARG A CD  1 
ATOM 70   N NE  . ARG A 1 19 ? -36.790 1.577   4.952   1.00 128.57 ? 16 ARG A NE  1 
ATOM 71   C CZ  . ARG A 1 19 ? -35.963 2.107   4.053   1.00 132.88 ? 16 ARG A CZ  1 
ATOM 72   N NH1 . ARG A 1 19 ? -34.658 1.867   4.106   1.00 140.62 ? 16 ARG A NH1 1 
ATOM 73   N NH2 . ARG A 1 19 ? -36.448 2.882   3.095   1.00 129.24 ? 16 ARG A NH2 1 
ATOM 74   N N   . ILE A 1 20 ? -32.553 0.251   6.390   1.00 141.19 ? 17 ILE A N   1 
ATOM 75   C CA  . ILE A 1 20 ? -31.321 0.859   5.871   1.00 142.72 ? 17 ILE A CA  1 
ATOM 76   C C   . ILE A 1 20 ? -31.581 1.888   4.759   1.00 143.14 ? 17 ILE A C   1 
ATOM 77   O O   . ILE A 1 20 ? -31.951 1.538   3.633   1.00 140.57 ? 17 ILE A O   1 
ATOM 78   C CB  . ILE A 1 20 ? -30.323 -0.209  5.339   1.00 138.83 ? 17 ILE A CB  1 
ATOM 79   C CG1 . ILE A 1 20 ? -29.944 -1.259  6.400   1.00 131.56 ? 17 ILE A CG1 1 
ATOM 80   C CG2 . ILE A 1 20 ? -29.065 0.466   4.813   1.00 137.43 ? 17 ILE A CG2 1 
ATOM 81   C CD1 . ILE A 1 20 ? -30.137 -0.871  7.849   1.00 129.46 ? 17 ILE A CD1 1 
ATOM 82   N N   . ALA A 1 21 ? -31.375 3.160   5.091   1.00 142.84 ? 18 ALA A N   1 
ATOM 83   C CA  . ALA A 1 21 ? -31.560 4.263   4.151   1.00 139.76 ? 18 ALA A CA  1 
ATOM 84   C C   . ALA A 1 21 ? -30.316 5.135   4.125   1.00 134.83 ? 18 ALA A C   1 
ATOM 85   O O   . ALA A 1 21 ? -30.377 6.322   3.790   1.00 126.97 ? 18 ALA A O   1 
ATOM 86   C CB  . ALA A 1 21 ? -32.785 5.094   4.533   1.00 137.37 ? 18 ALA A CB  1 
ATOM 87   N N   . GLU A 1 22 ? -29.187 4.544   4.498   1.00 136.93 ? 19 GLU A N   1 
ATOM 88   C CA  . GLU A 1 22 ? -27.937 5.280   4.509   1.00 137.51 ? 19 GLU A CA  1 
ATOM 89   C C   . GLU A 1 22 ? -27.166 5.051   3.217   1.00 138.13 ? 19 GLU A C   1 
ATOM 90   O O   . GLU A 1 22 ? -27.005 3.914   2.728   1.00 126.88 ? 19 GLU A O   1 
ATOM 91   C CB  . GLU A 1 22 ? -27.059 4.895   5.700   1.00 136.95 ? 19 GLU A CB  1 
ATOM 92   C CG  . GLU A 1 22 ? -26.979 3.405   5.914   1.00 136.58 ? 19 GLU A CG  1 
ATOM 93   C CD  . GLU A 1 22 ? -28.024 2.923   6.885   1.00 143.02 ? 19 GLU A CD  1 
ATOM 94   O OE1 . GLU A 1 22 ? -29.202 3.309   6.725   1.00 143.83 ? 19 GLU A OE1 1 
ATOM 95   O OE2 . GLU A 1 22 ? -27.675 2.135   7.788   1.00 147.24 ? 19 GLU A OE2 1 
ATOM 96   N N   . GLU A 1 23 ? -26.705 6.164   2.665   1.00 139.18 ? 20 GLU A N   1 
ATOM 97   C CA  . GLU A 1 23 ? -25.720 6.127   1.613   1.00 137.11 ? 20 GLU A CA  1 
ATOM 98   C C   . GLU A 1 23 ? -24.371 6.433   2.263   1.00 132.87 ? 20 GLU A C   1 
ATOM 99   O O   . GLU A 1 23 ? -23.967 7.586   2.433   1.00 123.70 ? 20 GLU A O   1 
ATOM 100  C CB  . GLU A 1 23 ? -26.069 7.102   0.481   1.00 132.33 ? 20 GLU A CB  1 
ATOM 101  C CG  . GLU A 1 23 ? -27.572 7.216   0.109   1.00 136.69 ? 20 GLU A CG  1 
ATOM 102  C CD  . GLU A 1 23 ? -28.369 5.894   0.057   1.00 143.69 ? 20 GLU A CD  1 
ATOM 103  O OE1 . GLU A 1 23 ? -27.800 4.784   0.178   1.00 137.99 ? 20 GLU A OE1 1 
ATOM 104  O OE2 . GLU A 1 23 ? -29.608 5.978   -0.107  1.00 140.23 ? 20 GLU A OE2 1 
ATOM 105  N N   . LEU A 1 24 ? -23.714 5.365   2.696   1.00 132.70 ? 21 LEU A N   1 
ATOM 106  C CA  . LEU A 1 24 ? -22.303 5.422   2.992   1.00 121.41 ? 21 LEU A CA  1 
ATOM 107  C C   . LEU A 1 24 ? -21.676 5.201   1.637   1.00 125.85 ? 21 LEU A C   1 
ATOM 108  O O   . LEU A 1 24 ? -20.460 5.289   1.498   1.00 124.91 ? 21 LEU A O   1 
ATOM 109  C CB  . LEU A 1 24 ? -21.870 4.284   3.901   1.00 119.17 ? 21 LEU A CB  1 
ATOM 110  C CG  . LEU A 1 24 ? -22.842 3.791   4.958   1.00 125.89 ? 21 LEU A CG  1 
ATOM 111  C CD1 . LEU A 1 24 ? -22.117 2.782   5.832   1.00 120.45 ? 21 LEU A CD1 1 
ATOM 112  C CD2 . LEU A 1 24 ? -23.417 4.941   5.766   1.00 128.56 ? 21 LEU A CD2 1 
ATOM 113  N N   . ARG A 1 25 ? -22.516 4.855   0.652   1.00 128.02 ? 22 ARG A N   1 
ATOM 114  C CA  . ARG A 1 25 ? -22.089 4.843   -0.739  1.00 129.15 ? 22 ARG A CA  1 
ATOM 115  C C   . ARG A 1 25 ? -21.541 6.235   -0.967  1.00 123.39 ? 22 ARG A C   1 
ATOM 116  O O   . ARG A 1 25 ? -20.446 6.398   -1.490  1.00 119.32 ? 22 ARG A O   1 
ATOM 117  C CB  . ARG A 1 25 ? -23.251 4.524   -1.733  1.00 134.90 ? 22 ARG A CB  1 
ATOM 118  C CG  . ARG A 1 25 ? -24.117 5.737   -2.296  1.00 133.95 ? 22 ARG A CG  1 
ATOM 119  C CD  . ARG A 1 25 ? -23.479 6.555   -3.486  1.00 129.96 ? 22 ARG A CD  1 
ATOM 120  N NE  . ARG A 1 25 ? -24.092 7.887   -3.670  1.00 122.13 ? 22 ARG A NE  1 
ATOM 121  C CZ  . ARG A 1 25 ? -23.564 8.898   -4.372  1.00 112.24 ? 22 ARG A CZ  1 
ATOM 122  N NH1 . ARG A 1 25 ? -22.399 8.767   -4.983  1.00 108.32 ? 22 ARG A NH1 1 
ATOM 123  N NH2 . ARG A 1 25 ? -24.215 10.055  -4.466  1.00 109.46 ? 22 ARG A NH2 1 
ATOM 124  N N   . THR A 1 26 ? -22.301 7.231   -0.534  1.00 116.82 ? 23 THR A N   1 
ATOM 125  C CA  . THR A 1 26 ? -22.049 8.591   -0.939  1.00 117.53 ? 23 THR A CA  1 
ATOM 126  C C   . THR A 1 26 ? -20.712 8.991   -0.354  1.00 116.60 ? 23 THR A C   1 
ATOM 127  O O   . THR A 1 26 ? -19.897 9.591   -1.042  1.00 114.46 ? 23 THR A O   1 
ATOM 128  C CB  . THR A 1 26 ? -23.214 9.527   -0.532  1.00 127.88 ? 23 THR A CB  1 
ATOM 129  O OG1 . THR A 1 26 ? -23.399 9.489   0.891   1.00 136.54 ? 23 THR A OG1 1 
ATOM 130  C CG2 . THR A 1 26 ? -24.520 9.161   -1.247  1.00 123.27 ? 23 THR A CG2 1 
ATOM 131  N N   . LEU A 1 27 ? -20.486 8.608   0.907   1.00 117.71 ? 24 LEU A N   1 
ATOM 132  C CA  . LEU A 1 27 ? -19.237 8.876   1.622   1.00 112.14 ? 24 LEU A CA  1 
ATOM 133  C C   . LEU A 1 27 ? -18.031 8.133   1.038   1.00 110.83 ? 24 LEU A C   1 
ATOM 134  O O   . LEU A 1 27 ? -16.966 8.732   0.831   1.00 109.65 ? 24 LEU A O   1 
ATOM 135  C CB  . LEU A 1 27 ? -19.394 8.550   3.113   1.00 113.33 ? 24 LEU A CB  1 
ATOM 136  C CG  . LEU A 1 27 ? -20.288 9.464   3.961   1.00 110.35 ? 24 LEU A CG  1 
ATOM 137  C CD1 . LEU A 1 27 ? -20.558 8.846   5.326   1.00 103.78 ? 24 LEU A CD1 1 
ATOM 138  C CD2 . LEU A 1 27 ? -19.648 10.822  4.126   1.00 108.28 ? 24 LEU A CD2 1 
ATOM 139  N N   . LEU A 1 28 ? -18.210 6.839   0.770   1.00 108.89 ? 25 LEU A N   1 
ATOM 140  C CA  . LEU A 1 28 ? -17.150 5.971   0.249   1.00 106.61 ? 25 LEU A CA  1 
ATOM 141  C C   . LEU A 1 28 ? -16.908 6.238   -1.223  1.00 101.86 ? 25 LEU A C   1 
ATOM 142  O O   . LEU A 1 28 ? -15.979 5.722   -1.823  1.00 101.99 ? 25 LEU A O   1 
ATOM 143  C CB  . LEU A 1 28 ? -17.508 4.501   0.466   1.00 106.47 ? 25 LEU A CB  1 
ATOM 144  C CG  . LEU A 1 28 ? -17.005 3.812   1.740   1.00 117.35 ? 25 LEU A CG  1 
ATOM 145  C CD1 . LEU A 1 28 ? -17.279 2.317   1.671   1.00 119.42 ? 25 LEU A CD1 1 
ATOM 146  C CD2 . LEU A 1 28 ? -15.515 4.056   1.930   1.00 119.87 ? 25 LEU A CD2 1 
ATOM 147  N N   . ASN A 1 29 ? -17.722 7.116   -1.775  1.00 102.68 ? 26 ASN A N   1 
ATOM 148  C CA  . ASN A 1 29 ? -17.643 7.518   -3.160  1.00 106.61 ? 26 ASN A CA  1 
ATOM 149  C C   . ASN A 1 29 ? -16.514 8.528   -3.261  1.00 104.49 ? 26 ASN A C   1 
ATOM 150  O O   . ASN A 1 29 ? -15.808 8.603   -4.262  1.00 105.52 ? 26 ASN A O   1 
ATOM 151  C CB  . ASN A 1 29 ? -18.962 8.213   -3.513  1.00 110.29 ? 26 ASN A CB  1 
ATOM 152  C CG  . ASN A 1 29 ? -19.227 8.267   -4.994  1.00 121.36 ? 26 ASN A CG  1 
ATOM 153  O OD1 . ASN A 1 29 ? -19.027 7.270   -5.705  1.00 130.32 ? 26 ASN A OD1 1 
ATOM 154  N ND2 . ASN A 1 29 ? -19.689 9.436   -5.478  1.00 117.70 ? 26 ASN A ND2 1 
ATOM 155  N N   . LYS A 1 30 ? -16.317 9.270   -2.173  1.00 106.09 ? 27 LYS A N   1 
ATOM 156  C CA  . LYS A 1 30 ? -15.305 10.313  -2.113  1.00 100.57 ? 27 LYS A CA  1 
ATOM 157  C C   . LYS A 1 30 ? -14.159 9.897   -1.226  1.00 97.18  ? 27 LYS A C   1 
ATOM 158  O O   . LYS A 1 30 ? -13.172 10.618  -1.085  1.00 99.65  ? 27 LYS A O   1 
ATOM 159  C CB  . LYS A 1 30 ? -15.924 11.606  -1.608  1.00 99.12  ? 27 LYS A CB  1 
ATOM 160  C CG  . LYS A 1 30 ? -17.210 11.418  -0.860  1.00 96.79  ? 27 LYS A CG  1 
ATOM 161  C CD  . LYS A 1 30 ? -18.008 12.709  -0.895  1.00 94.77  ? 27 LYS A CD  1 
ATOM 162  C CE  . LYS A 1 30 ? -19.345 12.518  -1.607  1.00 102.11 ? 27 LYS A CE  1 
ATOM 163  N NZ  . LYS A 1 30 ? -20.049 13.788  -1.940  1.00 103.69 ? 27 LYS A NZ  1 
ATOM 164  N N   . SER A 1 31 ? -14.268 8.684   -0.700  1.00 99.83  ? 28 SER A N   1 
ATOM 165  C CA  . SER A 1 31 ? -13.258 8.117   0.178   1.00 103.48 ? 28 SER A CA  1 
ATOM 166  C C   . SER A 1 31 ? -11.877 8.063   -0.466  1.00 99.99  ? 28 SER A C   1 
ATOM 167  O O   . SER A 1 31 ? -10.867 7.884   0.217   1.00 100.83 ? 28 SER A O   1 
ATOM 168  C CB  . SER A 1 31 ? -13.692 6.717   0.618   1.00 106.77 ? 28 SER A CB  1 
ATOM 169  O OG  . SER A 1 31 ? -12.720 6.102   1.438   1.00 119.66 ? 28 SER A OG  1 
ATOM 170  N N   . ASN A 1 32 ? -11.831 8.276   -1.771  1.00 106.22 ? 29 ASN A N   1 
ATOM 171  C CA  . ASN A 1 32 ? -10.593 8.131   -2.510  1.00 107.37 ? 29 ASN A CA  1 
ATOM 172  C C   . ASN A 1 32 ? -10.006 9.475   -2.869  1.00 95.65  ? 29 ASN A C   1 
ATOM 173  O O   . ASN A 1 32 ? -8.801  9.587   -3.088  1.00 92.82  ? 29 ASN A O   1 
ATOM 174  C CB  . ASN A 1 32 ? -10.857 7.361   -3.804  1.00 102.91 ? 29 ASN A CB  1 
ATOM 175  C CG  . ASN A 1 32 ? -10.518 5.915   -3.686  1.00 99.52  ? 29 ASN A CG  1 
ATOM 176  O OD1 . ASN A 1 32 ? -9.914  5.475   -2.701  1.00 97.28  ? 29 ASN A OD1 1 
ATOM 177  N ND2 . ASN A 1 32 ? -10.833 5.164   -4.728  1.00 102.50 ? 29 ASN A ND2 1 
ATOM 178  N N   . VAL A 1 33 ? -10.882 10.476  -2.937  1.00 94.04  ? 30 VAL A N   1 
ATOM 179  C CA  . VAL A 1 33 ? -10.514 11.848  -3.260  1.00 97.36  ? 30 VAL A CA  1 
ATOM 180  C C   . VAL A 1 33 ? -9.963  12.425  -1.971  1.00 97.03  ? 30 VAL A C   1 
ATOM 181  O O   . VAL A 1 33 ? -8.980  13.174  -1.960  1.00 95.34  ? 30 VAL A O   1 
ATOM 182  C CB  . VAL A 1 33 ? -11.755 12.663  -3.770  1.00 101.01 ? 30 VAL A CB  1 
ATOM 183  C CG1 . VAL A 1 33 ? -11.655 14.163  -3.440  1.00 89.61  ? 30 VAL A CG1 1 
ATOM 184  C CG2 . VAL A 1 33 ? -11.989 12.417  -5.284  1.00 90.54  ? 30 VAL A CG2 1 
ATOM 185  N N   . TYR A 1 34 ? -10.566 12.006  -0.867  1.00 96.39  ? 31 TYR A N   1 
ATOM 186  C CA  . TYR A 1 34 ? -10.137 12.482  0.434   1.00 96.39  ? 31 TYR A CA  1 
ATOM 187  C C   . TYR A 1 34 ? -8.803  11.829  0.769   1.00 96.87  ? 31 TYR A C   1 
ATOM 188  O O   . TYR A 1 34 ? -7.928  12.462  1.412   1.00 96.50  ? 31 TYR A O   1 
ATOM 189  C CB  . TYR A 1 34 ? -11.197 12.162  1.497   1.00 100.96 ? 31 TYR A CB  1 
ATOM 190  C CG  . TYR A 1 34 ? -12.225 13.267  1.691   1.00 106.93 ? 31 TYR A CG  1 
ATOM 191  C CD1 . TYR A 1 34 ? -13.408 13.307  0.926   1.00 105.87 ? 31 TYR A CD1 1 
ATOM 192  C CD2 . TYR A 1 34 ? -12.010 14.282  2.632   1.00 101.32 ? 31 TYR A CD2 1 
ATOM 193  C CE1 . TYR A 1 34 ? -14.349 14.327  1.101   1.00 104.20 ? 31 TYR A CE1 1 
ATOM 194  C CE2 . TYR A 1 34 ? -12.940 15.303  2.815   1.00 100.82 ? 31 TYR A CE2 1 
ATOM 195  C CZ  . TYR A 1 34 ? -14.102 15.318  2.055   1.00 104.66 ? 31 TYR A CZ  1 
ATOM 196  O OH  . TYR A 1 34 ? -15.005 16.328  2.256   1.00 99.74  ? 31 TYR A OH  1 
ATOM 197  N N   . ALA A 1 35 ? -8.648  10.572  0.335   1.00 93.71  ? 32 ALA A N   1 
ATOM 198  C CA  . ALA A 1 35 ? -7.378  9.861   0.482   1.00 91.09  ? 32 ALA A CA  1 
ATOM 199  C C   . ALA A 1 35 ? -6.263  10.609  -0.254  1.00 88.98  ? 32 ALA A C   1 
ATOM 200  O O   . ALA A 1 35 ? -5.149  10.790  0.260   1.00 83.75  ? 32 ALA A O   1 
ATOM 201  C CB  . ALA A 1 35 ? -7.494  8.429   -0.002  1.00 89.52  ? 32 ALA A CB  1 
ATOM 202  N N   . LEU A 1 36 ? -6.583  11.046  -1.466  1.00 90.17  ? 33 LEU A N   1 
ATOM 203  C CA  . LEU A 1 36 ? -5.653  11.821  -2.271  1.00 94.94  ? 33 LEU A CA  1 
ATOM 204  C C   . LEU A 1 36 ? -5.238  13.096  -1.584  1.00 91.71  ? 33 LEU A C   1 
ATOM 205  O O   . LEU A 1 36 ? -4.053  13.398  -1.537  1.00 91.89  ? 33 LEU A O   1 
ATOM 206  C CB  . LEU A 1 36 ? -6.219  12.142  -3.652  1.00 95.25  ? 33 LEU A CB  1 
ATOM 207  C CG  . LEU A 1 36 ? -6.462  10.949  -4.562  1.00 91.07  ? 33 LEU A CG  1 
ATOM 208  C CD1 . LEU A 1 36 ? -7.159  11.374  -5.839  1.00 101.97 ? 33 LEU A CD1 1 
ATOM 209  C CD2 . LEU A 1 36 ? -5.146  10.326  -4.877  1.00 85.64  ? 33 LEU A CD2 1 
ATOM 210  N N   . ALA A 1 37 ? -6.216  13.847  -1.079  1.00 94.09  ? 34 ALA A N   1 
ATOM 211  C CA  . ALA A 1 37 ? -5.933  15.106  -0.386  1.00 89.71  ? 34 ALA A CA  1 
ATOM 212  C C   . ALA A 1 37 ? -5.221  15.034  0.987   1.00 88.04  ? 34 ALA A C   1 
ATOM 213  O O   . ALA A 1 37 ? -4.531  15.972  1.387   1.00 95.11  ? 34 ALA A O   1 
ATOM 214  C CB  . ALA A 1 37 ? -7.228  15.855  -0.097  1.00 85.95  ? 34 ALA A CB  1 
ATOM 215  N N   . ALA A 1 38 ? -5.360  13.925  1.702   1.00 84.18  ? 35 ALA A N   1 
ATOM 216  C CA  . ALA A 1 38 ? -4.542  13.688  2.900   1.00 93.42  ? 35 ALA A CA  1 
ATOM 217  C C   . ALA A 1 38 ? -3.047  13.420  2.624   1.00 92.71  ? 35 ALA A C   1 
ATOM 218  O O   . ALA A 1 38 ? -2.234  13.322  3.566   1.00 97.99  ? 35 ALA A O   1 
ATOM 219  C CB  . ALA A 1 38 ? -5.225  12.685  3.827   1.00 100.03 ? 35 ALA A CB  1 
ATOM 220  N N   . GLY A 1 39 ? -2.707  13.264  1.345   1.00 88.91  ? 36 GLY A N   1 
ATOM 221  C CA  . GLY A 1 39 ? -1.366  12.898  0.910   1.00 93.04  ? 36 GLY A CA  1 
ATOM 222  C C   . GLY A 1 39 ? -0.376  14.041  1.076   1.00 101.38 ? 36 GLY A C   1 
ATOM 223  O O   . GLY A 1 39 ? 0.794   13.917  0.705   1.00 101.93 ? 36 GLY A O   1 
ATOM 224  N N   . SER A 1 40 ? -0.857  15.161  1.626   1.00 103.31 ? 37 SER A N   1 
ATOM 225  C CA  . SER A 1 40 ? -0.005  16.287  2.002   1.00 94.56  ? 37 SER A CA  1 
ATOM 226  C C   . SER A 1 40 ? -0.042  16.413  3.503   1.00 98.94  ? 37 SER A C   1 
ATOM 227  O O   . SER A 1 40 ? 0.347   17.450  4.063   1.00 105.38 ? 37 SER A O   1 
ATOM 228  C CB  . SER A 1 40 ? -0.526  17.599  1.419   1.00 91.29  ? 37 SER A CB  1 
ATOM 229  O OG  . SER A 1 40 ? -0.893  17.469  0.071   1.00 101.87 ? 37 SER A OG  1 
ATOM 230  N N   . LEU A 1 41 ? -0.484  15.353  4.171   1.00 94.43  ? 38 LEU A N   1 
ATOM 231  C CA  . LEU A 1 41 ? -0.714  15.448  5.600   1.00 90.53  ? 38 LEU A CA  1 
ATOM 232  C C   . LEU A 1 41 ? 0.046   14.340  6.291   1.00 97.18  ? 38 LEU A C   1 
ATOM 233  O O   . LEU A 1 41 ? 0.749   13.556  5.636   1.00 106.86 ? 38 LEU A O   1 
ATOM 234  C CB  . LEU A 1 41 ? -2.212  15.402  5.914   1.00 84.19  ? 38 LEU A CB  1 
ATOM 235  C CG  . LEU A 1 41 ? -3.040  16.472  5.186   1.00 89.37  ? 38 LEU A CG  1 
ATOM 236  C CD1 . LEU A 1 41 ? -4.532  16.350  5.476   1.00 92.85  ? 38 LEU A CD1 1 
ATOM 237  C CD2 . LEU A 1 41 ? -2.556  17.915  5.496   1.00 91.75  ? 38 LEU A CD2 1 
ATOM 238  N N   . ASN A 1 42 ? -0.033  14.311  7.612   1.00 93.27  ? 39 ASN A N   1 
ATOM 239  C CA  . ASN A 1 42 ? 0.521   13.202  8.344   1.00 100.72 ? 39 ASN A CA  1 
ATOM 240  C C   . ASN A 1 42 ? -0.100  11.930  7.815   1.00 109.21 ? 39 ASN A C   1 
ATOM 241  O O   . ASN A 1 42 ? -1.307  11.906  7.533   1.00 108.72 ? 39 ASN A O   1 
ATOM 242  C CB  . ASN A 1 42 ? 0.179   13.319  9.823   1.00 104.63 ? 39 ASN A CB  1 
ATOM 243  C CG  . ASN A 1 42 ? 0.869   12.258  10.652  1.00 117.29 ? 39 ASN A CG  1 
ATOM 244  O OD1 . ASN A 1 42 ? 0.348   11.153  10.836  1.00 117.64 ? 39 ASN A OD1 1 
ATOM 245  N ND2 . ASN A 1 42 ? 2.044   12.590  11.169  1.00 125.62 ? 39 ASN A ND2 1 
ATOM 246  N N   . PRO A 1 43 ? 0.708   10.863  7.690   1.00 111.20 ? 40 PRO A N   1 
ATOM 247  C CA  . PRO A 1 43 ? 0.205   9.524   7.354   1.00 118.04 ? 40 PRO A CA  1 
ATOM 248  C C   . PRO A 1 43 ? -1.024  9.060   8.159   1.00 113.73 ? 40 PRO A C   1 
ATOM 249  O O   . PRO A 1 43 ? -1.807  8.268   7.624   1.00 113.21 ? 40 PRO A O   1 
ATOM 250  C CB  . PRO A 1 43 ? 1.426   8.642   7.604   1.00 122.06 ? 40 PRO A CB  1 
ATOM 251  C CG  . PRO A 1 43 ? 2.557   9.508   7.115   1.00 118.63 ? 40 PRO A CG  1 
ATOM 252  C CD  . PRO A 1 43 ? 2.161   10.958  7.458   1.00 109.07 ? 40 PRO A CD  1 
ATOM 253  N N   . TYR A 1 44 ? -1.188  9.540   9.393   1.00 107.19 ? 41 TYR A N   1 
ATOM 254  C CA  . TYR A 1 44 ? -2.407  9.304   10.175  1.00 103.56 ? 41 TYR A CA  1 
ATOM 255  C C   . TYR A 1 44 ? -3.724  9.435   9.377   1.00 107.16 ? 41 TYR A C   1 
ATOM 256  O O   . TYR A 1 44 ? -4.617  8.585   9.495   1.00 110.16 ? 41 TYR A O   1 
ATOM 257  C CB  . TYR A 1 44 ? -2.462  10.230  11.398  1.00 95.01  ? 41 TYR A CB  1 
ATOM 258  C CG  . TYR A 1 44 ? -3.824  10.260  12.069  1.00 94.05  ? 41 TYR A CG  1 
ATOM 259  C CD1 . TYR A 1 44 ? -4.157  9.352   13.079  1.00 89.72  ? 41 TYR A CD1 1 
ATOM 260  C CD2 . TYR A 1 44 ? -4.791  11.204  11.695  1.00 98.88  ? 41 TYR A CD2 1 
ATOM 261  C CE1 . TYR A 1 44 ? -5.421  9.388   13.699  1.00 83.94  ? 41 TYR A CE1 1 
ATOM 262  C CE2 . TYR A 1 44 ? -6.053  11.246  12.306  1.00 93.76  ? 41 TYR A CE2 1 
ATOM 263  C CZ  . TYR A 1 44 ? -6.358  10.343  13.304  1.00 84.40  ? 41 TYR A CZ  1 
ATOM 264  O OH  . TYR A 1 44 ? -7.600  10.403  13.886  1.00 80.81  ? 41 TYR A OH  1 
ATOM 265  N N   . TYR A 1 45 ? -3.851  10.491  8.577   1.00 105.86 ? 42 TYR A N   1 
ATOM 266  C CA  . TYR A 1 45 ? -5.128  10.783  7.917   1.00 103.70 ? 42 TYR A CA  1 
ATOM 267  C C   . TYR A 1 45 ? -5.481  9.769   6.831   1.00 106.66 ? 42 TYR A C   1 
ATOM 268  O O   . TYR A 1 45 ? -6.580  9.199   6.840   1.00 110.77 ? 42 TYR A O   1 
ATOM 269  C CB  . TYR A 1 45 ? -5.169  12.235  7.395   1.00 101.37 ? 42 TYR A CB  1 
ATOM 270  C CG  . TYR A 1 45 ? -5.085  13.256  8.521   1.00 100.02 ? 42 TYR A CG  1 
ATOM 271  C CD1 . TYR A 1 45 ? -6.229  13.640  9.209   1.00 99.25  ? 42 TYR A CD1 1 
ATOM 272  C CD2 . TYR A 1 45 ? -3.866  13.812  8.904   1.00 100.35 ? 42 TYR A CD2 1 
ATOM 273  C CE1 . TYR A 1 45 ? -6.171  14.532  10.234  1.00 94.94  ? 42 TYR A CE1 1 
ATOM 274  C CE2 . TYR A 1 45 ? -3.798  14.723  9.943   1.00 102.92 ? 42 TYR A CE2 1 
ATOM 275  C CZ  . TYR A 1 45 ? -4.963  15.076  10.603  1.00 96.61  ? 42 TYR A CZ  1 
ATOM 276  O OH  . TYR A 1 45 ? -4.953  15.979  11.634  1.00 92.17  ? 42 TYR A OH  1 
ATOM 277  N N   . LYS A 1 46 ? -4.531  9.504   5.934   1.00 107.68 ? 43 LYS A N   1 
ATOM 278  C CA  . LYS A 1 46 ? -4.719  8.474   4.922   1.00 107.71 ? 43 LYS A CA  1 
ATOM 279  C C   . LYS A 1 46 ? -4.959  7.145   5.618   1.00 110.32 ? 43 LYS A C   1 
ATOM 280  O O   . LYS A 1 46 ? -5.971  6.512   5.369   1.00 112.47 ? 43 LYS A O   1 
ATOM 281  C CB  . LYS A 1 46 ? -3.496  8.336   4.010   1.00 110.54 ? 43 LYS A CB  1 
ATOM 282  C CG  . LYS A 1 46 ? -3.652  7.325   2.880   1.00 116.87 ? 43 LYS A CG  1 
ATOM 283  C CD  . LYS A 1 46 ? -2.420  7.263   1.973   1.00 116.60 ? 43 LYS A CD  1 
ATOM 284  C CE  . LYS A 1 46 ? -2.603  6.218   0.864   1.00 127.65 ? 43 LYS A CE  1 
ATOM 285  N NZ  . LYS A 1 46 ? -1.412  6.118   -0.062  1.00 121.41 ? 43 LYS A NZ  1 
ATOM 286  N N   . ARG A 1 47 ? -4.045  6.744   6.505   1.00 111.39 ? 44 ARG A N   1 
ATOM 287  C CA  . ARG A 1 47 ? -4.163  5.478   7.238   1.00 114.01 ? 44 ARG A CA  1 
ATOM 288  C C   . ARG A 1 47 ? -5.550  5.276   7.858   1.00 114.89 ? 44 ARG A C   1 
ATOM 289  O O   . ARG A 1 47 ? -6.081  4.159   7.885   1.00 123.88 ? 44 ARG A O   1 
ATOM 290  C CB  . ARG A 1 47 ? -3.070  5.392   8.305   1.00 111.89 ? 44 ARG A CB  1 
ATOM 291  C CG  . ARG A 1 47 ? -3.218  4.254   9.301   1.00 118.01 ? 44 ARG A CG  1 
ATOM 292  C CD  . ARG A 1 47 ? -1.855  3.793   9.825   1.00 124.21 ? 44 ARG A CD  1 
ATOM 293  N NE  . ARG A 1 47 ? -0.956  4.898   10.183  1.00 131.78 ? 44 ARG A NE  1 
ATOM 294  C CZ  . ARG A 1 47 ? -1.070  5.665   11.272  1.00 130.80 ? 44 ARG A CZ  1 
ATOM 295  N NH1 . ARG A 1 47 ? -2.057  5.466   12.143  1.00 126.19 ? 44 ARG A NH1 1 
ATOM 296  N NH2 . ARG A 1 47 ? -0.188  6.637   11.494  1.00 122.30 ? 44 ARG A NH2 1 
ATOM 297  N N   . THR A 1 48 ? -6.164  6.375   8.274   1.00 110.69 ? 45 THR A N   1 
ATOM 298  C CA  . THR A 1 48 ? -7.434  6.338   8.994   1.00 115.99 ? 45 THR A CA  1 
ATOM 299  C C   . THR A 1 48 ? -8.592  6.260   7.983   1.00 117.01 ? 45 THR A C   1 
ATOM 300  O O   . THR A 1 48 ? -9.674  5.758   8.298   1.00 114.69 ? 45 THR A O   1 
ATOM 301  C CB  . THR A 1 48 ? -7.541  7.596   9.935   1.00 104.76 ? 45 THR A CB  1 
ATOM 302  O OG1 . THR A 1 48 ? -6.595  7.470   11.007  1.00 95.45  ? 45 THR A OG1 1 
ATOM 303  C CG2 . THR A 1 48 ? -8.950  7.815   10.499  1.00 102.25 ? 45 THR A CG2 1 
ATOM 304  N N   . ILE A 1 49 ? -8.341  6.699   6.749   1.00 115.13 ? 46 ILE A N   1 
ATOM 305  C CA  . ILE A 1 49 ? -9.279  6.417   5.657   1.00 117.34 ? 46 ILE A CA  1 
ATOM 306  C C   . ILE A 1 49 ? -9.174  4.962   5.183   1.00 120.81 ? 46 ILE A C   1 
ATOM 307  O O   . ILE A 1 49 ? -10.192 4.280   5.023   1.00 126.07 ? 46 ILE A O   1 
ATOM 308  C CB  . ILE A 1 49 ? -9.045  7.331   4.427   1.00 111.70 ? 46 ILE A CB  1 
ATOM 309  C CG1 . ILE A 1 49 ? -9.364  8.793   4.779   1.00 103.72 ? 46 ILE A CG1 1 
ATOM 310  C CG2 . ILE A 1 49 ? -9.859  6.821   3.242   1.00 111.05 ? 46 ILE A CG2 1 
ATOM 311  C CD1 . ILE A 1 49 ? -8.949  9.851   3.780   1.00 94.73  ? 46 ILE A CD1 1 
ATOM 312  N N   . MET A 1 50 ? -7.947  4.509   4.929   1.00 118.16 ? 47 MET A N   1 
ATOM 313  C CA  . MET A 1 50 ? -7.664  3.123   4.584   1.00 117.57 ? 47 MET A CA  1 
ATOM 314  C C   . MET A 1 50 ? -8.343  2.156   5.545   1.00 120.17 ? 47 MET A C   1 
ATOM 315  O O   . MET A 1 50 ? -8.893  1.140   5.111   1.00 127.83 ? 47 MET A O   1 
ATOM 316  C CB  . MET A 1 50 ? -6.150  2.865   4.566   1.00 118.48 ? 47 MET A CB  1 
ATOM 317  C CG  . MET A 1 50 ? -5.322  3.936   3.846   1.00 122.21 ? 47 MET A CG  1 
ATOM 318  S SD  . MET A 1 50 ? -4.840  3.562   2.151   1.00 139.98 ? 47 MET A SD  1 
ATOM 319  C CE  . MET A 1 50 ? -6.318  4.021   1.235   1.00 127.33 ? 47 MET A CE  1 
ATOM 320  N N   . MET A 1 51 ? -8.341  2.473   6.843   1.00 121.16 ? 48 MET A N   1 
ATOM 321  C CA  . MET A 1 51 ? -8.905  1.516   7.814   1.00 126.67 ? 48 MET A CA  1 
ATOM 322  C C   . MET A 1 51 ? -10.359 1.771   8.243   1.00 127.56 ? 48 MET A C   1 
ATOM 323  O O   . MET A 1 51 ? -10.847 1.185   9.206   1.00 132.44 ? 48 MET A O   1 
ATOM 324  C CB  . MET A 1 51 ? -7.988  1.332   9.036   1.00 131.63 ? 48 MET A CB  1 
ATOM 325  C CG  . MET A 1 51 ? -7.836  2.558   9.913   1.00 135.02 ? 48 MET A CG  1 
ATOM 326  S SD  . MET A 1 51 ? -6.542  2.347   11.159  1.00 154.34 ? 48 MET A SD  1 
ATOM 327  C CE  . MET A 1 51 ? -6.696  3.877   12.088  1.00 136.50 ? 48 MET A CE  1 
ATOM 328  N N   . ASN A 1 52 ? -11.050 2.630   7.504   1.00 126.55 ? 49 ASN A N   1 
ATOM 329  C CA  . ASN A 1 52 ? -12.451 2.933   7.754   1.00 123.04 ? 49 ASN A CA  1 
ATOM 330  C C   . ASN A 1 52 ? -13.226 2.492   6.538   1.00 121.98 ? 49 ASN A C   1 
ATOM 331  O O   . ASN A 1 52 ? -14.415 2.157   6.632   1.00 126.07 ? 49 ASN A O   1 
ATOM 332  C CB  . ASN A 1 52 ? -12.650 4.441   7.949   1.00 122.93 ? 49 ASN A CB  1 
ATOM 333  C CG  . ASN A 1 52 ? -12.840 4.831   9.412   1.00 124.81 ? 49 ASN A CG  1 
ATOM 334  O OD1 . ASN A 1 52 ? -13.742 4.314   10.078  1.00 125.05 ? 49 ASN A OD1 1 
ATOM 335  N ND2 . ASN A 1 52 ? -12.017 5.771   9.906   1.00 117.64 ? 49 ASN A ND2 1 
ATOM 336  N N   . GLU A 1 53 ? -12.530 2.501   5.398   1.00 122.77 ? 50 GLU A N   1 
ATOM 337  C CA  . GLU A 1 53 ? -13.041 1.937   4.153   1.00 121.81 ? 50 GLU A CA  1 
ATOM 338  C C   . GLU A 1 53 ? -13.331 0.452   4.357   1.00 124.31 ? 50 GLU A C   1 
ATOM 339  O O   . GLU A 1 53 ? -14.405 -0.033  4.012   1.00 124.24 ? 50 GLU A O   1 
ATOM 340  C CB  . GLU A 1 53 ? -12.012 2.105   3.033   1.00 119.97 ? 50 GLU A CB  1 
ATOM 341  C CG  . GLU A 1 53 ? -11.893 3.514   2.472   1.00 122.83 ? 50 GLU A CG  1 
ATOM 342  C CD  . GLU A 1 53 ? -10.973 3.590   1.251   1.00 129.72 ? 50 GLU A CD  1 
ATOM 343  O OE1 . GLU A 1 53 ? -11.151 2.760   0.325   1.00 137.99 ? 50 GLU A OE1 1 
ATOM 344  O OE2 . GLU A 1 53 ? -10.088 4.486   1.204   1.00 126.39 ? 50 GLU A OE2 1 
ATOM 345  N N   . TYR A 1 54 ? -12.367 -0.248  4.943   1.00 127.28 ? 51 TYR A N   1 
ATOM 346  C CA  . TYR A 1 54 ? -12.499 -1.654  5.281   1.00 127.13 ? 51 TYR A CA  1 
ATOM 347  C C   . TYR A 1 54 ? -13.761 -2.018  6.072   1.00 130.98 ? 51 TYR A C   1 
ATOM 348  O O   . TYR A 1 54 ? -14.606 -2.802  5.592   1.00 135.59 ? 51 TYR A O   1 
ATOM 349  C CB  . TYR A 1 54 ? -11.278 -2.126  6.085   1.00 131.60 ? 51 TYR A CB  1 
ATOM 350  C CG  . TYR A 1 54 ? -11.400 -3.558  6.556   1.00 147.37 ? 51 TYR A CG  1 
ATOM 351  C CD1 . TYR A 1 54 ? -11.175 -4.624  5.680   1.00 147.88 ? 51 TYR A CD1 1 
ATOM 352  C CD2 . TYR A 1 54 ? -11.761 -3.853  7.875   1.00 150.75 ? 51 TYR A CD2 1 
ATOM 353  C CE1 . TYR A 1 54 ? -11.301 -5.945  6.102   1.00 151.29 ? 51 TYR A CE1 1 
ATOM 354  C CE2 . TYR A 1 54 ? -11.890 -5.171  8.306   1.00 152.49 ? 51 TYR A CE2 1 
ATOM 355  C CZ  . TYR A 1 54 ? -11.659 -6.214  7.417   1.00 155.05 ? 51 TYR A CZ  1 
ATOM 356  O OH  . TYR A 1 54 ? -11.784 -7.524  7.843   1.00 151.06 ? 51 TYR A OH  1 
ATOM 357  N N   . ARG A 1 55 ? -13.866 -1.480  7.287   1.00 133.31 ? 52 ARG A N   1 
ATOM 358  C CA  . ARG A 1 55 ? -15.082 -1.553  8.106   1.00 134.30 ? 52 ARG A CA  1 
ATOM 359  C C   . ARG A 1 55 ? -16.370 -1.254  7.339   1.00 131.66 ? 52 ARG A C   1 
ATOM 360  O O   . ARG A 1 55 ? -17.304 -2.061  7.355   1.00 129.28 ? 52 ARG A O   1 
ATOM 361  C CB  . ARG A 1 55 ? -14.980 -0.652  9.331   1.00 126.84 ? 52 ARG A CB  1 
ATOM 362  C CG  . ARG A 1 55 ? -13.697 -0.815  10.097  1.00 130.10 ? 52 ARG A CG  1 
ATOM 363  C CD  . ARG A 1 55 ? -13.889 -0.379  11.528  1.00 141.63 ? 52 ARG A CD  1 
ATOM 364  N NE  . ARG A 1 55 ? -12.782 -0.781  12.392  1.00 151.95 ? 52 ARG A NE  1 
ATOM 365  C CZ  . ARG A 1 55 ? -11.907 0.075   12.920  1.00 153.77 ? 52 ARG A CZ  1 
ATOM 366  N NH1 . ARG A 1 55 ? -12.009 1.373   12.657  1.00 148.68 ? 52 ARG A NH1 1 
ATOM 367  N NH2 . ARG A 1 55 ? -10.930 -0.364  13.704  1.00 153.22 ? 52 ARG A NH2 1 
ATOM 368  N N   . ALA A 1 56 ? -16.417 -0.109  6.657   1.00 130.37 ? 53 ALA A N   1 
ATOM 369  C CA  . ALA A 1 56 ? -17.624 0.251   5.913   1.00 131.58 ? 53 ALA A CA  1 
ATOM 370  C C   . ALA A 1 56 ? -18.025 -0.825  4.889   1.00 134.44 ? 53 ALA A C   1 
ATOM 371  O O   . ALA A 1 56 ? -19.202 -1.204  4.818   1.00 139.15 ? 53 ALA A O   1 
ATOM 372  C CB  . ALA A 1 56 ? -17.458 1.606   5.235   1.00 130.78 ? 53 ALA A CB  1 
ATOM 373  N N   . LYS A 1 57 ? -17.055 -1.323  4.115   1.00 135.93 ? 54 LYS A N   1 
ATOM 374  C CA  . LYS A 1 57 ? -17.323 -2.352  3.091   1.00 133.00 ? 54 LYS A CA  1 
ATOM 375  C C   . LYS A 1 57 ? -17.835 -3.683  3.663   1.00 132.73 ? 54 LYS A C   1 
ATOM 376  O O   . LYS A 1 57 ? -18.861 -4.229  3.198   1.00 127.98 ? 54 LYS A O   1 
ATOM 377  C CB  . LYS A 1 57 ? -16.083 -2.571  2.208   1.00 129.36 ? 54 LYS A CB  1 
ATOM 378  C CG  . LYS A 1 57 ? -15.749 -1.362  1.329   1.00 131.36 ? 54 LYS A CG  1 
ATOM 379  C CD  . LYS A 1 57 ? -14.431 -1.505  0.578   1.00 126.64 ? 54 LYS A CD  1 
ATOM 380  C CE  . LYS A 1 57 ? -14.142 -0.246  -0.232  1.00 126.18 ? 54 LYS A CE  1 
ATOM 381  N NZ  . LYS A 1 57 ? -12.778 -0.235  -0.840  1.00 120.69 ? 54 LYS A NZ  1 
ATOM 382  N N   . ALA A 1 58 ? -17.146 -4.189  4.686   1.00 135.08 ? 55 ALA A N   1 
ATOM 383  C CA  . ALA A 1 58 ? -17.592 -5.433  5.308   1.00 133.91 ? 55 ALA A CA  1 
ATOM 384  C C   . ALA A 1 58 ? -19.008 -5.225  5.832   1.00 138.28 ? 55 ALA A C   1 
ATOM 385  O O   . ALA A 1 58 ? -19.904 -6.023  5.558   1.00 136.96 ? 55 ALA A O   1 
ATOM 386  C CB  . ALA A 1 58 ? -16.663 -5.832  6.439   1.00 131.72 ? 55 ALA A CB  1 
ATOM 387  N N   . ALA A 1 59 ? -19.200 -4.106  6.528   1.00 140.10 ? 56 ALA A N   1 
ATOM 388  C CA  . ALA A 1 59 ? -20.482 -3.756  7.138   1.00 136.38 ? 56 ALA A CA  1 
ATOM 389  C C   . ALA A 1 59 ? -21.632 -3.698  6.140   1.00 137.04 ? 56 ALA A C   1 
ATOM 390  O O   . ALA A 1 59 ? -22.751 -4.086  6.473   1.00 138.54 ? 56 ALA A O   1 
ATOM 391  C CB  . ALA A 1 59 ? -20.370 -2.432  7.871   1.00 131.23 ? 56 ALA A CB  1 
ATOM 392  N N   . LEU A 1 60 ? -21.373 -3.180  4.935   1.00 137.29 ? 57 LEU A N   1 
ATOM 393  C CA  . LEU A 1 60 ? -22.378 -3.213  3.861   1.00 139.78 ? 57 LEU A CA  1 
ATOM 394  C C   . LEU A 1 60 ? -22.671 -4.625  3.377   1.00 139.14 ? 57 LEU A C   1 
ATOM 395  O O   . LEU A 1 60 ? -23.816 -4.956  3.027   1.00 131.78 ? 57 LEU A O   1 
ATOM 396  C CB  . LEU A 1 60 ? -21.988 -2.352  2.652   1.00 136.01 ? 57 LEU A CB  1 
ATOM 397  C CG  . LEU A 1 60 ? -22.261 -0.852  2.687   1.00 133.59 ? 57 LEU A CG  1 
ATOM 398  C CD1 . LEU A 1 60 ? -22.485 -0.366  1.257   1.00 127.20 ? 57 LEU A CD1 1 
ATOM 399  C CD2 . LEU A 1 60 ? -23.452 -0.522  3.579   1.00 126.74 ? 57 LEU A CD2 1 
ATOM 400  N N   . LYS A 1 61 ? -21.617 -5.438  3.330   1.00 141.17 ? 58 LYS A N   1 
ATOM 401  C CA  . LYS A 1 61 ? -21.742 -6.824  2.893   1.00 141.03 ? 58 LYS A CA  1 
ATOM 402  C C   . LYS A 1 61 ? -22.553 -7.717  3.847   1.00 145.39 ? 58 LYS A C   1 
ATOM 403  O O   . LYS A 1 61 ? -23.367 -8.517  3.388   1.00 150.06 ? 58 LYS A O   1 
ATOM 404  C CB  . LYS A 1 61 ? -20.362 -7.414  2.589   1.00 138.70 ? 58 LYS A CB  1 
ATOM 405  C CG  . LYS A 1 61 ? -20.400 -8.543  1.596   1.00 140.17 ? 58 LYS A CG  1 
ATOM 406  C CD  . LYS A 1 61 ? -19.089 -8.687  0.860   1.00 133.44 ? 58 LYS A CD  1 
ATOM 407  C CE  . LYS A 1 61 ? -18.915 -7.553  -0.128  1.00 126.55 ? 58 LYS A CE  1 
ATOM 408  N NZ  . LYS A 1 61 ? -17.916 -7.921  -1.167  1.00 125.77 ? 58 LYS A NZ  1 
ATOM 409  N N   . LYS A 1 62 ? -22.343 -7.584  5.156   1.00 140.87 ? 59 LYS A N   1 
ATOM 410  C CA  . LYS A 1 62 ? -23.136 -8.359  6.120   1.00 140.27 ? 59 LYS A CA  1 
ATOM 411  C C   . LYS A 1 62 ? -24.440 -7.660  6.527   1.00 138.84 ? 59 LYS A C   1 
ATOM 412  O O   . LYS A 1 62 ? -25.200 -8.178  7.348   1.00 139.82 ? 59 LYS A O   1 
ATOM 413  C CB  . LYS A 1 62 ? -22.316 -8.727  7.369   1.00 139.52 ? 59 LYS A CB  1 
ATOM 414  C CG  . LYS A 1 62 ? -21.175 -9.703  7.134   1.00 150.17 ? 59 LYS A CG  1 
ATOM 415  C CD  . LYS A 1 62 ? -20.402 -9.991  8.427   1.00 155.88 ? 59 LYS A CD  1 
ATOM 416  C CE  . LYS A 1 62 ? -19.264 -10.991 8.208   1.00 154.95 ? 59 LYS A CE  1 
ATOM 417  N NZ  . LYS A 1 62 ? -18.483 -11.269 9.453   1.00 156.20 ? 59 LYS A NZ  1 
ATOM 418  N N   . ASN A 1 63 ? -24.666 -6.480  5.946   1.00 138.09 ? 60 ASN A N   1 
ATOM 419  C CA  . ASN A 1 63 ? -25.807 -5.600  6.242   1.00 140.58 ? 60 ASN A CA  1 
ATOM 420  C C   . ASN A 1 63 ? -26.060 -5.334  7.738   1.00 143.85 ? 60 ASN A C   1 
ATOM 421  O O   . ASN A 1 63 ? -27.194 -5.135  8.152   1.00 144.45 ? 60 ASN A O   1 
ATOM 422  C CB  . ASN A 1 63 ? -27.106 -6.070  5.552   1.00 135.67 ? 60 ASN A CB  1 
ATOM 423  C CG  . ASN A 1 63 ? -28.190 -4.977  5.529   1.00 139.89 ? 60 ASN A CG  1 
ATOM 424  O OD1 . ASN A 1 63 ? -28.353 -4.264  4.541   1.00 144.74 ? 60 ASN A OD1 1 
ATOM 425  N ND2 . ASN A 1 63 ? -28.911 -4.832  6.638   1.00 138.59 ? 60 ASN A ND2 1 
ATOM 426  N N   . ASP A 1 64 ? -25.002 -5.310  8.541   1.00 142.99 ? 61 ASP A N   1 
ATOM 427  C CA  . ASP A 1 64 ? -25.142 -5.043  9.969   1.00 142.91 ? 61 ASP A CA  1 
ATOM 428  C C   . ASP A 1 64 ? -25.402 -3.548  10.147  1.00 140.84 ? 61 ASP A C   1 
ATOM 429  O O   . ASP A 1 64 ? -24.698 -2.733  9.567   1.00 139.73 ? 61 ASP A O   1 
ATOM 430  C CB  . ASP A 1 64 ? -23.862 -5.482  10.694  1.00 141.29 ? 61 ASP A CB  1 
ATOM 431  C CG  . ASP A 1 64 ? -23.884 -5.195  12.187  1.00 142.38 ? 61 ASP A CG  1 
ATOM 432  O OD1 . ASP A 1 64 ? -24.536 -4.231  12.648  1.00 138.12 ? 61 ASP A OD1 1 
ATOM 433  O OD2 . ASP A 1 64 ? -23.229 -5.967  12.915  1.00 148.98 ? 61 ASP A OD2 1 
ATOM 434  N N   . PHE A 1 65 ? -26.394 -3.186  10.961  1.00 139.83 ? 62 PHE A N   1 
ATOM 435  C CA  . PHE A 1 65 ? -26.714 -1.771  11.177  1.00 137.55 ? 62 PHE A CA  1 
ATOM 436  C C   . PHE A 1 65 ? -25.626 -1.015  11.946  1.00 135.41 ? 62 PHE A C   1 
ATOM 437  O O   . PHE A 1 65 ? -25.163 0.040   11.505  1.00 134.65 ? 62 PHE A O   1 
ATOM 438  C CB  . PHE A 1 65 ? -28.055 -1.620  11.907  1.00 131.46 ? 62 PHE A CB  1 
ATOM 439  C CG  . PHE A 1 65 ? -28.419 -0.185  12.235  1.00 135.07 ? 62 PHE A CG  1 
ATOM 440  C CD1 . PHE A 1 65 ? -29.003 0.635   11.276  1.00 139.13 ? 62 PHE A CD1 1 
ATOM 441  C CD2 . PHE A 1 65 ? -28.198 0.333   13.504  1.00 134.26 ? 62 PHE A CD2 1 
ATOM 442  C CE1 . PHE A 1 65 ? -29.348 1.951   11.579  1.00 141.24 ? 62 PHE A CE1 1 
ATOM 443  C CE2 . PHE A 1 65 ? -28.541 1.646   13.810  1.00 133.02 ? 62 PHE A CE2 1 
ATOM 444  C CZ  . PHE A 1 65 ? -29.116 2.456   12.849  1.00 137.82 ? 62 PHE A CZ  1 
ATOM 445  N N   . VAL A 1 66 ? -25.216 -1.562  13.084  1.00 137.10 ? 63 VAL A N   1 
ATOM 446  C CA  . VAL A 1 66 ? -24.330 -0.838  14.002  1.00 138.42 ? 63 VAL A CA  1 
ATOM 447  C C   . VAL A 1 66 ? -22.943 -0.554  13.423  1.00 133.96 ? 63 VAL A C   1 
ATOM 448  O O   . VAL A 1 66 ? -22.348 0.501   13.695  1.00 132.59 ? 63 VAL A O   1 
ATOM 449  C CB  . VAL A 1 66 ? -24.181 -1.548  15.369  1.00 144.60 ? 63 VAL A CB  1 
ATOM 450  C CG1 . VAL A 1 66 ? -24.038 -0.512  16.504  1.00 140.26 ? 63 VAL A CG1 1 
ATOM 451  C CG2 . VAL A 1 66 ? -25.355 -2.497  15.618  1.00 145.49 ? 63 VAL A CG2 1 
ATOM 452  N N   . SER A 1 67 ? -22.435 -1.488  12.624  1.00 136.83 ? 64 SER A N   1 
ATOM 453  C CA  . SER A 1 67 ? -21.134 -1.311  11.988  1.00 133.83 ? 64 SER A CA  1 
ATOM 454  C C   . SER A 1 67 ? -21.229 -0.240  10.908  1.00 129.33 ? 64 SER A C   1 
ATOM 455  O O   . SER A 1 67 ? -20.293 0.549   10.715  1.00 127.59 ? 64 SER A O   1 
ATOM 456  C CB  . SER A 1 67 ? -20.632 -2.632  11.397  1.00 142.85 ? 64 SER A CB  1 
ATOM 457  O OG  . SER A 1 67 ? -20.284 -3.546  12.423  1.00 151.96 ? 64 SER A OG  1 
ATOM 458  N N   . MET A 1 68 ? -22.381 -0.183  10.246  1.00 129.47 ? 65 MET A N   1 
ATOM 459  C CA  . MET A 1 68 ? -22.636 0.829   9.225   1.00 129.27 ? 65 MET A CA  1 
ATOM 460  C C   . MET A 1 68 ? -22.708 2.246   9.832   1.00 125.23 ? 65 MET A C   1 
ATOM 461  O O   . MET A 1 68 ? -22.099 3.191   9.309   1.00 126.35 ? 65 MET A O   1 
ATOM 462  C CB  . MET A 1 68 ? -23.925 0.489   8.461   1.00 131.77 ? 65 MET A CB  1 
ATOM 463  C CG  . MET A 1 68 ? -23.796 -0.725  7.528   1.00 135.93 ? 65 MET A CG  1 
ATOM 464  S SD  . MET A 1 68 ? -25.206 -1.021  6.426   1.00 135.48 ? 65 MET A SD  1 
ATOM 465  C CE  . MET A 1 68 ? -26.524 -1.304  7.605   1.00 133.45 ? 65 MET A CE  1 
ATOM 466  N N   . ALA A 1 69 ? -23.420 2.379   10.954  1.00 124.60 ? 66 ALA A N   1 
ATOM 467  C CA  . ALA A 1 69 ? -23.541 3.663   11.649  1.00 124.48 ? 66 ALA A CA  1 
ATOM 468  C C   . ALA A 1 69 ? -22.185 4.119   12.203  1.00 126.79 ? 66 ALA A C   1 
ATOM 469  O O   . ALA A 1 69 ? -21.826 5.321   12.133  1.00 121.51 ? 66 ALA A O   1 
ATOM 470  C CB  . ALA A 1 69 ? -24.564 3.557   12.766  1.00 125.12 ? 66 ALA A CB  1 
ATOM 471  N N   . ASP A 1 70 ? -21.452 3.191   12.761  1.00 131.92 ? 67 ASP A N   1 
ATOM 472  C CA  . ASP A 1 70 ? -20.158 3.549   13.207  1.00 124.45 ? 67 ASP A CA  1 
ATOM 473  C C   . ASP A 1 70 ? -19.511 4.109   11.969  1.00 126.98 ? 67 ASP A C   1 
ATOM 474  O O   . ASP A 1 70 ? -19.439 5.313   11.781  1.00 126.75 ? 67 ASP A O   1 
ATOM 475  C CB  . ASP A 1 70 ? -19.474 2.316   13.725  1.00 121.83 ? 67 ASP A CB  1 
ATOM 476  C CG  . ASP A 1 70 ? -20.080 1.846   15.019  1.00 129.79 ? 67 ASP A CG  1 
ATOM 477  O OD1 . ASP A 1 70 ? -20.824 2.632   15.638  1.00 125.96 ? 67 ASP A OD1 1 
ATOM 478  O OD2 . ASP A 1 70 ? -19.804 0.711   15.439  1.00 141.44 ? 67 ASP A OD2 1 
ATOM 479  N N   . ALA A 1 71 ? -19.090 3.245   11.076  1.00 125.14 ? 68 ALA A N   1 
ATOM 480  C CA  . ALA A 1 71 ? -18.278 3.722   9.961   1.00 121.99 ? 68 ALA A CA  1 
ATOM 481  C C   . ALA A 1 71 ? -18.738 5.087   9.421   1.00 123.25 ? 68 ALA A C   1 
ATOM 482  O O   . ALA A 1 71 ? -17.905 5.904   9.008   1.00 123.32 ? 68 ALA A O   1 
ATOM 483  C CB  . ALA A 1 71 ? -18.252 2.688   8.858   1.00 123.41 ? 68 ALA A CB  1 
ATOM 484  N N   . LYS A 1 72 ? -20.049 5.335   9.432   1.00 126.70 ? 69 LYS A N   1 
ATOM 485  C CA  . LYS A 1 72 ? -20.585 6.560   8.843   1.00 123.50 ? 69 LYS A CA  1 
ATOM 486  C C   . LYS A 1 72 ? -20.085 7.741   9.664   1.00 114.58 ? 69 LYS A C   1 
ATOM 487  O O   . LYS A 1 72 ? -19.499 8.692   9.124   1.00 110.42 ? 69 LYS A O   1 
ATOM 488  C CB  . LYS A 1 72 ? -22.122 6.549   8.837   1.00 124.69 ? 69 LYS A CB  1 
ATOM 489  C CG  . LYS A 1 72 ? -22.738 7.668   7.993   1.00 127.14 ? 69 LYS A CG  1 
ATOM 490  C CD  . LYS A 1 72 ? -24.217 7.929   8.281   1.00 123.56 ? 69 LYS A CD  1 
ATOM 491  C CE  . LYS A 1 72 ? -24.408 8.788   9.528   1.00 124.79 ? 69 LYS A CE  1 
ATOM 492  N NZ  . LYS A 1 72 ? -25.821 9.230   9.694   1.00 118.71 ? 69 LYS A NZ  1 
ATOM 493  N N   . VAL A 1 73 ? -20.293 7.650   10.976  1.00 114.37 ? 70 VAL A N   1 
ATOM 494  C CA  . VAL A 1 73 ? -19.835 8.695   11.883  1.00 115.71 ? 70 VAL A CA  1 
ATOM 495  C C   . VAL A 1 73 ? -18.338 8.930   11.679  1.00 114.73 ? 70 VAL A C   1 
ATOM 496  O O   . VAL A 1 73 ? -17.887 10.090  11.535  1.00 111.39 ? 70 VAL A O   1 
ATOM 497  C CB  . VAL A 1 73 ? -20.102 8.308   13.349  1.00 111.63 ? 70 VAL A CB  1 
ATOM 498  C CG1 . VAL A 1 73 ? -19.485 9.320   14.301  1.00 100.99 ? 70 VAL A CG1 1 
ATOM 499  C CG2 . VAL A 1 73 ? -21.587 8.190   13.585  1.00 113.88 ? 70 VAL A CG2 1 
ATOM 500  N N   . ALA A 1 74 ? -17.586 7.823   11.640  1.00 109.05 ? 71 ALA A N   1 
ATOM 501  C CA  . ALA A 1 74 ? -16.129 7.869   11.488  1.00 106.42 ? 71 ALA A CA  1 
ATOM 502  C C   . ALA A 1 74 ? -15.683 8.700   10.270  1.00 108.42 ? 71 ALA A C   1 
ATOM 503  O O   . ALA A 1 74 ? -14.827 9.613   10.384  1.00 107.70 ? 71 ALA A O   1 
ATOM 504  C CB  . ALA A 1 74 ? -15.601 6.460   11.381  1.00 110.29 ? 71 ALA A CB  1 
ATOM 505  N N   . LEU A 1 75 ? -16.310 8.403   9.131   1.00 107.40 ? 72 LEU A N   1 
ATOM 506  C CA  . LEU A 1 75 ? -16.006 9.049   7.860   1.00 104.61 ? 72 LEU A CA  1 
ATOM 507  C C   . LEU A 1 75 ? -16.430 10.516  7.793   1.00 103.72 ? 72 LEU A C   1 
ATOM 508  O O   . LEU A 1 75 ? -15.663 11.345  7.282   1.00 101.56 ? 72 LEU A O   1 
ATOM 509  C CB  . LEU A 1 75 ? -16.648 8.276   6.698   1.00 112.07 ? 72 LEU A CB  1 
ATOM 510  C CG  . LEU A 1 75 ? -16.086 6.926   6.224   1.00 110.56 ? 72 LEU A CG  1 
ATOM 511  C CD1 . LEU A 1 75 ? -17.165 6.216   5.440   1.00 114.73 ? 72 LEU A CD1 1 
ATOM 512  C CD2 . LEU A 1 75 ? -14.829 7.078   5.368   1.00 108.11 ? 72 LEU A CD2 1 
ATOM 513  N N   . GLU A 1 76 ? -17.623 10.862  8.294   1.00 105.07 ? 73 GLU A N   1 
ATOM 514  C CA  . GLU A 1 76 ? -17.985 12.291  8.307   1.00 111.10 ? 73 GLU A CA  1 
ATOM 515  C C   . GLU A 1 76 ? -16.999 13.078  9.161   1.00 104.20 ? 73 GLU A C   1 
ATOM 516  O O   . GLU A 1 76 ? -16.597 14.192  8.785   1.00 98.17  ? 73 GLU A O   1 
ATOM 517  C CB  . GLU A 1 76 ? -19.414 12.571  8.821   1.00 115.60 ? 73 GLU A CB  1 
ATOM 518  C CG  . GLU A 1 76 ? -20.390 11.399  8.819   1.00 116.45 ? 73 GLU A CG  1 
ATOM 519  C CD  . GLU A 1 76 ? -21.801 11.805  9.222   1.00 120.88 ? 73 GLU A CD  1 
ATOM 520  O OE1 . GLU A 1 76 ? -22.398 11.115  10.077  1.00 120.42 ? 73 GLU A OE1 1 
ATOM 521  O OE2 . GLU A 1 76 ? -22.327 12.794  8.656   1.00 117.88 ? 73 GLU A OE2 1 
ATOM 522  N N   . LYS A 1 77 ? -16.593 12.481  10.286  1.00 101.55 ? 74 LYS A N   1 
ATOM 523  C CA  . LYS A 1 77 ? -15.652 13.132  11.200  1.00 102.83 ? 74 LYS A CA  1 
ATOM 524  C C   . LYS A 1 77 ? -14.305 13.423  10.544  1.00 104.20 ? 74 LYS A C   1 
ATOM 525  O O   . LYS A 1 77 ? -13.829 14.580  10.562  1.00 97.86  ? 74 LYS A O   1 
ATOM 526  C CB  . LYS A 1 77 ? -15.446 12.298  12.469  1.00 104.41 ? 74 LYS A CB  1 
ATOM 527  C CG  . LYS A 1 77 ? -14.447 12.907  13.463  1.00 112.55 ? 74 LYS A CG  1 
ATOM 528  C CD  . LYS A 1 77 ? -14.466 12.149  14.785  1.00 116.19 ? 74 LYS A CD  1 
ATOM 529  C CE  . LYS A 1 77 ? -13.260 12.464  15.652  1.00 111.71 ? 74 LYS A CE  1 
ATOM 530  N NZ  . LYS A 1 77 ? -12.083 11.644  15.232  1.00 104.08 ? 74 LYS A NZ  1 
ATOM 531  N N   . ILE A 1 78 ? -13.695 12.377  9.972   1.00 105.82 ? 75 ILE A N   1 
ATOM 532  C CA  . ILE A 1 78 ? -12.393 12.526  9.292   1.00 96.49  ? 75 ILE A CA  1 
ATOM 533  C C   . ILE A 1 78 ? -12.425 13.417  8.028   1.00 94.89  ? 75 ILE A C   1 
ATOM 534  O O   . ILE A 1 78 ? -11.443 14.116  7.717   1.00 91.59  ? 75 ILE A O   1 
ATOM 535  C CB  . ILE A 1 78 ? -11.759 11.171  8.973   1.00 98.47  ? 75 ILE A CB  1 
ATOM 536  C CG1 . ILE A 1 78 ? -10.273 11.348  8.691   1.00 97.82  ? 75 ILE A CG1 1 
ATOM 537  C CG2 . ILE A 1 78 ? -12.471 10.469  7.794   1.00 101.74 ? 75 ILE A CG2 1 
ATOM 538  C CD1 . ILE A 1 78 ? -9.429  11.283  9.896   1.00 97.22  ? 75 ILE A CD1 1 
ATOM 539  N N   . TYR A 1 79 ? -13.553 13.412  7.314   1.00 97.85  ? 76 TYR A N   1 
ATOM 540  C CA  . TYR A 1 79 ? -13.708 14.324  6.184   1.00 100.25 ? 76 TYR A CA  1 
ATOM 541  C C   . TYR A 1 79 ? -13.782 15.767  6.678   1.00 98.40  ? 76 TYR A C   1 
ATOM 542  O O   . TYR A 1 79 ? -13.260 16.687  6.023   1.00 93.76  ? 76 TYR A O   1 
ATOM 543  C CB  . TYR A 1 79 ? -14.948 14.001  5.349   1.00 101.49 ? 76 TYR A CB  1 
ATOM 544  C CG  . TYR A 1 79 ? -14.882 12.686  4.615   1.00 102.60 ? 76 TYR A CG  1 
ATOM 545  C CD1 . TYR A 1 79 ? -13.785 11.842  4.744   1.00 102.87 ? 76 TYR A CD1 1 
ATOM 546  C CD2 . TYR A 1 79 ? -15.927 12.279  3.787   1.00 103.99 ? 76 TYR A CD2 1 
ATOM 547  C CE1 . TYR A 1 79 ? -13.737 10.630  4.074   1.00 107.53 ? 76 TYR A CE1 1 
ATOM 548  C CE2 . TYR A 1 79 ? -15.887 11.071  3.123   1.00 104.36 ? 76 TYR A CE2 1 
ATOM 549  C CZ  . TYR A 1 79 ? -14.795 10.257  3.272   1.00 108.07 ? 76 TYR A CZ  1 
ATOM 550  O OH  . TYR A 1 79 ? -14.759 9.061   2.631   1.00 107.80 ? 76 TYR A OH  1 
ATOM 551  N N   . LYS A 1 80 ? -14.416 15.964  7.837   1.00 97.28  ? 77 LYS A N   1 
ATOM 552  C CA  . LYS A 1 80 ? -14.575 17.312  8.358   1.00 96.28  ? 77 LYS A CA  1 
ATOM 553  C C   . LYS A 1 80 ? -13.205 17.826  8.822   1.00 95.04  ? 77 LYS A C   1 
ATOM 554  O O   . LYS A 1 80 ? -12.812 18.969  8.525   1.00 89.62  ? 77 LYS A O   1 
ATOM 555  C CB  . LYS A 1 80 ? -15.623 17.357  9.481   1.00 99.14  ? 77 LYS A CB  1 
ATOM 556  C CG  . LYS A 1 80 ? -16.102 18.769  9.807   1.00 105.76 ? 77 LYS A CG  1 
ATOM 557  C CD  . LYS A 1 80 ? -16.995 18.836  11.047  1.00 111.37 ? 77 LYS A CD  1 
ATOM 558  C CE  . LYS A 1 80 ? -17.400 20.296  11.333  1.00 110.86 ? 77 LYS A CE  1 
ATOM 559  N NZ  . LYS A 1 80 ? -18.453 20.436  12.378  1.00 99.16  ? 77 LYS A NZ  1 
ATOM 560  N N   . GLU A 1 81 ? -12.462 16.967  9.515   1.00 94.71  ? 78 GLU A N   1 
ATOM 561  C CA  . GLU A 1 81 ? -11.096 17.312  9.914   1.00 90.93  ? 78 GLU A CA  1 
ATOM 562  C C   . GLU A 1 81 ? -10.227 17.722  8.723   1.00 95.28  ? 78 GLU A C   1 
ATOM 563  O O   . GLU A 1 81 ? -9.634  18.823  8.720   1.00 91.38  ? 78 GLU A O   1 
ATOM 564  C CB  . GLU A 1 81 ? -10.446 16.189  10.731  1.00 92.67  ? 78 GLU A CB  1 
ATOM 565  C CG  . GLU A 1 81 ? -10.944 16.133  12.163  1.00 96.24  ? 78 GLU A CG  1 
ATOM 566  C CD  . GLU A 1 81 ? -10.540 14.870  12.902  1.00 104.89 ? 78 GLU A CD  1 
ATOM 567  O OE1 . GLU A 1 81 ? -10.300 13.823  12.259  1.00 110.72 ? 78 GLU A OE1 1 
ATOM 568  O OE2 . GLU A 1 81 ? -10.469 14.934  14.145  1.00 106.61 ? 78 GLU A OE2 1 
ATOM 569  N N   . ILE A 1 82 ? -10.160 16.837  7.720   1.00 96.62  ? 79 ILE A N   1 
ATOM 570  C CA  . ILE A 1 82 ? -9.442  17.125  6.480   1.00 89.57  ? 79 ILE A CA  1 
ATOM 571  C C   . ILE A 1 82 ? -9.839  18.460  5.813   1.00 91.58  ? 79 ILE A C   1 
ATOM 572  O O   . ILE A 1 82 ? -8.980  19.323  5.593   1.00 87.69  ? 79 ILE A O   1 
ATOM 573  C CB  . ILE A 1 82 ? -9.571  15.963  5.501   1.00 93.61  ? 79 ILE A CB  1 
ATOM 574  C CG1 . ILE A 1 82 ? -8.960  14.709  6.121   1.00 90.19  ? 79 ILE A CG1 1 
ATOM 575  C CG2 . ILE A 1 82 ? -8.862  16.287  4.190   1.00 97.66  ? 79 ILE A CG2 1 
ATOM 576  C CD1 . ILE A 1 82 ? -8.687  13.623  5.136   1.00 94.99  ? 79 ILE A CD1 1 
ATOM 577  N N   . ASP A 1 83 ? -11.126 18.628  5.498   1.00 89.88  ? 80 ASP A N   1 
ATOM 578  C CA  . ASP A 1 83 ? -11.649 19.920  5.022   1.00 96.23  ? 80 ASP A CA  1 
ATOM 579  C C   . ASP A 1 83 ? -11.069 21.118  5.787   1.00 93.61  ? 80 ASP A C   1 
ATOM 580  O O   . ASP A 1 83 ? -10.535 22.049  5.183   1.00 91.85  ? 80 ASP A O   1 
ATOM 581  C CB  . ASP A 1 83 ? -13.161 19.983  5.226   1.00 101.69 ? 80 ASP A CB  1 
ATOM 582  C CG  . ASP A 1 83 ? -13.926 19.158  4.246   1.00 97.40  ? 80 ASP A CG  1 
ATOM 583  O OD1 . ASP A 1 83 ? -13.352 18.759  3.218   1.00 99.52  ? 80 ASP A OD1 1 
ATOM 584  O OD2 . ASP A 1 83 ? -15.115 18.911  4.521   1.00 100.55 ? 80 ASP A OD2 1 
ATOM 585  N N   . GLU A 1 84 ? -11.216 21.079  7.118   1.00 96.38  ? 81 GLU A N   1 
ATOM 586  C CA  . GLU A 1 84 ? -10.773 22.142  8.033   1.00 91.88  ? 81 GLU A CA  1 
ATOM 587  C C   . GLU A 1 84 ? -9.308  22.502  7.869   1.00 87.93  ? 81 GLU A C   1 
ATOM 588  O O   . GLU A 1 84 ? -8.950  23.692  7.685   1.00 78.15  ? 81 GLU A O   1 
ATOM 589  C CB  . GLU A 1 84 ? -10.878 21.626  9.455   1.00 93.95  ? 81 GLU A CB  1 
ATOM 590  C CG  . GLU A 1 84 ? -12.121 21.963  10.195  1.00 100.97 ? 81 GLU A CG  1 
ATOM 591  C CD  . GLU A 1 84 ? -12.037 21.397  11.577  1.00 104.83 ? 81 GLU A CD  1 
ATOM 592  O OE1 . GLU A 1 84 ? -10.879 21.197  12.023  1.00 97.57  ? 81 GLU A OE1 1 
ATOM 593  O OE2 . GLU A 1 84 ? -13.106 21.104  12.175  1.00 109.10 ? 81 GLU A OE2 1 
ATOM 594  N N   . ILE A 1 85 ? -8.478  21.462  8.021   1.00 82.19  ? 82 ILE A N   1 
ATOM 595  C CA  . ILE A 1 85 ? -7.041  21.550  7.821   1.00 74.62  ? 82 ILE A CA  1 
ATOM 596  C C   . ILE A 1 85 ? -6.724  22.212  6.494   1.00 79.97  ? 82 ILE A C   1 
ATOM 597  O O   . ILE A 1 85 ? -5.886  23.102  6.427   1.00 77.98  ? 82 ILE A O   1 
ATOM 598  C CB  . ILE A 1 85 ? -6.387  20.165  7.871   1.00 79.34  ? 82 ILE A CB  1 
ATOM 599  C CG1 . ILE A 1 85 ? -6.616  19.512  9.240   1.00 83.93  ? 82 ILE A CG1 1 
ATOM 600  C CG2 . ILE A 1 85 ? -4.915  20.243  7.500   1.00 72.17  ? 82 ILE A CG2 1 
ATOM 601  C CD1 . ILE A 1 85 ? -5.888  18.177  9.449   1.00 83.45  ? 82 ILE A CD1 1 
ATOM 602  N N   . ILE A 1 86 ? -7.424  21.796  5.442   1.00 89.16  ? 83 ILE A N   1 
ATOM 603  C CA  . ILE A 1 86 ? -7.041  22.185  4.079   1.00 89.73  ? 83 ILE A CA  1 
ATOM 604  C C   . ILE A 1 86 ? -7.472  23.610  3.706   1.00 89.68  ? 83 ILE A C   1 
ATOM 605  O O   . ILE A 1 86 ? -6.776  24.308  2.947   1.00 84.47  ? 83 ILE A O   1 
ATOM 606  C CB  . ILE A 1 86 ? -7.591  21.154  3.047   1.00 82.10  ? 83 ILE A CB  1 
ATOM 607  C CG1 . ILE A 1 86 ? -6.886  19.820  3.258   1.00 80.52  ? 83 ILE A CG1 1 
ATOM 608  C CG2 . ILE A 1 86 ? -7.460  21.665  1.601   1.00 82.35  ? 83 ILE A CG2 1 
ATOM 609  C CD1 . ILE A 1 86 ? -5.786  19.584  2.327   1.00 80.93  ? 83 ILE A CD1 1 
ATOM 610  N N   . ASN A 1 87 ? -8.580  24.041  4.300   1.00 84.86  ? 84 ASN A N   1 
ATOM 611  C CA  . ASN A 1 87 ? -9.212  25.299  3.985   1.00 83.70  ? 84 ASN A CA  1 
ATOM 612  C C   . ASN A 1 87 ? -8.509  26.442  4.719   1.00 96.09  ? 84 ASN A C   1 
ATOM 613  O O   . ASN A 1 87 ? -8.430  27.562  4.211   1.00 93.49  ? 84 ASN A O   1 
ATOM 614  C CB  . ASN A 1 87 ? -10.641 25.234  4.491   1.00 88.40  ? 84 ASN A CB  1 
ATOM 615  C CG  . ASN A 1 87 ? -11.596 24.705  3.478   1.00 97.60  ? 84 ASN A CG  1 
ATOM 616  O OD1 . ASN A 1 87 ? -11.472 23.566  3.033   1.00 106.95 ? 84 ASN A OD1 1 
ATOM 617  N ND2 . ASN A 1 87 ? -12.604 25.509  3.139   1.00 96.65  ? 84 ASN A ND2 1 
ATOM 618  N N   . ARG A 1 88 ? -7.987  26.140  5.910   1.00 97.27  ? 85 ARG A N   1 
ATOM 619  C CA  . ARG A 1 88 ? -7.380  27.126  6.817   1.00 86.67  ? 85 ARG A CA  1 
ATOM 620  C C   . ARG A 1 88 ? -8.212  28.374  6.996   1.00 81.99  ? 85 ARG A C   1 
ATOM 621  O O   . ARG A 1 88 ? -7.714  29.469  6.745   1.00 93.30  ? 85 ARG A O   1 
ATOM 622  C CB  . ARG A 1 88 ? -6.004  27.537  6.296   1.00 87.14  ? 85 ARG A CB  1 
ATOM 623  C CG  . ARG A 1 88 ? -5.210  26.432  5.626   1.00 68.31  ? 85 ARG A CG  1 
ATOM 624  C CD  . ARG A 1 88 ? -4.052  27.009  4.818   1.00 67.93  ? 85 ARG A CD  1 
ATOM 625  N NE  . ARG A 1 88 ? -2.912  27.410  5.643   1.00 83.47  ? 85 ARG A NE  1 
ATOM 626  C CZ  . ARG A 1 88 ? -2.285  26.636  6.532   1.00 82.01  ? 85 ARG A CZ  1 
ATOM 627  N NH1 . ARG A 1 88 ? -2.660  25.383  6.724   1.00 73.62  ? 85 ARG A NH1 1 
ATOM 628  N NH2 . ARG A 1 88 ? -1.274  27.120  7.240   1.00 78.51  ? 85 ARG A NH2 1 
ATOM 629  N N   . GLU B 1 12 ? 0.267   -41.638 13.897  1.00 185.31 ? 9  GLU B N   1 
ATOM 630  C CA  . GLU B 1 12 ? 1.569   -40.998 13.743  1.00 188.31 ? 9  GLU B CA  1 
ATOM 631  C C   . GLU B 1 12 ? 1.424   -39.492 13.558  1.00 186.01 ? 9  GLU B C   1 
ATOM 632  O O   . GLU B 1 12 ? 0.882   -39.030 12.553  1.00 186.49 ? 9  GLU B O   1 
ATOM 633  C CB  . GLU B 1 12 ? 2.326   -41.604 12.561  1.00 185.72 ? 9  GLU B CB  1 
ATOM 634  C CG  . GLU B 1 12 ? 2.695   -43.067 12.742  1.00 186.45 ? 9  GLU B CG  1 
ATOM 635  C CD  . GLU B 1 12 ? 1.574   -44.005 12.341  1.00 188.66 ? 9  GLU B CD  1 
ATOM 636  O OE1 . GLU B 1 12 ? 0.487   -43.512 11.973  1.00 188.28 ? 9  GLU B OE1 1 
ATOM 637  O OE2 . GLU B 1 12 ? 1.780   -45.236 12.392  1.00 187.87 ? 9  GLU B OE2 1 
ATOM 638  N N   . SER B 1 13 ? 1.913   -38.730 14.532  1.00 180.54 ? 10 SER B N   1 
ATOM 639  C CA  . SER B 1 13 ? 1.840   -37.276 14.477  1.00 177.69 ? 10 SER B CA  1 
ATOM 640  C C   . SER B 1 13 ? 3.140   -36.799 13.839  1.00 177.28 ? 10 SER B C   1 
ATOM 641  O O   . SER B 1 13 ? 4.187   -37.429 13.996  1.00 176.35 ? 10 SER B O   1 
ATOM 642  C CB  . SER B 1 13 ? 1.765   -36.689 15.887  1.00 176.26 ? 10 SER B CB  1 
ATOM 643  O OG  . SER B 1 13 ? 3.052   -36.615 16.477  1.00 173.20 ? 10 SER B OG  1 
ATOM 644  N N   . GLN B 1 14 ? 3.054   -35.664 13.146  1.00 170.12 ? 11 GLN B N   1 
ATOM 645  C CA  . GLN B 1 14 ? 4.202   -35.004 12.532  1.00 160.00 ? 11 GLN B CA  1 
ATOM 646  C C   . GLN B 1 14 ? 3.847   -33.549 12.213  1.00 156.08 ? 11 GLN B C   1 
ATOM 647  O O   . GLN B 1 14 ? 2.688   -33.238 11.941  1.00 151.18 ? 11 GLN B O   1 
ATOM 648  C CB  . GLN B 1 14 ? 4.631   -35.737 11.261  1.00 155.33 ? 11 GLN B CB  1 
ATOM 649  C CG  . GLN B 1 14 ? 5.322   -37.066 11.513  1.00 159.20 ? 11 GLN B CG  1 
ATOM 650  C CD  . GLN B 1 14 ? 6.454   -36.952 12.517  1.00 160.89 ? 11 GLN B CD  1 
ATOM 651  O OE1 . GLN B 1 14 ? 6.253   -37.135 13.718  1.00 163.07 ? 11 GLN B OE1 1 
ATOM 652  N NE2 . GLN B 1 14 ? 7.650   -36.648 12.028  1.00 155.84 ? 11 GLN B NE2 1 
ATOM 653  N N   . PHE B 1 15 ? 4.839   -32.662 12.249  1.00 160.52 ? 12 PHE B N   1 
ATOM 654  C CA  . PHE B 1 15 ? 4.597   -31.240 12.012  1.00 158.36 ? 12 PHE B CA  1 
ATOM 655  C C   . PHE B 1 15 ? 5.669   -30.629 11.094  1.00 150.20 ? 12 PHE B C   1 
ATOM 656  O O   . PHE B 1 15 ? 6.867   -30.886 11.241  1.00 145.46 ? 12 PHE B O   1 
ATOM 657  C CB  . PHE B 1 15 ? 4.603   -30.604 13.415  1.00 157.36 ? 12 PHE B CB  1 
ATOM 658  C CG  . PHE B 1 15 ? 3.413   -30.956 14.275  1.00 169.10 ? 12 PHE B CG  1 
ATOM 659  C CD1 . PHE B 1 15 ? 2.220   -30.261 14.142  1.00 172.73 ? 12 PHE B CD1 1 
ATOM 660  C CD2 . PHE B 1 15 ? 3.475   -32.003 15.188  1.00 169.02 ? 12 PHE B CD2 1 
ATOM 661  C CE1 . PHE B 1 15 ? 1.112   -30.588 14.916  1.00 169.27 ? 12 PHE B CE1 1 
ATOM 662  C CE2 . PHE B 1 15 ? 2.375   -32.331 15.972  1.00 168.02 ? 12 PHE B CE2 1 
ATOM 663  C CZ  . PHE B 1 15 ? 1.190   -31.623 15.833  1.00 166.71 ? 12 PHE B CZ  1 
ATOM 664  N N   . HIS B 1 16 ? 5.213   -29.860 10.111  1.00 142.65 ? 13 HIS B N   1 
ATOM 665  C CA  . HIS B 1 16 ? 6.081   -28.957 9.365   1.00 138.29 ? 13 HIS B CA  1 
ATOM 666  C C   . HIS B 1 16 ? 5.959   -27.589 10.057  1.00 137.85 ? 13 HIS B C   1 
ATOM 667  O O   . HIS B 1 16 ? 4.921   -27.276 10.656  1.00 127.71 ? 13 HIS B O   1 
ATOM 668  C CB  . HIS B 1 16 ? 5.667   -28.935 7.879   1.00 144.18 ? 13 HIS B CB  1 
ATOM 669  C CG  . HIS B 1 16 ? 5.803   -30.248 7.156   1.00 149.03 ? 13 HIS B CG  1 
ATOM 670  N ND1 . HIS B 1 16 ? 5.204   -30.482 5.932   1.00 146.95 ? 13 HIS B ND1 1 
ATOM 671  C CD2 . HIS B 1 16 ? 6.496   -31.376 7.449   1.00 147.12 ? 13 HIS B CD2 1 
ATOM 672  C CE1 . HIS B 1 16 ? 5.502   -31.705 5.524   1.00 148.30 ? 13 HIS B CE1 1 
ATOM 673  N NE2 . HIS B 1 16 ? 6.285   -32.267 6.427   1.00 148.28 ? 13 HIS B NE2 1 
ATOM 674  N N   . ASP B 1 17 ? 7.017   -26.785 9.967   1.00 144.86 ? 14 ASP B N   1 
ATOM 675  C CA  . ASP B 1 17 ? 7.172   -25.568 10.764  1.00 142.56 ? 14 ASP B CA  1 
ATOM 676  C C   . ASP B 1 17 ? 7.333   -24.325 9.891   1.00 135.71 ? 14 ASP B C   1 
ATOM 677  O O   . ASP B 1 17 ? 7.370   -24.396 8.658   1.00 129.18 ? 14 ASP B O   1 
ATOM 678  C CB  . ASP B 1 17 ? 8.406   -25.682 11.660  1.00 137.40 ? 14 ASP B CB  1 
ATOM 679  C CG  . ASP B 1 17 ? 9.586   -26.287 10.936  1.00 140.59 ? 14 ASP B CG  1 
ATOM 680  O OD1 . ASP B 1 17 ? 9.585   -27.520 10.732  1.00 128.97 ? 14 ASP B OD1 1 
ATOM 681  O OD2 . ASP B 1 17 ? 10.502  -25.524 10.549  1.00 141.95 ? 14 ASP B OD2 1 
ATOM 682  N N   . LYS B 1 18 ? 7.421   -23.179 10.545  1.00 130.73 ? 15 LYS B N   1 
ATOM 683  C CA  . LYS B 1 18 ? 7.409   -21.934 9.808   1.00 133.13 ? 15 LYS B CA  1 
ATOM 684  C C   . LYS B 1 18 ? 8.780   -21.353 9.475   1.00 134.96 ? 15 LYS B C   1 
ATOM 685  O O   . LYS B 1 18 ? 9.171   -20.299 9.992   1.00 129.72 ? 15 LYS B O   1 
ATOM 686  C CB  . LYS B 1 18 ? 6.511   -20.919 10.498  1.00 136.28 ? 15 LYS B CB  1 
ATOM 687  C CG  . LYS B 1 18 ? 5.059   -21.342 10.466  1.00 137.81 ? 15 LYS B CG  1 
ATOM 688  C CD  . LYS B 1 18 ? 4.189   -20.149 10.597  1.00 140.26 ? 15 LYS B CD  1 
ATOM 689  C CE  . LYS B 1 18 ? 3.755   -19.920 12.015  1.00 154.60 ? 15 LYS B CE  1 
ATOM 690  N NZ  . LYS B 1 18 ? 2.313   -19.537 12.116  1.00 156.91 ? 15 LYS B NZ  1 
ATOM 691  N N   . ARG B 1 19 ? 9.502   -22.056 8.604   1.00 133.58 ? 16 ARG B N   1 
ATOM 692  C CA  . ARG B 1 19 ? 10.618  -21.459 7.874   1.00 131.28 ? 16 ARG B CA  1 
ATOM 693  C C   . ARG B 1 19 ? 10.104  -20.917 6.535   1.00 132.25 ? 16 ARG B C   1 
ATOM 694  O O   . ARG B 1 19 ? 9.767   -21.683 5.627   1.00 129.06 ? 16 ARG B O   1 
ATOM 695  C CB  . ARG B 1 19 ? 11.776  -22.435 7.706   1.00 126.40 ? 16 ARG B CB  1 
ATOM 696  C CG  . ARG B 1 19 ? 12.905  -21.850 6.890   1.00 126.44 ? 16 ARG B CG  1 
ATOM 697  C CD  . ARG B 1 19 ? 13.522  -20.657 7.606   1.00 121.02 ? 16 ARG B CD  1 
ATOM 698  N NE  . ARG B 1 19 ? 14.618  -20.061 6.850   1.00 121.96 ? 16 ARG B NE  1 
ATOM 699  C CZ  . ARG B 1 19 ? 14.464  -19.139 5.902   1.00 125.39 ? 16 ARG B CZ  1 
ATOM 700  N NH1 . ARG B 1 19 ? 13.258  -18.692 5.577   1.00 133.79 ? 16 ARG B NH1 1 
ATOM 701  N NH2 . ARG B 1 19 ? 15.531  -18.661 5.279   1.00 119.43 ? 16 ARG B NH2 1 
ATOM 702  N N   . ILE B 1 20 ? 9.991   -19.592 6.461   1.00 139.84 ? 17 ILE B N   1 
ATOM 703  C CA  . ILE B 1 20 ? 9.364   -18.902 5.326   1.00 140.23 ? 17 ILE B CA  1 
ATOM 704  C C   . ILE B 1 20 ? 10.387  -18.286 4.358   1.00 140.93 ? 17 ILE B C   1 
ATOM 705  O O   . ILE B 1 20 ? 11.050  -17.291 4.672   1.00 136.71 ? 17 ILE B O   1 
ATOM 706  C CB  . ILE B 1 20 ? 8.383   -17.787 5.792   1.00 136.67 ? 17 ILE B CB  1 
ATOM 707  C CG1 . ILE B 1 20 ? 7.274   -18.313 6.722   1.00 130.38 ? 17 ILE B CG1 1 
ATOM 708  C CG2 . ILE B 1 20 ? 7.759   -17.102 4.586   1.00 139.12 ? 17 ILE B CG2 1 
ATOM 709  C CD1 . ILE B 1 20 ? 6.967   -19.792 6.656   1.00 128.68 ? 17 ILE B CD1 1 
ATOM 710  N N   . ALA B 1 21 ? 10.497  -18.888 3.177   1.00 141.72 ? 18 ALA B N   1 
ATOM 711  C CA  . ALA B 1 21 ? 11.410  -18.425 2.135   1.00 137.42 ? 18 ALA B CA  1 
ATOM 712  C C   . ALA B 1 21 ? 10.656  -18.250 0.826   1.00 133.01 ? 18 ALA B C   1 
ATOM 713  O O   . ALA B 1 21 ? 11.242  -18.315 -0.258  1.00 122.39 ? 18 ALA B O   1 
ATOM 714  C CB  . ALA B 1 21 ? 12.566  -19.409 1.956   1.00 131.42 ? 18 ALA B CB  1 
ATOM 715  N N   . GLU B 1 22 ? 9.349   -18.047 0.935   1.00 135.75 ? 19 GLU B N   1 
ATOM 716  C CA  . GLU B 1 22 ? 8.530   -17.865 -0.248  1.00 134.52 ? 19 GLU B CA  1 
ATOM 717  C C   . GLU B 1 22 ? 8.335   -16.386 -0.547  1.00 135.12 ? 19 GLU B C   1 
ATOM 718  O O   . GLU B 1 22 ? 8.024   -15.562 0.337   1.00 124.69 ? 19 GLU B O   1 
ATOM 719  C CB  . GLU B 1 22 ? 7.167   -18.540 -0.106  1.00 134.08 ? 19 GLU B CB  1 
ATOM 720  C CG  . GLU B 1 22 ? 6.513   -18.271 1.226   1.00 135.64 ? 19 GLU B CG  1 
ATOM 721  C CD  . GLU B 1 22 ? 6.837   -19.344 2.232   1.00 144.20 ? 19 GLU B CD  1 
ATOM 722  O OE1 . GLU B 1 22 ? 8.029   -19.696 2.359   1.00 146.16 ? 19 GLU B OE1 1 
ATOM 723  O OE2 . GLU B 1 22 ? 5.905   -19.812 2.918   1.00 149.19 ? 19 GLU B OE2 1 
ATOM 724  N N   . GLU B 1 23 ? 8.543   -16.063 -1.815  1.00 136.13 ? 20 GLU B N   1 
ATOM 725  C CA  . GLU B 1 23 ? 8.132   -14.786 -2.341  1.00 133.82 ? 20 GLU B CA  1 
ATOM 726  C C   . GLU B 1 23 ? 6.820   -15.021 -3.091  1.00 130.13 ? 20 GLU B C   1 
ATOM 727  O O   . GLU B 1 23 ? 6.792   -15.380 -4.271  1.00 120.43 ? 20 GLU B O   1 
ATOM 728  C CB  . GLU B 1 23 ? 9.219   -14.165 -3.227  1.00 129.05 ? 20 GLU B CB  1 
ATOM 729  C CG  . GLU B 1 23 ? 10.686  -14.353 -2.750  1.00 133.54 ? 20 GLU B CG  1 
ATOM 730  C CD  . GLU B 1 23 ? 10.942  -14.179 -1.237  1.00 141.25 ? 20 GLU B CD  1 
ATOM 731  O OE1 . GLU B 1 23 ? 10.042  -13.780 -0.464  1.00 136.68 ? 20 GLU B OE1 1 
ATOM 732  O OE2 . GLU B 1 23 ? 12.088  -14.459 -0.815  1.00 136.77 ? 20 GLU B OE2 1 
ATOM 733  N N   . LEU B 1 24 ? 5.728   -14.886 -2.351  1.00 132.56 ? 21 LEU B N   1 
ATOM 734  C CA  . LEU B 1 24 ? 4.430   -14.710 -2.951  1.00 122.11 ? 21 LEU B CA  1 
ATOM 735  C C   . LEU B 1 24 ? 4.387   -13.223 -3.206  1.00 125.12 ? 21 LEU B C   1 
ATOM 736  O O   . LEU B 1 24 ? 3.443   -12.727 -3.814  1.00 123.43 ? 21 LEU B O   1 
ATOM 737  C CB  . LEU B 1 24 ? 3.309   -15.056 -1.986  1.00 118.67 ? 21 LEU B CB  1 
ATOM 738  C CG  . LEU B 1 24 ? 3.531   -16.179 -0.989  1.00 124.87 ? 21 LEU B CG  1 
ATOM 739  C CD1 . LEU B 1 24 ? 2.220   -16.436 -0.267  1.00 121.11 ? 21 LEU B CD1 1 
ATOM 740  C CD2 . LEU B 1 24 ? 4.067   -17.428 -1.666  1.00 128.41 ? 21 LEU B CD2 1 
ATOM 741  N N   . ARG B 1 25 ? 5.392   -12.510 -2.678  1.00 125.93 ? 22 ARG B N   1 
ATOM 742  C CA  . ARG B 1 25 ? 5.600   -11.116 -3.041  1.00 125.99 ? 22 ARG B CA  1 
ATOM 743  C C   . ARG B 1 25 ? 5.693   -11.138 -4.550  1.00 120.87 ? 22 ARG B C   1 
ATOM 744  O O   . ARG B 1 25 ? 5.036   -10.359 -5.229  1.00 117.40 ? 22 ARG B O   1 
ATOM 745  C CB  . ARG B 1 25 ? 6.892   -10.505 -2.405  1.00 131.89 ? 22 ARG B CB  1 
ATOM 746  C CG  . ARG B 1 25 ? 8.261   -10.635 -3.208  1.00 132.27 ? 22 ARG B CG  1 
ATOM 747  C CD  . ARG B 1 25 ? 8.485   -9.595  -4.374  1.00 127.49 ? 22 ARG B CD  1 
ATOM 748  N NE  . ARG B 1 25 ? 9.524   -10.017 -5.337  1.00 120.10 ? 22 ARG B NE  1 
ATOM 749  C CZ  . ARG B 1 25 ? 9.703   -9.509  -6.563  1.00 110.55 ? 22 ARG B CZ  1 
ATOM 750  N NH1 . ARG B 1 25 ? 8.924   -8.542  -7.020  1.00 108.77 ? 22 ARG B NH1 1 
ATOM 751  N NH2 . ARG B 1 25 ? 10.678  -9.972  -7.341  1.00 102.58 ? 22 ARG B NH2 1 
ATOM 752  N N   . THR B 1 26 ? 6.490   -12.065 -5.065  1.00 112.96 ? 23 THR B N   1 
ATOM 753  C CA  . THR B 1 26 ? 6.895   -12.015 -6.446  1.00 113.70 ? 23 THR B CA  1 
ATOM 754  C C   . THR B 1 26 ? 5.654   -12.223 -7.285  1.00 113.87 ? 23 THR B C   1 
ATOM 755  O O   . THR B 1 26 ? 5.447   -11.515 -8.262  1.00 111.97 ? 23 THR B O   1 
ATOM 756  C CB  . THR B 1 26 ? 8.026   -13.033 -6.742  1.00 121.77 ? 23 THR B CB  1 
ATOM 757  O OG1 . THR B 1 26 ? 7.580   -14.362 -6.432  1.00 131.63 ? 23 THR B OG1 1 
ATOM 758  C CG2 . THR B 1 26 ? 9.308   -12.708 -5.964  1.00 115.89 ? 23 THR B CG2 1 
ATOM 759  N N   . LEU B 1 27 ? 4.813   -13.171 -6.862  1.00 113.82 ? 24 LEU B N   1 
ATOM 760  C CA  . LEU B 1 27 ? 3.547   -13.489 -7.527  1.00 108.47 ? 24 LEU B CA  1 
ATOM 761  C C   . LEU B 1 27 ? 2.520   -12.354 -7.447  1.00 109.80 ? 24 LEU B C   1 
ATOM 762  O O   . LEU B 1 27 ? 1.903   -11.997 -8.461  1.00 109.47 ? 24 LEU B O   1 
ATOM 763  C CB  . LEU B 1 27 ? 2.955   -14.785 -6.962  1.00 111.46 ? 24 LEU B CB  1 
ATOM 764  C CG  . LEU B 1 27 ? 3.666   -16.105 -7.288  1.00 107.05 ? 24 LEU B CG  1 
ATOM 765  C CD1 . LEU B 1 27 ? 3.125   -17.242 -6.431  1.00 102.36 ? 24 LEU B CD1 1 
ATOM 766  C CD2 . LEU B 1 27 ? 3.507   -16.442 -8.751  1.00 104.96 ? 24 LEU B CD2 1 
ATOM 767  N N   . LEU B 1 28 ? 2.352   -11.793 -6.249  1.00 108.69 ? 25 LEU B N   1 
ATOM 768  C CA  . LEU B 1 28 ? 1.381   -10.728 -5.988  1.00 104.72 ? 25 LEU B CA  1 
ATOM 769  C C   . LEU B 1 28 ? 1.874   -9.402  -6.534  1.00 99.94  ? 25 LEU B C   1 
ATOM 770  O O   . LEU B 1 28 ? 1.164   -8.411  -6.544  1.00 104.44 ? 25 LEU B O   1 
ATOM 771  C CB  . LEU B 1 28 ? 1.106   -10.612 -4.489  1.00 104.45 ? 25 LEU B CB  1 
ATOM 772  C CG  . LEU B 1 28 ? -0.076  -11.393 -3.904  1.00 117.63 ? 25 LEU B CG  1 
ATOM 773  C CD1 . LEU B 1 28 ? -0.312  -10.983 -2.458  1.00 120.78 ? 25 LEU B CD1 1 
ATOM 774  C CD2 . LEU B 1 28 ? -1.336  -11.150 -4.723  1.00 119.82 ? 25 LEU B CD2 1 
ATOM 775  N N   . ASN B 1 29 ? 3.085   -9.426  -7.057  1.00 97.51  ? 26 ASN B N   1 
ATOM 776  C CA  . ASN B 1 29 ? 3.725   -8.272  -7.642  1.00 104.47 ? 26 ASN B CA  1 
ATOM 777  C C   . ASN B 1 29 ? 3.145   -8.108  -9.037  1.00 104.96 ? 26 ASN B C   1 
ATOM 778  O O   . ASN B 1 29 ? 2.986   -7.000  -9.540  1.00 109.79 ? 26 ASN B O   1 
ATOM 779  C CB  . ASN B 1 29 ? 5.219   -8.584  -7.761  1.00 108.87 ? 26 ASN B CB  1 
ATOM 780  C CG  . ASN B 1 29 ? 6.076   -7.355  -7.904  1.00 120.06 ? 26 ASN B CG  1 
ATOM 781  O OD1 . ASN B 1 29 ? 5.868   -6.360  -7.191  1.00 132.07 ? 26 ASN B OD1 1 
ATOM 782  N ND2 . ASN B 1 29 ? 7.056   -7.410  -8.826  1.00 114.74 ? 26 ASN B ND2 1 
ATOM 783  N N   . LYS B 1 30 ? 2.775   -9.239  -9.633  1.00 104.22 ? 27 LYS B N   1 
ATOM 784  C CA  . LYS B 1 30 ? 2.240   -9.268  -10.985 1.00 99.59  ? 27 LYS B CA  1 
ATOM 785  C C   . LYS B 1 30 ? 0.763   -9.573  -10.970 1.00 97.37  ? 27 LYS B C   1 
ATOM 786  O O   . LYS B 1 30 ? 0.108   -9.589  -12.011 1.00 97.89  ? 27 LYS B O   1 
ATOM 787  C CB  . LYS B 1 30 ? 2.983   -10.302 -11.815 1.00 97.18  ? 27 LYS B CB  1 
ATOM 788  C CG  . LYS B 1 30 ? 3.702   -11.337 -11.003 1.00 96.78  ? 27 LYS B CG  1 
ATOM 789  C CD  . LYS B 1 30 ? 4.822   -11.942 -11.830 1.00 91.36  ? 27 LYS B CD  1 
ATOM 790  C CE  . LYS B 1 30 ? 6.188   -11.680 -11.198 1.00 100.04 ? 27 LYS B CE  1 
ATOM 791  N NZ  . LYS B 1 30 ? 7.342   -11.979 -12.087 1.00 98.30  ? 27 LYS B NZ  1 
ATOM 792  N N   . SER B 1 31 ? 0.233   -9.729  -9.763  1.00 99.99  ? 28 SER B N   1 
ATOM 793  C CA  . SER B 1 31 ? -1.173  -10.023 -9.557  1.00 103.59 ? 28 SER B CA  1 
ATOM 794  C C   . SER B 1 31 ? -2.096  -8.981  -10.177 1.00 100.24 ? 28 SER B C   1 
ATOM 795  O O   . SER B 1 31 ? -3.293  -9.215  -10.345 1.00 100.79 ? 28 SER B O   1 
ATOM 796  C CB  . SER B 1 31 ? -1.454  -10.154 -8.057  1.00 108.42 ? 28 SER B CB  1 
ATOM 797  O OG  . SER B 1 31 ? -2.820  -10.395 -7.800  1.00 120.60 ? 28 SER B OG  1 
ATOM 798  N N   . ASN B 1 32 ? -1.524  -7.853  -10.569 1.00 104.52 ? 29 ASN B N   1 
ATOM 799  C CA  . ASN B 1 32 ? -2.315  -6.744  -11.061 1.00 106.29 ? 29 ASN B CA  1 
ATOM 800  C C   . ASN B 1 32 ? -2.218  -6.622  -12.563 1.00 96.34  ? 29 ASN B C   1 
ATOM 801  O O   . ASN B 1 32 ? -3.111  -6.065  -13.199 1.00 95.78  ? 29 ASN B O   1 
ATOM 802  C CB  . ASN B 1 32 ? -1.812  -5.441  -10.440 1.00 102.24 ? 29 ASN B CB  1 
ATOM 803  C CG  . ASN B 1 32 ? -2.629  -5.015  -9.268  1.00 98.88  ? 29 ASN B CG  1 
ATOM 804  O OD1 . ASN B 1 32 ? -3.695  -5.577  -8.990  1.00 96.56  ? 29 ASN B OD1 1 
ATOM 805  N ND2 . ASN B 1 32 ? -2.180  -3.962  -8.607  1.00 104.21 ? 29 ASN B ND2 1 
ATOM 806  N N   . VAL B 1 33 ? -1.114  -7.136  -13.102 1.00 92.56  ? 30 VAL B N   1 
ATOM 807  C CA  . VAL B 1 33 ? -0.836  -7.127  -14.533 1.00 93.49  ? 30 VAL B CA  1 
ATOM 808  C C   . VAL B 1 33 ? -1.644  -8.276  -15.103 1.00 94.87  ? 30 VAL B C   1 
ATOM 809  O O   . VAL B 1 33 ? -2.233  -8.184  -16.186 1.00 94.95  ? 30 VAL B O   1 
ATOM 810  C CB  . VAL B 1 33 ? 0.697   -7.309  -14.813 1.00 96.24  ? 30 VAL B CB  1 
ATOM 811  C CG1 . VAL B 1 33 ? 0.976   -8.011  -16.156 1.00 93.59  ? 30 VAL B CG1 1 
ATOM 812  C CG2 . VAL B 1 33 ? 1.439   -5.951  -14.706 1.00 89.43  ? 30 VAL B CG2 1 
ATOM 813  N N   . TYR B 1 34 ? -1.730  -9.343  -14.320 1.00 94.67  ? 31 TYR B N   1 
ATOM 814  C CA  . TYR B 1 34 ? -2.472  -10.512 -14.746 1.00 93.08  ? 31 TYR B CA  1 
ATOM 815  C C   . TYR B 1 34 ? -3.959  -10.190 -14.675 1.00 95.00  ? 31 TYR B C   1 
ATOM 816  O O   . TYR B 1 34 ? -4.757  -10.668 -15.519 1.00 91.75  ? 31 TYR B O   1 
ATOM 817  C CB  . TYR B 1 34 ? -2.122  -11.720 -13.867 1.00 101.32 ? 31 TYR B CB  1 
ATOM 818  C CG  . TYR B 1 34 ? -0.963  -12.551 -14.400 1.00 104.72 ? 31 TYR B CG  1 
ATOM 819  C CD1 . TYR B 1 34 ? 0.369   -12.259 -14.045 1.00 104.22 ? 31 TYR B CD1 1 
ATOM 820  C CD2 . TYR B 1 34 ? -1.197  -13.624 -15.269 1.00 96.04  ? 31 TYR B CD2 1 
ATOM 821  C CE1 . TYR B 1 34 ? 1.433   -13.019 -14.540 1.00 103.20 ? 31 TYR B CE1 1 
ATOM 822  C CE2 . TYR B 1 34 ? -0.146  -14.387 -15.769 1.00 99.55  ? 31 TYR B CE2 1 
ATOM 823  C CZ  . TYR B 1 34 ? 1.159   -14.085 -15.401 1.00 103.56 ? 31 TYR B CZ  1 
ATOM 824  O OH  . TYR B 1 34 ? 2.177   -14.855 -15.899 1.00 97.63  ? 31 TYR B OH  1 
ATOM 825  N N   . ALA B 1 35 ? -4.330  -9.382  -13.672 1.00 92.95  ? 32 ALA B N   1 
ATOM 826  C CA  . ALA B 1 35 ? -5.702  -8.895  -13.547 1.00 90.93  ? 32 ALA B CA  1 
ATOM 827  C C   . ALA B 1 35 ? -6.094  -8.089  -14.788 1.00 89.73  ? 32 ALA B C   1 
ATOM 828  O O   . ALA B 1 35 ? -7.190  -8.241  -15.346 1.00 85.47  ? 32 ALA B O   1 
ATOM 829  C CB  . ALA B 1 35 ? -5.880  -8.080  -12.281 1.00 91.30  ? 32 ALA B CB  1 
ATOM 830  N N   . LEU B 1 36 ? -5.177  -7.228  -15.214 1.00 91.31  ? 33 LEU B N   1 
ATOM 831  C CA  . LEU B 1 36 ? -5.373  -6.429  -16.411 1.00 94.75  ? 33 LEU B CA  1 
ATOM 832  C C   . LEU B 1 36 ? -5.586  -7.284  -17.633 1.00 90.25  ? 33 LEU B C   1 
ATOM 833  O O   . LEU B 1 36 ? -6.509  -7.030  -18.395 1.00 91.61  ? 33 LEU B O   1 
ATOM 834  C CB  . LEU B 1 36 ? -4.215  -5.465  -16.653 1.00 93.54  ? 33 LEU B CB  1 
ATOM 835  C CG  . LEU B 1 36 ? -4.029  -4.377  -15.609 1.00 92.82  ? 33 LEU B CG  1 
ATOM 836  C CD1 . LEU B 1 36 ? -2.768  -3.576  -15.873 1.00 105.40 ? 33 LEU B CD1 1 
ATOM 837  C CD2 . LEU B 1 36 ? -5.222  -3.484  -15.645 1.00 90.78  ? 33 LEU B CD2 1 
ATOM 838  N N   . ALA B 1 37 ? -4.717  -8.274  -17.826 1.00 92.56  ? 34 ALA B N   1 
ATOM 839  C CA  . ALA B 1 37 ? -4.824  -9.173  -18.978 1.00 93.11  ? 34 ALA B CA  1 
ATOM 840  C C   . ALA B 1 37 ? -6.021  -10.156 -19.021 1.00 90.75  ? 34 ALA B C   1 
ATOM 841  O O   . ALA B 1 37 ? -6.458  -10.565 -20.097 1.00 95.04  ? 34 ALA B O   1 
ATOM 842  C CB  . ALA B 1 37 ? -3.598  -10.073 -19.066 1.00 86.21  ? 34 ALA B CB  1 
ATOM 843  N N   . ALA B 1 38 ? -6.566  -10.522 -17.868 1.00 86.01  ? 35 ALA B N   1 
ATOM 844  C CA  . ALA B 1 38 ? -7.835  -11.264 -17.832 1.00 91.81  ? 35 ALA B CA  1 
ATOM 845  C C   . ALA B 1 38 ? -9.076  -10.451 -18.260 1.00 92.61  ? 35 ALA B C   1 
ATOM 846  O O   . ALA B 1 38 ? -10.188 -11.007 -18.380 1.00 100.97 ? 35 ALA B O   1 
ATOM 847  C CB  . ALA B 1 38 ? -7.974  -12.027 -16.518 1.00 101.66 ? 35 ALA B CB  1 
ATOM 848  N N   . GLY B 1 39 ? -8.887  -9.144  -18.440 1.00 92.43  ? 36 GLY B N   1 
ATOM 849  C CA  . GLY B 1 39 ? -9.965  -8.211  -18.735 1.00 97.45  ? 36 GLY B CA  1 
ATOM 850  C C   . GLY B 1 39 ? -10.492 -8.372  -20.152 1.00 101.86 ? 36 GLY B C   1 
ATOM 851  O O   . GLY B 1 39 ? -11.371 -7.621  -20.583 1.00 102.87 ? 36 GLY B O   1 
ATOM 852  N N   . SER B 1 40 ? -9.941  -9.349  -20.878 1.00 103.99 ? 37 SER B N   1 
ATOM 853  C CA  . SER B 1 40 ? -10.445 -9.739  -22.194 1.00 94.03  ? 37 SER B CA  1 
ATOM 854  C C   . SER B 1 40 ? -10.991 -11.138 -22.083 1.00 100.42 ? 37 SER B C   1 
ATOM 855  O O   . SER B 1 40 ? -11.209 -11.816 -23.099 1.00 109.55 ? 37 SER B O   1 
ATOM 856  C CB  . SER B 1 40 ? -9.325  -9.766  -23.233 1.00 85.63  ? 37 SER B CB  1 
ATOM 857  O OG  . SER B 1 40 ? -8.499  -8.633  -23.151 1.00 96.45  ? 37 SER B OG  1 
ATOM 858  N N   . LEU B 1 41 ? -11.246 -11.573 -20.855 1.00 93.09  ? 38 LEU B N   1 
ATOM 859  C CA  . LEU B 1 41 ? -11.611 -12.962 -20.644 1.00 91.69  ? 38 LEU B CA  1 
ATOM 860  C C   . LEU B 1 41 ? -12.908 -13.013 -19.873 1.00 98.85  ? 38 LEU B C   1 
ATOM 861  O O   . LEU B 1 41 ? -13.495 -11.968 -19.557 1.00 105.93 ? 38 LEU B O   1 
ATOM 862  C CB  . LEU B 1 41 ? -10.487 -13.717 -19.931 1.00 87.49  ? 38 LEU B CB  1 
ATOM 863  C CG  . LEU B 1 41 ? -9.127  -13.644 -20.643 1.00 91.67  ? 38 LEU B CG  1 
ATOM 864  C CD1 . LEU B 1 41 ? -8.024  -14.355 -19.869 1.00 93.78  ? 38 LEU B CD1 1 
ATOM 865  C CD2 . LEU B 1 41 ? -9.187  -14.187 -22.098 1.00 91.54  ? 38 LEU B CD2 1 
ATOM 866  N N   . ASN B 1 42 ? -13.399 -14.219 -19.631 1.00 99.32  ? 39 ASN B N   1 
ATOM 867  C CA  . ASN B 1 42 ? -14.541 -14.374 -18.766 1.00 104.38 ? 39 ASN B CA  1 
ATOM 868  C C   . ASN B 1 42 ? -14.218 -13.730 -17.438 1.00 111.60 ? 39 ASN B C   1 
ATOM 869  O O   . ASN B 1 42 ? -13.086 -13.862 -16.949 1.00 109.17 ? 39 ASN B O   1 
ATOM 870  C CB  . ASN B 1 42 ? -14.823 -15.850 -18.523 1.00 107.88 ? 39 ASN B CB  1 
ATOM 871  C CG  . ASN B 1 42 ? -16.104 -16.061 -17.745 1.00 119.96 ? 39 ASN B CG  1 
ATOM 872  O OD1 . ASN B 1 42 ? -16.106 -16.075 -16.509 1.00 118.19 ? 39 ASN B OD1 1 
ATOM 873  N ND2 . ASN B 1 42 ? -17.203 -16.243 -18.464 1.00 130.33 ? 39 ASN B ND2 1 
ATOM 874  N N   . PRO B 1 43 ? -15.205 -13.043 -16.838 1.00 114.07 ? 40 PRO B N   1 
ATOM 875  C CA  . PRO B 1 43 ? -15.086 -12.512 -15.472 1.00 117.60 ? 40 PRO B CA  1 
ATOM 876  C C   . PRO B 1 43 ? -14.531 -13.502 -14.429 1.00 114.20 ? 40 PRO B C   1 
ATOM 877  O O   . PRO B 1 43 ? -13.909 -13.046 -13.463 1.00 113.73 ? 40 PRO B O   1 
ATOM 878  C CB  . PRO B 1 43 ? -16.517 -12.085 -15.159 1.00 121.87 ? 40 PRO B CB  1 
ATOM 879  C CG  . PRO B 1 43 ? -16.986 -11.530 -16.478 1.00 118.05 ? 40 PRO B CG  1 
ATOM 880  C CD  . PRO B 1 43 ? -16.309 -12.390 -17.566 1.00 114.21 ? 40 PRO B CD  1 
ATOM 881  N N   . TYR B 1 44 ? -14.743 -14.807 -14.619 1.00 110.69 ? 41 TYR B N   1 
ATOM 882  C CA  . TYR B 1 44 ? -14.112 -15.837 -13.787 1.00 107.59 ? 41 TYR B CA  1 
ATOM 883  C C   . TYR B 1 44 ? -12.623 -15.585 -13.462 1.00 109.05 ? 41 TYR B C   1 
ATOM 884  O O   . TYR B 1 44 ? -12.197 -15.735 -12.310 1.00 112.21 ? 41 TYR B O   1 
ATOM 885  C CB  . TYR B 1 44 ? -14.264 -17.224 -14.425 1.00 96.81  ? 41 TYR B CB  1 
ATOM 886  C CG  . TYR B 1 44 ? -13.379 -18.281 -13.787 1.00 95.92  ? 41 TYR B CG  1 
ATOM 887  C CD1 . TYR B 1 44 ? -13.815 -19.032 -12.691 1.00 95.77  ? 41 TYR B CD1 1 
ATOM 888  C CD2 . TYR B 1 44 ? -12.089 -18.533 -14.278 1.00 101.33 ? 41 TYR B CD2 1 
ATOM 889  C CE1 . TYR B 1 44 ? -12.989 -20.011 -12.109 1.00 91.47  ? 41 TYR B CE1 1 
ATOM 890  C CE2 . TYR B 1 44 ? -11.258 -19.507 -13.702 1.00 98.64  ? 41 TYR B CE2 1 
ATOM 891  C CZ  . TYR B 1 44 ? -11.713 -20.239 -12.625 1.00 89.29  ? 41 TYR B CZ  1 
ATOM 892  O OH  . TYR B 1 44 ? -10.882 -21.184 -12.077 1.00 80.29  ? 41 TYR B OH  1 
ATOM 893  N N   . TYR B 1 45 ? -11.832 -15.214 -14.468 1.00 106.44 ? 42 TYR B N   1 
ATOM 894  C CA  . TYR B 1 45 ? -10.380 -15.121 -14.285 1.00 104.37 ? 42 TYR B CA  1 
ATOM 895  C C   . TYR B 1 45 ? -9.968  -13.962 -13.378 1.00 108.31 ? 42 TYR B C   1 
ATOM 896  O O   . TYR B 1 45 ? -9.231  -14.163 -12.403 1.00 114.27 ? 42 TYR B O   1 
ATOM 897  C CB  . TYR B 1 45 ? -9.646  -15.088 -15.641 1.00 103.89 ? 42 TYR B CB  1 
ATOM 898  C CG  . TYR B 1 45 ? -9.845  -16.370 -16.437 1.00 105.35 ? 42 TYR B CG  1 
ATOM 899  C CD1 . TYR B 1 45 ? -9.033  -17.476 -16.206 1.00 101.15 ? 42 TYR B CD1 1 
ATOM 900  C CD2 . TYR B 1 45 ? -10.850 -16.481 -17.396 1.00 102.98 ? 42 TYR B CD2 1 
ATOM 901  C CE1 . TYR B 1 45 ? -9.210  -18.637 -16.889 1.00 98.77  ? 42 TYR B CE1 1 
ATOM 902  C CE2 . TYR B 1 45 ? -11.036 -17.660 -18.096 1.00 103.28 ? 42 TYR B CE2 1 
ATOM 903  C CZ  . TYR B 1 45 ? -10.205 -18.736 -17.832 1.00 99.82  ? 42 TYR B CZ  1 
ATOM 904  O OH  . TYR B 1 45 ? -10.340 -19.924 -18.503 1.00 98.31  ? 42 TYR B OH  1 
ATOM 905  N N   . LYS B 1 46 ? -10.490 -12.771 -13.664 1.00 108.74 ? 43 LYS B N   1 
ATOM 906  C CA  . LYS B 1 46 ? -10.255 -11.622 -12.802 1.00 107.81 ? 43 LYS B CA  1 
ATOM 907  C C   . LYS B 1 46 ? -10.780 -11.937 -11.412 1.00 108.36 ? 43 LYS B C   1 
ATOM 908  O O   . LYS B 1 46 ? -10.032 -11.859 -10.455 1.00 110.91 ? 43 LYS B O   1 
ATOM 909  C CB  . LYS B 1 46 ? -10.959 -10.363 -13.318 1.00 113.54 ? 43 LYS B CB  1 
ATOM 910  C CG  . LYS B 1 46 ? -10.697 -9.102  -12.502 1.00 120.99 ? 43 LYS B CG  1 
ATOM 911  C CD  . LYS B 1 46 ? -11.385 -7.868  -13.090 1.00 118.19 ? 43 LYS B CD  1 
ATOM 912  C CE  . LYS B 1 46 ? -11.118 -6.624  -12.231 1.00 129.54 ? 43 LYS B CE  1 
ATOM 913  N NZ  . LYS B 1 46 ? -11.779 -5.375  -12.768 1.00 125.10 ? 43 LYS B NZ  1 
ATOM 914  N N   . ARG B 1 47 ? -12.056 -12.321 -11.314 1.00 108.98 ? 44 ARG B N   1 
ATOM 915  C CA  . ARG B 1 47 ? -12.681 -12.649 -10.026 1.00 110.80 ? 44 ARG B CA  1 
ATOM 916  C C   . ARG B 1 47 ? -11.831 -13.601 -9.177  1.00 113.51 ? 44 ARG B C   1 
ATOM 917  O O   . ARG B 1 47 ? -11.761 -13.471 -7.949  1.00 121.60 ? 44 ARG B O   1 
ATOM 918  C CB  . ARG B 1 47 ? -14.078 -13.231 -10.259 1.00 113.95 ? 44 ARG B CB  1 
ATOM 919  C CG  . ARG B 1 47 ? -14.742 -13.843 -9.038  1.00 119.76 ? 44 ARG B CG  1 
ATOM 920  C CD  . ARG B 1 47 ? -16.267 -13.737 -9.124  1.00 124.96 ? 44 ARG B CD  1 
ATOM 921  N NE  . ARG B 1 47 ? -16.810 -14.089 -10.443 1.00 135.18 ? 44 ARG B NE  1 
ATOM 922  C CZ  . ARG B 1 47 ? -16.909 -15.329 -10.932 1.00 136.09 ? 44 ARG B CZ  1 
ATOM 923  N NH1 . ARG B 1 47 ? -16.499 -16.376 -10.218 1.00 135.19 ? 44 ARG B NH1 1 
ATOM 924  N NH2 . ARG B 1 47 ? -17.426 -15.525 -12.143 1.00 126.50 ? 44 ARG B NH2 1 
ATOM 925  N N   . THR B 1 48 ? -11.116 -14.494 -9.847  1.00 110.90 ? 45 THR B N   1 
ATOM 926  C CA  . THR B 1 48 ? -10.350 -15.543 -9.181  1.00 115.85 ? 45 THR B CA  1 
ATOM 927  C C   . THR B 1 48 ? -8.976  -14.988 -8.765  1.00 114.83 ? 45 THR B C   1 
ATOM 928  O O   . THR B 1 48 ? -8.357  -15.477 -7.816  1.00 114.51 ? 45 THR B O   1 
ATOM 929  C CB  . THR B 1 48 ? -10.231 -16.792 -10.134 1.00 107.87 ? 45 THR B CB  1 
ATOM 930  O OG1 . THR B 1 48 ? -11.517 -17.413 -10.269 1.00 103.56 ? 45 THR B OG1 1 
ATOM 931  C CG2 . THR B 1 48 ? -9.197  -17.820 -9.659  1.00 103.12 ? 45 THR B CG2 1 
ATOM 932  N N   . ILE B 1 49 ? -8.532  -13.923 -9.435  1.00 113.78 ? 46 ILE B N   1 
ATOM 933  C CA  . ILE B 1 49 ? -7.378  -13.164 -8.941  1.00 115.31 ? 46 ILE B CA  1 
ATOM 934  C C   . ILE B 1 49 ? -7.756  -12.280 -7.745  1.00 118.24 ? 46 ILE B C   1 
ATOM 935  O O   . ILE B 1 49 ? -7.053  -12.268 -6.729  1.00 123.80 ? 46 ILE B O   1 
ATOM 936  C CB  . ILE B 1 49 ? -6.764  -12.249 -10.029 1.00 107.42 ? 46 ILE B CB  1 
ATOM 937  C CG1 . ILE B 1 49 ? -6.153  -13.096 -11.158 1.00 100.20 ? 46 ILE B CG1 1 
ATOM 938  C CG2 . ILE B 1 49 ? -5.754  -11.300 -9.396  1.00 108.06 ? 46 ILE B CG2 1 
ATOM 939  C CD1 . ILE B 1 49 ? -5.739  -12.370 -12.419 1.00 94.62  ? 46 ILE B CD1 1 
ATOM 940  N N   . MET B 1 50 ? -8.840  -11.521 -7.890  1.00 115.78 ? 47 MET B N   1 
ATOM 941  C CA  . MET B 1 50 ? -9.398  -10.714 -6.814  1.00 114.96 ? 47 MET B CA  1 
ATOM 942  C C   . MET B 1 50 ? -9.543  -11.519 -5.527  1.00 119.38 ? 47 MET B C   1 
ATOM 943  O O   . MET B 1 50 ? -9.234  -11.010 -4.446  1.00 125.44 ? 47 MET B O   1 
ATOM 944  C CB  . MET B 1 50 ? -10.760 -10.131 -7.219  1.00 115.08 ? 47 MET B CB  1 
ATOM 945  C CG  . MET B 1 50 ? -10.808 -9.526  -8.628  1.00 122.36 ? 47 MET B CG  1 
ATOM 946  S SD  . MET B 1 50 ? -10.639 -7.736  -8.730  1.00 139.01 ? 47 MET B SD  1 
ATOM 947  C CE  . MET B 1 50 ? -8.854  -7.525  -8.650  1.00 127.94 ? 47 MET B CE  1 
ATOM 948  N N   . MET B 1 51 ? -9.975  -12.777 -5.631  1.00 121.67 ? 48 MET B N   1 
ATOM 949  C CA  . MET B 1 51 ? -10.219 -13.556 -4.400  1.00 128.34 ? 48 MET B CA  1 
ATOM 950  C C   . MET B 1 51 ? -9.078  -14.487 -3.961  1.00 129.16 ? 48 MET B C   1 
ATOM 951  O O   . MET B 1 51 ? -9.257  -15.343 -3.096  1.00 131.88 ? 48 MET B O   1 
ATOM 952  C CB  . MET B 1 51 ? -11.562 -14.303 -4.451  1.00 129.76 ? 48 MET B CB  1 
ATOM 953  C CG  . MET B 1 51 ? -11.646 -15.400 -5.494  1.00 132.51 ? 48 MET B CG  1 
ATOM 954  S SD  . MET B 1 51 ? -13.328 -16.040 -5.675  1.00 153.33 ? 48 MET B SD  1 
ATOM 955  C CE  . MET B 1 51 ? -13.074 -17.371 -6.853  1.00 135.76 ? 48 MET B CE  1 
ATOM 956  N N   . ASN B 1 52 ? -7.901  -14.297 -4.544  1.00 127.98 ? 49 ASN B N   1 
ATOM 957  C CA  . ASN B 1 52 ? -6.718  -15.067 -4.193  1.00 124.22 ? 49 ASN B CA  1 
ATOM 958  C C   . ASN B 1 52 ? -5.705  -14.097 -3.641  1.00 122.77 ? 49 ASN B C   1 
ATOM 959  O O   . ASN B 1 52 ? -4.847  -14.470 -2.828  1.00 128.03 ? 49 ASN B O   1 
ATOM 960  C CB  . ASN B 1 52 ? -6.128  -15.746 -5.435  1.00 126.19 ? 49 ASN B CB  1 
ATOM 961  C CG  . ASN B 1 52 ? -6.443  -17.238 -5.502  1.00 126.66 ? 49 ASN B CG  1 
ATOM 962  O OD1 . ASN B 1 52 ? -6.126  -17.980 -4.567  1.00 129.09 ? 49 ASN B OD1 1 
ATOM 963  N ND2 . ASN B 1 52 ? -7.032  -17.689 -6.622  1.00 116.49 ? 49 ASN B ND2 1 
ATOM 964  N N   . GLU B 1 53 ? -5.818  -12.847 -4.098  1.00 124.85 ? 50 GLU B N   1 
ATOM 965  C CA  . GLU B 1 53 ? -5.057  -11.728 -3.552  1.00 123.62 ? 50 GLU B CA  1 
ATOM 966  C C   . GLU B 1 53 ? -5.391  -11.574 -2.070  1.00 124.88 ? 50 GLU B C   1 
ATOM 967  O O   . GLU B 1 53 ? -4.498  -11.471 -1.232  1.00 125.98 ? 50 GLU B O   1 
ATOM 968  C CB  . GLU B 1 53 ? -5.411  -10.436 -4.290  1.00 121.86 ? 50 GLU B CB  1 
ATOM 969  C CG  . GLU B 1 53 ? -4.810  -10.303 -5.682  1.00 121.96 ? 50 GLU B CG  1 
ATOM 970  C CD  . GLU B 1 53 ? -5.059  -8.927  -6.306  1.00 129.00 ? 50 GLU B CD  1 
ATOM 971  O OE1 . GLU B 1 53 ? -4.801  -7.910  -5.616  1.00 134.66 ? 50 GLU B OE1 1 
ATOM 972  O OE2 . GLU B 1 53 ? -5.493  -8.859  -7.488  1.00 124.56 ? 50 GLU B OE2 1 
ATOM 973  N N   . TYR B 1 54 ? -6.683  -11.584 -1.766  1.00 127.79 ? 51 TYR B N   1 
ATOM 974  C CA  . TYR B 1 54 ? -7.178  -11.521 -0.402  1.00 130.16 ? 51 TYR B CA  1 
ATOM 975  C C   . TYR B 1 54 ? -6.557  -12.536 0.564   1.00 134.13 ? 51 TYR B C   1 
ATOM 976  O O   . TYR B 1 54 ? -5.903  -12.151 1.556   1.00 137.36 ? 51 TYR B O   1 
ATOM 977  C CB  . TYR B 1 54 ? -8.703  -11.709 -0.379  1.00 134.43 ? 51 TYR B CB  1 
ATOM 978  C CG  . TYR B 1 54 ? -9.270  -11.756 1.022   1.00 150.65 ? 51 TYR B CG  1 
ATOM 979  C CD1 . TYR B 1 54 ? -9.453  -10.584 1.762   1.00 151.61 ? 51 TYR B CD1 1 
ATOM 980  C CD2 . TYR B 1 54 ? -9.608  -12.974 1.622   1.00 153.04 ? 51 TYR B CD2 1 
ATOM 981  C CE1 . TYR B 1 54 ? -9.960  -10.620 3.058   1.00 154.12 ? 51 TYR B CE1 1 
ATOM 982  C CE2 . TYR B 1 54 ? -10.115 -13.019 2.917   1.00 155.52 ? 51 TYR B CE2 1 
ATOM 983  C CZ  . TYR B 1 54 ? -10.290 -11.841 3.632   1.00 157.70 ? 51 TYR B CZ  1 
ATOM 984  O OH  . TYR B 1 54 ? -10.795 -11.883 4.919   1.00 157.05 ? 51 TYR B OH  1 
ATOM 985  N N   . ARG B 1 55 ? -6.792  -13.821 0.294   1.00 135.21 ? 52 ARG B N   1 
ATOM 986  C CA  . ARG B 1 55 ? -6.124  -14.931 0.984   1.00 135.20 ? 52 ARG B CA  1 
ATOM 987  C C   . ARG B 1 55 ? -4.615  -14.747 1.150   1.00 133.49 ? 52 ARG B C   1 
ATOM 988  O O   . ARG B 1 55 ? -4.100  -14.830 2.268   1.00 132.34 ? 52 ARG B O   1 
ATOM 989  C CB  . ARG B 1 55 ? -6.418  -16.263 0.303   1.00 125.02 ? 52 ARG B CB  1 
ATOM 990  C CG  . ARG B 1 55 ? -7.876  -16.487 0.017   1.00 127.59 ? 52 ARG B CG  1 
ATOM 991  C CD  . ARG B 1 55 ? -8.162  -17.964 -0.094  1.00 138.44 ? 52 ARG B CD  1 
ATOM 992  N NE  . ARG B 1 55 ? -9.591  -18.264 -0.079  1.00 153.02 ? 52 ARG B NE  1 
ATOM 993  C CZ  . ARG B 1 55 ? -10.266 -18.705 -1.139  1.00 155.36 ? 52 ARG B CZ  1 
ATOM 994  N NH1 . ARG B 1 55 ? -9.640  -18.879 -2.298  1.00 149.19 ? 52 ARG B NH1 1 
ATOM 995  N NH2 . ARG B 1 55 ? -11.564 -18.965 -1.048  1.00 155.28 ? 52 ARG B NH2 1 
ATOM 996  N N   . ALA B 1 56 ? -3.913  -14.482 0.049   1.00 131.74 ? 53 ALA B N   1 
ATOM 997  C CA  . ALA B 1 56 ? -2.462  -14.310 0.127   1.00 132.52 ? 53 ALA B CA  1 
ATOM 998  C C   . ALA B 1 56 ? -2.056  -13.206 1.119   1.00 136.06 ? 53 ALA B C   1 
ATOM 999  O O   . ALA B 1 56 ? -1.157  -13.414 1.944   1.00 141.58 ? 53 ALA B O   1 
ATOM 1000 C CB  . ALA B 1 56 ? -1.872  -14.041 -1.251  1.00 127.74 ? 53 ALA B CB  1 
ATOM 1001 N N   . LYS B 1 57 ? -2.725  -12.049 1.052   1.00 136.09 ? 54 LYS B N   1 
ATOM 1002 C CA  . LYS B 1 57 ? -2.415  -10.915 1.944   1.00 134.61 ? 54 LYS B CA  1 
ATOM 1003 C C   . LYS B 1 57 ? -2.661  -11.208 3.434   1.00 134.63 ? 54 LYS B C   1 
ATOM 1004 O O   . LYS B 1 57 ? -1.781  -10.964 4.289   1.00 127.69 ? 54 LYS B O   1 
ATOM 1005 C CB  . LYS B 1 57 ? -3.173  -9.654  1.498   1.00 131.81 ? 54 LYS B CB  1 
ATOM 1006 C CG  . LYS B 1 57 ? -2.690  -9.107  0.151   1.00 134.09 ? 54 LYS B CG  1 
ATOM 1007 C CD  . LYS B 1 57 ? -3.544  -7.961  -0.378  1.00 135.06 ? 54 LYS B CD  1 
ATOM 1008 C CE  . LYS B 1 57 ? -3.035  -7.505  -1.741  1.00 133.77 ? 54 LYS B CE  1 
ATOM 1009 N NZ  . LYS B 1 57 ? -3.937  -6.518  -2.409  1.00 127.91 ? 54 LYS B NZ  1 
ATOM 1010 N N   . ALA B 1 58 ? -3.835  -11.756 3.740   1.00 136.62 ? 55 ALA B N   1 
ATOM 1011 C CA  . ALA B 1 58 ? -4.130  -12.099 5.129   1.00 136.71 ? 55 ALA B CA  1 
ATOM 1012 C C   . ALA B 1 58 ? -3.078  -13.090 5.609   1.00 141.49 ? 55 ALA B C   1 
ATOM 1013 O O   . ALA B 1 58 ? -2.469  -12.903 6.664   1.00 140.51 ? 55 ALA B O   1 
ATOM 1014 C CB  . ALA B 1 58 ? -5.517  -12.698 5.253   1.00 134.08 ? 55 ALA B CB  1 
ATOM 1015 N N   . ALA B 1 59 ? -2.831  -14.105 4.783   1.00 142.13 ? 56 ALA B N   1 
ATOM 1016 C CA  . ALA B 1 59 ? -1.881  -15.173 5.092   1.00 137.39 ? 56 ALA B CA  1 
ATOM 1017 C C   . ALA B 1 59 ? -0.472  -14.667 5.384   1.00 136.43 ? 56 ALA B C   1 
ATOM 1018 O O   . ALA B 1 59 ? 0.209   -15.217 6.248   1.00 138.71 ? 56 ALA B O   1 
ATOM 1019 C CB  . ALA B 1 59 ? -1.838  -16.182 3.958   1.00 134.59 ? 56 ALA B CB  1 
ATOM 1020 N N   . LEU B 1 60 ? -0.022  -13.648 4.643   1.00 137.72 ? 57 LEU B N   1 
ATOM 1021 C CA  . LEU B 1 60 ? 1.264   -13.001 4.945   1.00 140.82 ? 57 LEU B CA  1 
ATOM 1022 C C   . LEU B 1 60 ? 1.243   -12.248 6.268   1.00 141.72 ? 57 LEU B C   1 
ATOM 1023 O O   . LEU B 1 60 ? 2.248   -12.209 6.997   1.00 134.06 ? 57 LEU B O   1 
ATOM 1024 C CB  . LEU B 1 60 ? 1.720   -12.037 3.842   1.00 136.75 ? 57 LEU B CB  1 
ATOM 1025 C CG  . LEU B 1 60 ? 2.436   -12.594 2.616   1.00 134.98 ? 57 LEU B CG  1 
ATOM 1026 C CD1 . LEU B 1 60 ? 3.379   -11.521 2.074   1.00 130.48 ? 57 LEU B CD1 1 
ATOM 1027 C CD2 . LEU B 1 60 ? 3.185   -13.879 2.944   1.00 133.51 ? 57 LEU B CD2 1 
ATOM 1028 N N   . LYS B 1 61 ? 0.099   -11.626 6.548   1.00 143.90 ? 58 LYS B N   1 
ATOM 1029 C CA  . LYS B 1 61 ? -0.076  -10.870 7.783   1.00 142.01 ? 58 LYS B CA  1 
ATOM 1030 C C   . LYS B 1 61 ? -0.080  -11.731 9.057   1.00 146.09 ? 58 LYS B C   1 
ATOM 1031 O O   . LYS B 1 61 ? 0.534   -11.350 10.052  1.00 150.53 ? 58 LYS B O   1 
ATOM 1032 C CB  . LYS B 1 61 ? -1.314  -9.975  7.689   1.00 139.58 ? 58 LYS B CB  1 
ATOM 1033 C CG  . LYS B 1 61 ? -1.248  -8.766  8.582   1.00 140.07 ? 58 LYS B CG  1 
ATOM 1034 C CD  . LYS B 1 61 ? -2.100  -7.636  8.058   1.00 132.49 ? 58 LYS B CD  1 
ATOM 1035 C CE  . LYS B 1 61 ? -1.464  -7.020  6.830   1.00 126.44 ? 58 LYS B CE  1 
ATOM 1036 N NZ  . LYS B 1 61 ? -2.002  -5.654  6.598   1.00 128.09 ? 58 LYS B NZ  1 
ATOM 1037 N N   . LYS B 1 62 ? -0.755  -12.880 9.031   1.00 141.87 ? 59 LYS B N   1 
ATOM 1038 C CA  . LYS B 1 62 ? -0.740  -13.778 10.193  1.00 141.96 ? 59 LYS B CA  1 
ATOM 1039 C C   . LYS B 1 62 ? 0.429   -14.773 10.170  1.00 140.39 ? 59 LYS B C   1 
ATOM 1040 O O   . LYS B 1 62 ? 0.561   -15.608 11.068  1.00 141.13 ? 59 LYS B O   1 
ATOM 1041 C CB  . LYS B 1 62 ? -2.074  -14.528 10.353  1.00 142.95 ? 59 LYS B CB  1 
ATOM 1042 C CG  . LYS B 1 62 ? -3.269  -13.661 10.717  1.00 152.96 ? 59 LYS B CG  1 
ATOM 1043 C CD  . LYS B 1 62 ? -4.554  -14.490 10.829  1.00 154.97 ? 59 LYS B CD  1 
ATOM 1044 C CE  . LYS B 1 62 ? -5.761  -13.630 11.219  1.00 157.45 ? 59 LYS B CE  1 
ATOM 1045 N NZ  . LYS B 1 62 ? -7.029  -14.417 11.312  1.00 158.16 ? 59 LYS B NZ  1 
ATOM 1046 N N   . ASN B 1 63 ? 1.253   -14.666 9.126   1.00 139.83 ? 60 ASN B N   1 
ATOM 1047 C CA  . ASN B 1 63 ? 2.391   -15.561 8.857   1.00 143.93 ? 60 ASN B CA  1 
ATOM 1048 C C   . ASN B 1 63 ? 2.074   -17.066 8.932   1.00 145.98 ? 60 ASN B C   1 
ATOM 1049 O O   . ASN B 1 63 ? 2.930   -17.865 9.287   1.00 145.79 ? 60 ASN B O   1 
ATOM 1050 C CB  . ASN B 1 63 ? 3.620   -15.225 9.728   1.00 140.21 ? 60 ASN B CB  1 
ATOM 1051 C CG  . ASN B 1 63 ? 4.912   -15.875 9.199   1.00 140.79 ? 60 ASN B CG  1 
ATOM 1052 O OD1 . ASN B 1 63 ? 5.696   -15.248 8.489   1.00 139.60 ? 60 ASN B OD1 1 
ATOM 1053 N ND2 . ASN B 1 63 ? 5.113   -17.149 9.526   1.00 141.20 ? 60 ASN B ND2 1 
ATOM 1054 N N   . ASP B 1 64 ? 0.854   -17.451 8.578   1.00 145.06 ? 61 ASP B N   1 
ATOM 1055 C CA  . ASP B 1 64 ? 0.470   -18.860 8.596   1.00 144.04 ? 61 ASP B CA  1 
ATOM 1056 C C   . ASP B 1 64 ? 1.114   -19.541 7.388   1.00 140.18 ? 61 ASP B C   1 
ATOM 1057 O O   . ASP B 1 64 ? 1.027   -19.029 6.281   1.00 138.79 ? 61 ASP B O   1 
ATOM 1058 C CB  . ASP B 1 64 ? -1.060  -18.968 8.553   1.00 140.74 ? 61 ASP B CB  1 
ATOM 1059 C CG  . ASP B 1 64 ? -1.565  -20.401 8.513   1.00 142.37 ? 61 ASP B CG  1 
ATOM 1060 O OD1 . ASP B 1 64 ? -0.883  -21.310 7.985   1.00 137.92 ? 61 ASP B OD1 1 
ATOM 1061 O OD2 . ASP B 1 64 ? -2.678  -20.620 9.030   1.00 151.01 ? 61 ASP B OD2 1 
ATOM 1062 N N   . PHE B 1 65 ? 1.737   -20.700 7.593   1.00 138.71 ? 62 PHE B N   1 
ATOM 1063 C CA  . PHE B 1 65 ? 2.389   -21.412 6.489   1.00 135.03 ? 62 PHE B CA  1 
ATOM 1064 C C   . PHE B 1 65 ? 1.401   -21.970 5.460   1.00 134.15 ? 62 PHE B C   1 
ATOM 1065 O O   . PHE B 1 65 ? 1.542   -21.730 4.260   1.00 132.91 ? 62 PHE B O   1 
ATOM 1066 C CB  . PHE B 1 65 ? 3.274   -22.548 7.017   1.00 128.82 ? 62 PHE B CB  1 
ATOM 1067 C CG  . PHE B 1 65 ? 3.924   -23.380 5.930   1.00 132.70 ? 62 PHE B CG  1 
ATOM 1068 C CD1 . PHE B 1 65 ? 5.088   -22.946 5.306   1.00 136.81 ? 62 PHE B CD1 1 
ATOM 1069 C CD2 . PHE B 1 65 ? 3.383   -24.601 5.548   1.00 131.92 ? 62 PHE B CD2 1 
ATOM 1070 C CE1 . PHE B 1 65 ? 5.693   -23.715 4.313   1.00 138.98 ? 62 PHE B CE1 1 
ATOM 1071 C CE2 . PHE B 1 65 ? 3.984   -25.370 4.557   1.00 132.55 ? 62 PHE B CE2 1 
ATOM 1072 C CZ  . PHE B 1 65 ? 5.138   -24.928 3.938   1.00 136.05 ? 62 PHE B CZ  1 
ATOM 1073 N N   . VAL B 1 66 ? 0.399   -22.701 5.937   1.00 136.40 ? 63 VAL B N   1 
ATOM 1074 C CA  . VAL B 1 66 ? -0.489  -23.450 5.044   1.00 137.62 ? 63 VAL B CA  1 
ATOM 1075 C C   . VAL B 1 66 ? -1.331  -22.561 4.127   1.00 133.60 ? 63 VAL B C   1 
ATOM 1076 O O   . VAL B 1 66 ? -1.596  -22.920 2.967   1.00 130.37 ? 63 VAL B O   1 
ATOM 1077 C CB  . VAL B 1 66 ? -1.418  -24.425 5.808   1.00 140.07 ? 63 VAL B CB  1 
ATOM 1078 C CG1 . VAL B 1 66 ? -1.665  -25.702 4.976   1.00 136.02 ? 63 VAL B CG1 1 
ATOM 1079 C CG2 . VAL B 1 66 ? -0.842  -24.753 7.187   1.00 142.43 ? 63 VAL B CG2 1 
ATOM 1080 N N   . SER B 1 67 ? -1.741  -21.404 4.640   1.00 135.28 ? 64 SER B N   1 
ATOM 1081 C CA  . SER B 1 67 ? -2.522  -20.461 3.846   1.00 131.85 ? 64 SER B CA  1 
ATOM 1082 C C   . SER B 1 67 ? -1.639  -19.833 2.775   1.00 126.68 ? 64 SER B C   1 
ATOM 1083 O O   . SER B 1 67 ? -2.090  -19.584 1.648   1.00 126.90 ? 64 SER B O   1 
ATOM 1084 C CB  . SER B 1 67 ? -3.142  -19.382 4.739   1.00 142.70 ? 64 SER B CB  1 
ATOM 1085 O OG  . SER B 1 67 ? -4.165  -19.925 5.556   1.00 152.53 ? 64 SER B OG  1 
ATOM 1086 N N   . MET B 1 68 ? -0.368  -19.629 3.117   1.00 126.41 ? 65 MET B N   1 
ATOM 1087 C CA  . MET B 1 68 ? 0.607   -19.088 2.174   1.00 128.31 ? 65 MET B CA  1 
ATOM 1088 C C   . MET B 1 68 ? 0.886   -20.070 1.017   1.00 125.49 ? 65 MET B C   1 
ATOM 1089 O O   . MET B 1 68 ? 0.901   -19.676 -0.158  1.00 123.21 ? 65 MET B O   1 
ATOM 1090 C CB  . MET B 1 68 ? 1.901   -18.721 2.915   1.00 129.83 ? 65 MET B CB  1 
ATOM 1091 C CG  . MET B 1 68 ? 1.775   -17.485 3.819   1.00 134.00 ? 65 MET B CG  1 
ATOM 1092 S SD  . MET B 1 68 ? 3.327   -16.866 4.523   1.00 139.98 ? 65 MET B SD  1 
ATOM 1093 C CE  . MET B 1 68 ? 3.862   -18.272 5.494   1.00 134.92 ? 65 MET B CE  1 
ATOM 1094 N N   . ALA B 1 69 ? 1.070   -21.349 1.353   1.00 125.42 ? 66 ALA B N   1 
ATOM 1095 C CA  . ALA B 1 69 ? 1.312   -22.389 0.349   1.00 123.34 ? 66 ALA B CA  1 
ATOM 1096 C C   . ALA B 1 69 ? 0.095   -22.583 -0.568  1.00 126.27 ? 66 ALA B C   1 
ATOM 1097 O O   . ALA B 1 69 ? 0.235   -22.750 -1.805  1.00 121.32 ? 66 ALA B O   1 
ATOM 1098 C CB  . ALA B 1 69 ? 1.681   -23.695 1.029   1.00 128.11 ? 66 ALA B CB  1 
ATOM 1099 N N   . ASP B 1 70 ? -1.090  -22.560 0.051   1.00 130.28 ? 67 ASP B N   1 
ATOM 1100 C CA  . ASP B 1 70 ? -2.355  -22.674 -0.671  1.00 119.83 ? 67 ASP B CA  1 
ATOM 1101 C C   . ASP B 1 70 ? -2.527  -21.552 -1.698  1.00 121.94 ? 67 ASP B C   1 
ATOM 1102 O O   . ASP B 1 70 ? -2.781  -21.810 -2.902  1.00 122.29 ? 67 ASP B O   1 
ATOM 1103 C CB  . ASP B 1 70 ? -3.525  -22.654 0.309   1.00 119.93 ? 67 ASP B CB  1 
ATOM 1104 C CG  . ASP B 1 70 ? -3.718  -23.986 1.024   1.00 130.01 ? 67 ASP B CG  1 
ATOM 1105 O OD1 . ASP B 1 70 ? -2.931  -24.930 0.779   1.00 125.71 ? 67 ASP B OD1 1 
ATOM 1106 O OD2 . ASP B 1 70 ? -4.680  -24.086 1.819   1.00 137.73 ? 67 ASP B OD2 1 
ATOM 1107 N N   . ALA B 1 71 ? -2.358  -20.312 -1.235  1.00 120.63 ? 68 ALA B N   1 
ATOM 1108 C CA  . ALA B 1 71 ? -2.430  -19.176 -2.148  1.00 120.71 ? 68 ALA B CA  1 
ATOM 1109 C C   . ALA B 1 71 ? -1.363  -19.238 -3.254  1.00 120.91 ? 68 ALA B C   1 
ATOM 1110 O O   . ALA B 1 71 ? -1.626  -18.834 -4.395  1.00 120.57 ? 68 ALA B O   1 
ATOM 1111 C CB  . ALA B 1 71 ? -2.339  -17.873 -1.385  1.00 121.34 ? 68 ALA B CB  1 
ATOM 1112 N N   . LYS B 1 72 ? -0.174  -19.747 -2.925  1.00 126.25 ? 69 LYS B N   1 
ATOM 1113 C CA  . LYS B 1 72 ? 0.931   -19.747 -3.880  1.00 124.43 ? 69 LYS B CA  1 
ATOM 1114 C C   . LYS B 1 72 ? 0.561   -20.668 -5.035  1.00 115.93 ? 69 LYS B C   1 
ATOM 1115 O O   . LYS B 1 72 ? 0.603   -20.268 -6.209  1.00 112.77 ? 69 LYS B O   1 
ATOM 1116 C CB  . LYS B 1 72 ? 2.231   -20.240 -3.226  1.00 125.03 ? 69 LYS B CB  1 
ATOM 1117 C CG  . LYS B 1 72 ? 3.476   -20.006 -4.090  1.00 125.82 ? 69 LYS B CG  1 
ATOM 1118 C CD  . LYS B 1 72 ? 4.697   -20.822 -3.662  1.00 122.15 ? 69 LYS B CD  1 
ATOM 1119 C CE  . LYS B 1 72 ? 4.629   -22.255 -4.178  1.00 124.45 ? 69 LYS B CE  1 
ATOM 1120 N NZ  . LYS B 1 72 ? 5.905   -22.994 -3.959  1.00 122.87 ? 69 LYS B NZ  1 
ATOM 1121 N N   . VAL B 1 73 ? 0.164   -21.889 -4.685  1.00 112.17 ? 70 VAL B N   1 
ATOM 1122 C CA  . VAL B 1 73 ? -0.253  -22.862 -5.688  1.00 115.20 ? 70 VAL B CA  1 
ATOM 1123 C C   . VAL B 1 73 ? -1.359  -22.260 -6.556  1.00 114.91 ? 70 VAL B C   1 
ATOM 1124 O O   . VAL B 1 73 ? -1.296  -22.322 -7.806  1.00 108.96 ? 70 VAL B O   1 
ATOM 1125 C CB  . VAL B 1 73 ? -0.761  -24.154 -5.026  1.00 111.97 ? 70 VAL B CB  1 
ATOM 1126 C CG1 . VAL B 1 73 ? -1.343  -25.106 -6.060  1.00 103.99 ? 70 VAL B CG1 1 
ATOM 1127 C CG2 . VAL B 1 73 ? 0.361   -24.814 -4.263  1.00 116.82 ? 70 VAL B CG2 1 
ATOM 1128 N N   . ALA B 1 74 ? -2.348  -21.657 -5.885  1.00 111.27 ? 71 ALA B N   1 
ATOM 1129 C CA  . ALA B 1 74 ? -3.504  -21.061 -6.557  1.00 106.48 ? 71 ALA B CA  1 
ATOM 1130 C C   . ALA B 1 74 ? -3.102  -20.062 -7.659  1.00 107.68 ? 71 ALA B C   1 
ATOM 1131 O O   . ALA B 1 74 ? -3.572  -20.152 -8.821  1.00 105.51 ? 71 ALA B O   1 
ATOM 1132 C CB  . ALA B 1 74 ? -4.376  -20.381 -5.531  1.00 109.24 ? 71 ALA B CB  1 
ATOM 1133 N N   . LEU B 1 75 ? -2.198  -19.155 -7.288  1.00 108.20 ? 72 LEU B N   1 
ATOM 1134 C CA  . LEU B 1 75 ? -1.715  -18.100 -8.171  1.00 104.41 ? 72 LEU B CA  1 
ATOM 1135 C C   . LEU B 1 75 ? -0.839  -18.606 -9.319  1.00 104.99 ? 72 LEU B C   1 
ATOM 1136 O O   . LEU B 1 75 ? -1.003  -18.139 -10.454 1.00 102.40 ? 72 LEU B O   1 
ATOM 1137 C CB  . LEU B 1 75 ? -0.946  -17.038 -7.370  1.00 111.73 ? 72 LEU B CB  1 
ATOM 1138 C CG  . LEU B 1 75 ? -1.675  -16.036 -6.461  1.00 112.52 ? 72 LEU B CG  1 
ATOM 1139 C CD1 . LEU B 1 75 ? -0.672  -15.474 -5.481  1.00 114.48 ? 72 LEU B CD1 1 
ATOM 1140 C CD2 . LEU B 1 75 ? -2.337  -14.902 -7.245  1.00 109.42 ? 72 LEU B CD2 1 
ATOM 1141 N N   . GLU B 1 76 ? 0.080   -19.545 -9.059  1.00 109.10 ? 73 GLU B N   1 
ATOM 1142 C CA  . GLU B 1 76 ? 0.856   -20.091 -10.187 1.00 112.11 ? 73 GLU B CA  1 
ATOM 1143 C C   . GLU B 1 76 ? -0.072  -20.768 -11.188 1.00 104.81 ? 73 GLU B C   1 
ATOM 1144 O O   . GLU B 1 76 ? 0.113   -20.624 -12.407 1.00 95.62  ? 73 GLU B O   1 
ATOM 1145 C CB  . GLU B 1 76 ? 1.946   -21.099 -9.766  1.00 116.42 ? 73 GLU B CB  1 
ATOM 1146 C CG  . GLU B 1 76 ? 2.385   -21.073 -8.306  1.00 117.96 ? 73 GLU B CG  1 
ATOM 1147 C CD  . GLU B 1 76 ? 3.549   -22.012 -8.022  1.00 123.86 ? 73 GLU B CD  1 
ATOM 1148 O OE1 . GLU B 1 76 ? 3.472   -22.775 -7.034  1.00 122.81 ? 73 GLU B OE1 1 
ATOM 1149 O OE2 . GLU B 1 76 ? 4.558   -21.963 -8.767  1.00 123.70 ? 73 GLU B OE2 1 
ATOM 1150 N N   . LYS B 1 77 ? -1.080  -21.474 -10.666 1.00 102.19 ? 74 LYS B N   1 
ATOM 1151 C CA  . LYS B 1 77 ? -2.040  -22.180 -11.519 1.00 103.69 ? 74 LYS B CA  1 
ATOM 1152 C C   . LYS B 1 77 ? -2.812  -21.237 -12.436 1.00 107.05 ? 74 LYS B C   1 
ATOM 1153 O O   . LYS B 1 77 ? -2.839  -21.436 -13.671 1.00 100.29 ? 74 LYS B O   1 
ATOM 1154 C CB  . LYS B 1 77 ? -3.017  -23.013 -10.680 1.00 104.24 ? 74 LYS B CB  1 
ATOM 1155 C CG  . LYS B 1 77 ? -4.072  -23.759 -11.509 1.00 110.67 ? 74 LYS B CG  1 
ATOM 1156 C CD  . LYS B 1 77 ? -4.856  -24.733 -10.637 1.00 117.69 ? 74 LYS B CD  1 
ATOM 1157 C CE  . LYS B 1 77 ? -6.131  -25.214 -11.306 1.00 117.20 ? 74 LYS B CE  1 
ATOM 1158 N NZ  . LYS B 1 77 ? -7.229  -24.214 -11.121 1.00 109.60 ? 74 LYS B NZ  1 
ATOM 1159 N N   . ILE B 1 78 ? -3.441  -20.220 -11.834 1.00 107.72 ? 75 ILE B N   1 
ATOM 1160 C CA  . ILE B 1 78 ? -4.213  -19.228 -12.606 1.00 97.95  ? 75 ILE B CA  1 
ATOM 1161 C C   . ILE B 1 78 ? -3.367  -18.361 -13.570 1.00 96.85  ? 75 ILE B C   1 
ATOM 1162 O O   . ILE B 1 78 ? -3.838  -17.965 -14.652 1.00 92.22  ? 75 ILE B O   1 
ATOM 1163 C CB  . ILE B 1 78 ? -5.068  -18.340 -11.703 1.00 99.73  ? 75 ILE B CB  1 
ATOM 1164 C CG1 . ILE B 1 78 ? -6.153  -17.654 -12.525 1.00 97.19  ? 75 ILE B CG1 1 
ATOM 1165 C CG2 . ILE B 1 78 ? -4.212  -17.306 -10.939 1.00 102.90 ? 75 ILE B CG2 1 
ATOM 1166 C CD1 . ILE B 1 78 ? -7.389  -18.445 -12.653 1.00 94.73  ? 75 ILE B CD1 1 
ATOM 1167 N N   . TYR B 1 79 ? -2.117  -18.083 -13.191 1.00 99.81  ? 76 TYR B N   1 
ATOM 1168 C CA  . TYR B 1 79 ? -1.215  -17.384 -14.101 1.00 99.93  ? 76 TYR B CA  1 
ATOM 1169 C C   . TYR B 1 79 ? -0.877  -18.272 -15.295 1.00 96.79  ? 76 TYR B C   1 
ATOM 1170 O O   . TYR B 1 79 ? -0.742  -17.781 -16.429 1.00 90.80  ? 76 TYR B O   1 
ATOM 1171 C CB  . TYR B 1 79 ? 0.074   -16.940 -13.405 1.00 100.12 ? 76 TYR B CB  1 
ATOM 1172 C CG  . TYR B 1 79 ? -0.115  -15.876 -12.357 1.00 102.34 ? 76 TYR B CG  1 
ATOM 1173 C CD1 . TYR B 1 79 ? -1.378  -15.390 -12.042 1.00 101.90 ? 76 TYR B CD1 1 
ATOM 1174 C CD2 . TYR B 1 79 ? 0.978   -15.352 -11.667 1.00 101.98 ? 76 TYR B CD2 1 
ATOM 1175 C CE1 . TYR B 1 79 ? -1.545  -14.417 -11.067 1.00 104.62 ? 76 TYR B CE1 1 
ATOM 1176 C CE2 . TYR B 1 79 ? 0.817   -14.389 -10.693 1.00 102.07 ? 76 TYR B CE2 1 
ATOM 1177 C CZ  . TYR B 1 79 ? -0.441  -13.932 -10.401 1.00 105.50 ? 76 TYR B CZ  1 
ATOM 1178 O OH  . TYR B 1 79 ? -0.603  -12.994 -9.433  1.00 107.87 ? 76 TYR B OH  1 
ATOM 1179 N N   . LYS B 1 80 ? -0.754  -19.578 -15.045 1.00 96.45  ? 77 LYS B N   1 
ATOM 1180 C CA  . LYS B 1 80 ? -0.387  -20.491 -16.115 1.00 97.37  ? 77 LYS B CA  1 
ATOM 1181 C C   . LYS B 1 80 ? -1.568  -20.613 -17.087 1.00 95.46  ? 77 LYS B C   1 
ATOM 1182 O O   . LYS B 1 80 ? -1.399  -20.551 -18.318 1.00 87.94  ? 77 LYS B O   1 
ATOM 1183 C CB  . LYS B 1 80 ? 0.051   -21.856 -15.560 1.00 100.18 ? 77 LYS B CB  1 
ATOM 1184 C CG  . LYS B 1 80 ? 0.793   -22.715 -16.579 1.00 103.48 ? 77 LYS B CG  1 
ATOM 1185 C CD  . LYS B 1 80 ? 1.058   -24.141 -16.093 1.00 104.69 ? 77 LYS B CD  1 
ATOM 1186 C CE  . LYS B 1 80 ? 1.768   -24.955 -17.191 1.00 104.91 ? 77 LYS B CE  1 
ATOM 1187 N NZ  . LYS B 1 80 ? 2.275   -26.279 -16.731 1.00 90.98  ? 77 LYS B NZ  1 
ATOM 1188 N N   . GLU B 1 81 ? -2.770  -20.744 -16.531 1.00 95.58  ? 78 GLU B N   1 
ATOM 1189 C CA  . GLU B 1 81 ? -3.979  -20.761 -17.359 1.00 92.16  ? 78 GLU B CA  1 
ATOM 1190 C C   . GLU B 1 81 ? -4.086  -19.526 -18.256 1.00 92.81  ? 78 GLU B C   1 
ATOM 1191 O O   . GLU B 1 81 ? -4.221  -19.652 -19.494 1.00 89.64  ? 78 GLU B O   1 
ATOM 1192 C CB  . GLU B 1 81 ? -5.242  -20.956 -16.510 1.00 93.45  ? 78 GLU B CB  1 
ATOM 1193 C CG  . GLU B 1 81 ? -5.430  -22.390 -16.053 1.00 98.83  ? 78 GLU B CG  1 
ATOM 1194 C CD  . GLU B 1 81 ? -6.498  -22.556 -14.987 1.00 108.67 ? 78 GLU B CD  1 
ATOM 1195 O OE1 . GLU B 1 81 ? -6.783  -21.594 -14.237 1.00 113.88 ? 78 GLU B OE1 1 
ATOM 1196 O OE2 . GLU B 1 81 ? -7.051  -23.669 -14.901 1.00 110.91 ? 78 GLU B OE2 1 
ATOM 1197 N N   . ILE B 1 82 ? -4.022  -18.345 -17.631 1.00 94.46  ? 79 ILE B N   1 
ATOM 1198 C CA  . ILE B 1 82 ? -4.021  -17.079 -18.362 1.00 88.04  ? 79 ILE B CA  1 
ATOM 1199 C C   . ILE B 1 82 ? -2.965  -16.998 -19.485 1.00 90.01  ? 79 ILE B C   1 
ATOM 1200 O O   . ILE B 1 82 ? -3.315  -16.772 -20.651 1.00 86.48  ? 79 ILE B O   1 
ATOM 1201 C CB  . ILE B 1 82 ? -3.894  -15.902 -17.402 1.00 90.75  ? 79 ILE B CB  1 
ATOM 1202 C CG1 . ILE B 1 82 ? -5.085  -15.896 -16.447 1.00 88.79  ? 79 ILE B CG1 1 
ATOM 1203 C CG2 . ILE B 1 82 ? -3.844  -14.587 -18.173 1.00 94.08  ? 79 ILE B CG2 1 
ATOM 1204 C CD1 . ILE B 1 82 ? -5.270  -14.605 -15.725 1.00 95.38  ? 79 ILE B CD1 1 
ATOM 1205 N N   . ASP B 1 83 ? -1.688  -17.181 -19.140 1.00 90.98  ? 80 ASP B N   1 
ATOM 1206 C CA  . ASP B 1 83 ? -0.619  -17.300 -20.146 1.00 95.41  ? 80 ASP B CA  1 
ATOM 1207 C C   . ASP B 1 83 ? -1.029  -18.148 -21.357 1.00 91.39  ? 80 ASP B C   1 
ATOM 1208 O O   . ASP B 1 83 ? -0.922  -17.703 -22.500 1.00 88.24  ? 80 ASP B O   1 
ATOM 1209 C CB  . ASP B 1 83 ? 0.600   -17.993 -19.539 1.00 100.16 ? 80 ASP B CB  1 
ATOM 1210 C CG  . ASP B 1 83 ? 1.379   -17.120 -18.615 1.00 95.64  ? 80 ASP B CG  1 
ATOM 1211 O OD1 . ASP B 1 83 ? 1.186   -15.890 -18.640 1.00 102.66 ? 80 ASP B OD1 1 
ATOM 1212 O OD2 . ASP B 1 83 ? 2.190   -17.680 -17.856 1.00 101.35 ? 80 ASP B OD2 1 
ATOM 1213 N N   . GLU B 1 84 ? -1.468  -19.382 -21.076 1.00 94.62  ? 81 GLU B N   1 
ATOM 1214 C CA  . GLU B 1 84 ? -1.868  -20.371 -22.089 1.00 88.76  ? 81 GLU B CA  1 
ATOM 1215 C C   . GLU B 1 84 ? -2.922  -19.853 -23.049 1.00 86.11  ? 81 GLU B C   1 
ATOM 1216 O O   . GLU B 1 84 ? -2.753  -19.917 -24.291 1.00 75.33  ? 81 GLU B O   1 
ATOM 1217 C CB  . GLU B 1 84 ? -2.540  -21.535 -21.383 1.00 92.99  ? 81 GLU B CB  1 
ATOM 1218 C CG  . GLU B 1 84 ? -1.681  -22.702 -21.061 1.00 100.97 ? 81 GLU B CG  1 
ATOM 1219 C CD  . GLU B 1 84 ? -2.512  -23.754 -20.397 1.00 107.42 ? 81 GLU B CD  1 
ATOM 1220 O OE1 . GLU B 1 84 ? -3.745  -23.720 -20.642 1.00 99.61  ? 81 GLU B OE1 1 
ATOM 1221 O OE2 . GLU B 1 84 ? -1.950  -24.553 -19.602 1.00 111.29 ? 81 GLU B OE2 1 
ATOM 1222 N N   . ILE B 1 85 ? -4.034  -19.416 -22.442 1.00 83.72  ? 82 ILE B N   1 
ATOM 1223 C CA  . ILE B 1 85 ? -5.139  -18.796 -23.154 1.00 75.63  ? 82 ILE B CA  1 
ATOM 1224 C C   . ILE B 1 85 ? -4.639  -17.692 -24.064 1.00 77.69  ? 82 ILE B C   1 
ATOM 1225 O O   . ILE B 1 85 ? -5.026  -17.617 -25.223 1.00 75.01  ? 82 ILE B O   1 
ATOM 1226 C CB  . ILE B 1 85 ? -6.175  -18.223 -22.178 1.00 76.69  ? 82 ILE B CB  1 
ATOM 1227 C CG1 . ILE B 1 85 ? -6.766  -19.340 -21.306 1.00 84.36  ? 82 ILE B CG1 1 
ATOM 1228 C CG2 . ILE B 1 85 ? -7.243  -17.433 -22.917 1.00 67.65  ? 82 ILE B CG2 1 
ATOM 1229 C CD1 . ILE B 1 85 ? -7.911  -18.902 -20.386 1.00 84.69  ? 82 ILE B CD1 1 
ATOM 1230 N N   . ILE B 1 86 ? -3.749  -16.851 -23.544 1.00 85.07  ? 83 ILE B N   1 
ATOM 1231 C CA  . ILE B 1 86 ? -3.380  -15.613 -24.242 1.00 86.49  ? 83 ILE B CA  1 
ATOM 1232 C C   . ILE B 1 86 ? -2.388  -15.833 -25.392 1.00 85.79  ? 83 ILE B C   1 
ATOM 1233 O O   . ILE B 1 86 ? -2.430  -15.127 -26.415 1.00 82.48  ? 83 ILE B O   1 
ATOM 1234 C CB  . ILE B 1 86 ? -2.829  -14.563 -23.230 1.00 82.24  ? 83 ILE B CB  1 
ATOM 1235 C CG1 . ILE B 1 86 ? -3.958  -14.135 -22.300 1.00 78.49  ? 83 ILE B CG1 1 
ATOM 1236 C CG2 . ILE B 1 86 ? -2.172  -13.370 -23.943 1.00 81.36  ? 83 ILE B CG2 1 
ATOM 1237 C CD1 . ILE B 1 86 ? -4.582  -12.870 -22.680 1.00 77.53  ? 83 ILE B CD1 1 
ATOM 1238 N N   . ASN B 1 87 ? -1.551  -16.853 -25.230 1.00 82.84  ? 84 ASN B N   1 
ATOM 1239 C CA  . ASN B 1 87 ? -0.466  -17.142 -26.137 1.00 83.60  ? 84 ASN B CA  1 
ATOM 1240 C C   . ASN B 1 87 ? -0.986  -17.908 -27.355 1.00 90.00  ? 84 ASN B C   1 
ATOM 1241 O O   . ASN B 1 87 ? -0.469  -17.750 -28.464 1.00 86.50  ? 84 ASN B O   1 
ATOM 1242 C CB  . ASN B 1 87 ? 0.514   -18.043 -25.409 1.00 85.87  ? 84 ASN B CB  1 
ATOM 1243 C CG  . ASN B 1 87 ? 1.568   -17.288 -24.675 1.00 96.30  ? 84 ASN B CG  1 
ATOM 1244 O OD1 . ASN B 1 87 ? 1.267   -16.515 -23.766 1.00 106.43 ? 84 ASN B OD1 1 
ATOM 1245 N ND2 . ASN B 1 87 ? 2.828   -17.544 -25.019 1.00 97.00  ? 84 ASN B ND2 1 
ATOM 1246 N N   . ARG B 1 88 ? -2.021  -18.720 -27.139 1.00 92.70  ? 85 ARG B N   1 
ATOM 1247 C CA  . ARG B 1 88 ? -2.583  -19.627 -28.150 1.00 86.15  ? 85 ARG B CA  1 
ATOM 1248 C C   . ARG B 1 88 ? -1.537  -20.422 -28.898 1.00 79.99  ? 85 ARG B C   1 
ATOM 1249 O O   . ARG B 1 88 ? -1.490  -20.353 -30.123 1.00 91.21  ? 85 ARG B O   1 
ATOM 1250 C CB  . ARG B 1 88 ? -3.397  -18.831 -29.170 1.00 86.43  ? 85 ARG B CB  1 
ATOM 1251 C CG  . ARG B 1 88 ? -4.160  -17.649 -28.605 1.00 66.65  ? 85 ARG B CG  1 
ATOM 1252 C CD  . ARG B 1 88 ? -4.614  -16.712 -29.722 1.00 64.19  ? 85 ARG B CD  1 
ATOM 1253 N NE  . ARG B 1 88 ? -5.789  -17.201 -30.444 1.00 79.90  ? 85 ARG B NE  1 
ATOM 1254 C CZ  . ARG B 1 88 ? -6.946  -17.572 -29.890 1.00 76.09  ? 85 ARG B CZ  1 
ATOM 1255 N NH1 . ARG B 1 88 ? -7.124  -17.502 -28.582 1.00 69.58  ? 85 ARG B NH1 1 
ATOM 1256 N NH2 . ARG B 1 88 ? -7.935  -18.022 -30.651 1.00 67.06  ? 85 ARG B NH2 1 
ATOM 1257 N N   . GLU C 1 12 ? 45.467  -6.231  1.860   1.00 192.20 ? 9  GLU C N   1 
ATOM 1258 C CA  . GLU C 1 12 ? 45.713  -4.934  1.242   1.00 193.83 ? 9  GLU C CA  1 
ATOM 1259 C C   . GLU C 1 12 ? 44.764  -3.873  1.789   1.00 188.81 ? 9  GLU C C   1 
ATOM 1260 O O   . GLU C 1 12 ? 43.554  -3.940  1.577   1.00 189.38 ? 9  GLU C O   1 
ATOM 1261 C CB  . GLU C 1 12 ? 45.576  -5.029  -0.279  1.00 189.41 ? 9  GLU C CB  1 
ATOM 1262 C CG  . GLU C 1 12 ? 46.615  -5.916  -0.942  1.00 189.91 ? 9  GLU C CG  1 
ATOM 1263 C CD  . GLU C 1 12 ? 46.220  -7.380  -0.941  1.00 192.62 ? 9  GLU C CD  1 
ATOM 1264 O OE1 . GLU C 1 12 ? 45.160  -7.709  -0.372  1.00 192.35 ? 9  GLU C OE1 1 
ATOM 1265 O OE2 . GLU C 1 12 ? 46.970  -8.200  -1.510  1.00 191.77 ? 9  GLU C OE2 1 
ATOM 1266 N N   . SER C 1 13 ? 45.322  -2.894  2.494   1.00 184.13 ? 10 SER C N   1 
ATOM 1267 C CA  . SER C 1 13 ? 44.526  -1.817  3.072   1.00 181.84 ? 10 SER C CA  1 
ATOM 1268 C C   . SER C 1 13 ? 44.330  -0.681  2.073   1.00 179.74 ? 10 SER C C   1 
ATOM 1269 O O   . SER C 1 13 ? 45.227  -0.367  1.291   1.00 176.77 ? 10 SER C O   1 
ATOM 1270 C CB  . SER C 1 13 ? 45.186  -1.289  4.347   1.00 178.53 ? 10 SER C CB  1 
ATOM 1271 O OG  . SER C 1 13 ? 46.225  -0.375  4.042   1.00 173.60 ? 10 SER C OG  1 
ATOM 1272 N N   . GLN C 1 14 ? 43.151  -0.068  2.107   1.00 173.47 ? 11 GLN C N   1 
ATOM 1273 C CA  . GLN C 1 14 ? 42.835  1.033   1.206   1.00 163.20 ? 11 GLN C CA  1 
ATOM 1274 C C   . GLN C 1 14 ? 41.881  2.033   1.853   1.00 158.80 ? 11 GLN C C   1 
ATOM 1275 O O   . GLN C 1 14 ? 40.979  1.653   2.600   1.00 156.13 ? 11 GLN C O   1 
ATOM 1276 C CB  . GLN C 1 14 ? 42.234  0.504   -0.097  1.00 161.10 ? 11 GLN C CB  1 
ATOM 1277 C CG  . GLN C 1 14 ? 43.200  -0.318  -0.937  1.00 166.53 ? 11 GLN C CG  1 
ATOM 1278 C CD  . GLN C 1 14 ? 44.426  0.470   -1.352  1.00 163.60 ? 11 GLN C CD  1 
ATOM 1279 O OE1 . GLN C 1 14 ? 44.334  1.648   -1.698  1.00 157.38 ? 11 GLN C OE1 1 
ATOM 1280 N NE2 . GLN C 1 14 ? 45.585  -0.178  -1.320  1.00 168.99 ? 11 GLN C NE2 1 
ATOM 1281 N N   . PHE C 1 15 ? 42.087  3.312   1.558   1.00 163.35 ? 12 PHE C N   1 
ATOM 1282 C CA  . PHE C 1 15 ? 41.240  4.376   2.094   1.00 161.91 ? 12 PHE C CA  1 
ATOM 1283 C C   . PHE C 1 15 ? 40.848  5.442   1.056   1.00 152.96 ? 12 PHE C C   1 
ATOM 1284 O O   . PHE C 1 15 ? 41.695  6.006   0.360   1.00 148.59 ? 12 PHE C O   1 
ATOM 1285 C CB  . PHE C 1 15 ? 41.911  4.993   3.335   1.00 161.45 ? 12 PHE C CB  1 
ATOM 1286 C CG  . PHE C 1 15 ? 42.073  4.048   4.502   1.00 171.11 ? 12 PHE C CG  1 
ATOM 1287 C CD1 . PHE C 1 15 ? 41.021  3.827   5.379   1.00 174.17 ? 12 PHE C CD1 1 
ATOM 1288 C CD2 . PHE C 1 15 ? 43.263  3.353   4.699   1.00 171.85 ? 12 PHE C CD2 1 
ATOM 1289 C CE1 . PHE C 1 15 ? 41.155  2.946   6.447   1.00 172.20 ? 12 PHE C CE1 1 
ATOM 1290 C CE2 . PHE C 1 15 ? 43.405  2.478   5.769   1.00 172.17 ? 12 PHE C CE2 1 
ATOM 1291 C CZ  . PHE C 1 15 ? 42.348  2.271   6.643   1.00 170.13 ? 12 PHE C CZ  1 
ATOM 1292 N N   . HIS C 1 16 ? 39.544  5.668   0.930   1.00 144.25 ? 13 HIS C N   1 
ATOM 1293 C CA  . HIS C 1 16 ? 39.024  6.848   0.251   1.00 141.14 ? 13 HIS C CA  1 
ATOM 1294 C C   . HIS C 1 16 ? 38.770  7.890   1.351   1.00 142.33 ? 13 HIS C C   1 
ATOM 1295 O O   . HIS C 1 16 ? 38.498  7.532   2.507   1.00 134.62 ? 13 HIS C O   1 
ATOM 1296 C CB  . HIS C 1 16 ? 37.760  6.478   -0.553  1.00 148.35 ? 13 HIS C CB  1 
ATOM 1297 C CG  . HIS C 1 16 ? 37.973  5.484   -1.664  1.00 150.57 ? 13 HIS C CG  1 
ATOM 1298 N ND1 . HIS C 1 16 ? 36.921  4.823   -2.273  1.00 149.15 ? 13 HIS C ND1 1 
ATOM 1299 C CD2 . HIS C 1 16 ? 39.093  5.069   -2.305  1.00 148.89 ? 13 HIS C CD2 1 
ATOM 1300 C CE1 . HIS C 1 16 ? 37.394  4.027   -3.219  1.00 150.78 ? 13 HIS C CE1 1 
ATOM 1301 N NE2 . HIS C 1 16 ? 38.708  4.159   -3.259  1.00 150.12 ? 13 HIS C NE2 1 
ATOM 1302 N N   . ASP C 1 17 ? 38.854  9.167   0.986   1.00 149.67 ? 14 ASP C N   1 
ATOM 1303 C CA  . ASP C 1 17 ? 38.891  10.276  1.942   1.00 147.47 ? 14 ASP C CA  1 
ATOM 1304 C C   . ASP C 1 17 ? 37.749  11.265  1.717   1.00 138.48 ? 14 ASP C C   1 
ATOM 1305 O O   . ASP C 1 17 ? 36.940  11.127  0.794   1.00 135.23 ? 14 ASP C O   1 
ATOM 1306 C CB  . ASP C 1 17 ? 40.210  11.037  1.811   1.00 142.87 ? 14 ASP C CB  1 
ATOM 1307 C CG  . ASP C 1 17 ? 40.610  11.246  0.368   1.00 144.55 ? 14 ASP C CG  1 
ATOM 1308 O OD1 . ASP C 1 17 ? 41.078  10.272  -0.262  1.00 134.55 ? 14 ASP C OD1 1 
ATOM 1309 O OD2 . ASP C 1 17 ? 40.435  12.378  -0.142  1.00 143.93 ? 14 ASP C OD2 1 
ATOM 1310 N N   . LYS C 1 18 ? 37.685  12.264  2.582   1.00 131.38 ? 15 LYS C N   1 
ATOM 1311 C CA  . LYS C 1 18 ? 36.547  13.158  2.557   1.00 134.75 ? 15 LYS C CA  1 
ATOM 1312 C C   . LYS C 1 18 ? 36.735  14.438  1.750   1.00 136.70 ? 15 LYS C C   1 
ATOM 1313 O O   . LYS C 1 18 ? 36.777  15.543  2.304   1.00 128.83 ? 15 LYS C O   1 
ATOM 1314 C CB  . LYS C 1 18 ? 36.066  13.440  3.972   1.00 138.84 ? 15 LYS C CB  1 
ATOM 1315 C CG  . LYS C 1 18 ? 35.505  12.202  4.630   1.00 139.53 ? 15 LYS C CG  1 
ATOM 1316 C CD  . LYS C 1 18 ? 34.558  12.591  5.705   1.00 140.53 ? 15 LYS C CD  1 
ATOM 1317 C CE  . LYS C 1 18 ? 35.212  12.618  7.054   1.00 154.60 ? 15 LYS C CE  1 
ATOM 1318 N NZ  . LYS C 1 18 ? 34.352  12.019  8.119   1.00 156.36 ? 15 LYS C NZ  1 
ATOM 1319 N N   . ARG C 1 19 ? 36.843  14.272  0.434   1.00 138.12 ? 16 ARG C N   1 
ATOM 1320 C CA  . ARG C 1 19 ? 36.612  15.370  -0.500  1.00 133.59 ? 16 ARG C CA  1 
ATOM 1321 C C   . ARG C 1 19 ? 35.143  15.355  -0.938  1.00 134.09 ? 16 ARG C C   1 
ATOM 1322 O O   . ARG C 1 19 ? 34.712  14.472  -1.687  1.00 131.72 ? 16 ARG C O   1 
ATOM 1323 C CB  . ARG C 1 19 ? 37.575  15.326  -1.682  1.00 129.47 ? 16 ARG C CB  1 
ATOM 1324 C CG  . ARG C 1 19 ? 37.296  16.416  -2.691  1.00 130.54 ? 16 ARG C CG  1 
ATOM 1325 C CD  . ARG C 1 19 ? 37.526  17.789  -2.073  1.00 123.68 ? 16 ARG C CD  1 
ATOM 1326 N NE  . ARG C 1 19 ? 37.267  18.871  -3.015  1.00 123.94 ? 16 ARG C NE  1 
ATOM 1327 C CZ  . ARG C 1 19 ? 36.069  19.410  -3.233  1.00 128.78 ? 16 ARG C CZ  1 
ATOM 1328 N NH1 . ARG C 1 19 ? 34.999  18.970  -2.582  1.00 137.73 ? 16 ARG C NH1 1 
ATOM 1329 N NH2 . ARG C 1 19 ? 35.946  20.395  -4.110  1.00 125.62 ? 16 ARG C NH2 1 
ATOM 1330 N N   . ILE C 1 20 ? 34.378  16.303  -0.400  1.00 139.74 ? 17 ILE C N   1 
ATOM 1331 C CA  . ILE C 1 20 ? 32.919  16.348  -0.566  1.00 141.72 ? 17 ILE C CA  1 
ATOM 1332 C C   . ILE C 1 20 ? 32.465  17.384  -1.608  1.00 142.39 ? 17 ILE C C   1 
ATOM 1333 O O   . ILE C 1 20 ? 32.534  18.596  -1.381  1.00 139.26 ? 17 ILE C O   1 
ATOM 1334 C CB  . ILE C 1 20 ? 32.189  16.637  0.777   1.00 138.82 ? 17 ILE C CB  1 
ATOM 1335 C CG1 . ILE C 1 20 ? 32.528  15.615  1.877   1.00 131.66 ? 17 ILE C CG1 1 
ATOM 1336 C CG2 . ILE C 1 20 ? 30.684  16.673  0.558   1.00 142.21 ? 17 ILE C CG2 1 
ATOM 1337 C CD1 . ILE C 1 20 ? 33.055  14.270  1.426   1.00 130.83 ? 17 ILE C CD1 1 
ATOM 1338 N N   . ALA C 1 21 ? 31.993  16.885  -2.747  1.00 142.65 ? 18 ALA C N   1 
ATOM 1339 C CA  . ALA C 1 21 ? 31.504  17.726  -3.836  1.00 138.99 ? 18 ALA C CA  1 
ATOM 1340 C C   . ALA C 1 21 ? 30.113  17.277  -4.256  1.00 135.45 ? 18 ALA C C   1 
ATOM 1341 O O   . ALA C 1 21 ? 29.688  17.502  -5.393  1.00 127.52 ? 18 ALA C O   1 
ATOM 1342 C CB  . ALA C 1 21 ? 32.461  17.674  -5.028  1.00 136.16 ? 18 ALA C CB  1 
ATOM 1343 N N   . GLU C 1 22 ? 29.414  16.625  -3.335  1.00 137.01 ? 19 GLU C N   1 
ATOM 1344 C CA  . GLU C 1 22 ? 28.074  16.152  -3.622  1.00 137.57 ? 19 GLU C CA  1 
ATOM 1345 C C   . GLU C 1 22 ? 27.034  17.150  -3.136  1.00 138.34 ? 19 GLU C C   1 
ATOM 1346 O O   . GLU C 1 22 ? 27.086  17.669  -2.003  1.00 127.54 ? 19 GLU C O   1 
ATOM 1347 C CB  . GLU C 1 22 ? 27.805  14.787  -2.990  1.00 135.82 ? 19 GLU C CB  1 
ATOM 1348 C CG  . GLU C 1 22 ? 28.268  14.699  -1.558  1.00 137.75 ? 19 GLU C CG  1 
ATOM 1349 C CD  . GLU C 1 22 ? 29.669  14.159  -1.457  1.00 144.67 ? 19 GLU C CD  1 
ATOM 1350 O OE1 . GLU C 1 22 ? 30.546  14.643  -2.203  1.00 144.91 ? 19 GLU C OE1 1 
ATOM 1351 O OE2 . GLU C 1 22 ? 29.901  13.270  -0.611  1.00 148.42 ? 19 GLU C OE2 1 
ATOM 1352 N N   . GLU C 1 23 ? 26.093  17.422  -4.029  1.00 138.74 ? 20 GLU C N   1 
ATOM 1353 C CA  . GLU C 1 23 ? 24.882  18.108  -3.659  1.00 136.17 ? 20 GLU C CA  1 
ATOM 1354 C C   . GLU C 1 23 ? 23.798  17.040  -3.516  1.00 132.44 ? 20 GLU C C   1 
ATOM 1355 O O   . GLU C 1 23 ? 23.134  16.644  -4.477  1.00 125.56 ? 20 GLU C O   1 
ATOM 1356 C CB  . GLU C 1 23 ? 24.516  19.194  -4.677  1.00 132.68 ? 20 GLU C CB  1 
ATOM 1357 C CG  . GLU C 1 23 ? 25.700  20.009  -5.269  1.00 137.19 ? 20 GLU C CG  1 
ATOM 1358 C CD  . GLU C 1 23 ? 26.805  20.433  -4.279  1.00 143.93 ? 20 GLU C CD  1 
ATOM 1359 O OE1 . GLU C 1 23 ? 26.684  20.245  -3.047  1.00 138.31 ? 20 GLU C OE1 1 
ATOM 1360 O OE2 . GLU C 1 23 ? 27.829  20.970  -4.760  1.00 141.39 ? 20 GLU C OE2 1 
ATOM 1361 N N   . LEU C 1 24 ? 23.687  16.525  -2.299  1.00 132.51 ? 21 LEU C N   1 
ATOM 1362 C CA  . LEU C 1 24 ? 22.509  15.796  -1.897  1.00 121.44 ? 21 LEU C CA  1 
ATOM 1363 C C   . LEU C 1 24 ? 21.575  16.899  -1.465  1.00 124.03 ? 21 LEU C C   1 
ATOM 1364 O O   . LEU C 1 24 ? 20.419  16.639  -1.149  1.00 120.31 ? 21 LEU C O   1 
ATOM 1365 C CB  . LEU C 1 24 ? 22.779  14.908  -0.692  1.00 121.38 ? 21 LEU C CB  1 
ATOM 1366 C CG  . LEU C 1 24 ? 24.146  14.262  -0.560  1.00 125.89 ? 21 LEU C CG  1 
ATOM 1367 C CD1 . LEU C 1 24 ? 24.101  13.304  0.618   1.00 123.45 ? 21 LEU C CD1 1 
ATOM 1368 C CD2 . LEU C 1 24 ? 24.566  13.572  -1.846  1.00 131.07 ? 21 LEU C CD2 1 
ATOM 1369 N N   . ARG C 1 25 ? 22.108  18.127  -1.397  1.00 126.94 ? 22 ARG C N   1 
ATOM 1370 C CA  . ARG C 1 25 ? 21.275  19.307  -1.227  1.00 126.64 ? 22 ARG C CA  1 
ATOM 1371 C C   . ARG C 1 25 ? 20.276  19.218  -2.360  1.00 121.31 ? 22 ARG C C   1 
ATOM 1372 O O   . ARG C 1 25 ? 19.077  19.351  -2.149  1.00 115.67 ? 22 ARG C O   1 
ATOM 1373 C CB  . ARG C 1 25 ? 22.084  20.642  -1.290  1.00 129.97 ? 22 ARG C CB  1 
ATOM 1374 C CG  . ARG C 1 25 ? 22.292  21.331  -2.711  1.00 132.12 ? 22 ARG C CG  1 
ATOM 1375 C CD  . ARG C 1 25 ? 21.076  22.176  -3.259  1.00 129.38 ? 22 ARG C CD  1 
ATOM 1376 N NE  . ARG C 1 25 ? 21.147  22.418  -4.715  1.00 124.69 ? 22 ARG C NE  1 
ATOM 1377 C CZ  . ARG C 1 25 ? 20.130  22.819  -5.489  1.00 115.47 ? 22 ARG C CZ  1 
ATOM 1378 N NH1 . ARG C 1 25 ? 18.930  23.042  -4.976  1.00 109.08 ? 22 ARG C NH1 1 
ATOM 1379 N NH2 . ARG C 1 25 ? 20.315  23.005  -6.792  1.00 112.42 ? 22 ARG C NH2 1 
ATOM 1380 N N   . THR C 1 26 ? 20.785  18.956  -3.557  1.00 113.99 ? 23 THR C N   1 
ATOM 1381 C CA  . THR C 1 26 ? 20.003  19.129  -4.752  1.00 113.07 ? 23 THR C CA  1 
ATOM 1382 C C   . THR C 1 26 ? 18.879  18.117  -4.704  1.00 114.93 ? 23 THR C C   1 
ATOM 1383 O O   . THR C 1 26 ? 17.738  18.454  -4.995  1.00 113.26 ? 23 THR C O   1 
ATOM 1384 C CB  . THR C 1 26 ? 20.881  19.025  -6.025  1.00 123.30 ? 23 THR C CB  1 
ATOM 1385 O OG1 . THR C 1 26 ? 21.525  17.741  -6.068  1.00 134.96 ? 23 THR C OG1 1 
ATOM 1386 C CG2 . THR C 1 26 ? 21.925  20.144  -6.094  1.00 120.33 ? 23 THR C CG2 1 
ATOM 1387 N N   . LEU C 1 27 ? 19.209  16.893  -4.286  1.00 116.51 ? 24 LEU C N   1 
ATOM 1388 C CA  . LEU C 1 27 ? 18.248  15.799  -4.144  1.00 108.84 ? 24 LEU C CA  1 
ATOM 1389 C C   . LEU C 1 27 ? 17.213  16.040  -3.040  1.00 106.70 ? 24 LEU C C   1 
ATOM 1390 O O   . LEU C 1 27 ? 16.010  15.843  -3.254  1.00 107.11 ? 24 LEU C O   1 
ATOM 1391 C CB  . LEU C 1 27 ? 18.979  14.471  -3.907  1.00 112.63 ? 24 LEU C CB  1 
ATOM 1392 C CG  . LEU C 1 27 ? 19.770  13.866  -5.075  1.00 112.74 ? 24 LEU C CG  1 
ATOM 1393 C CD1 . LEU C 1 27 ? 20.651  12.719  -4.600  1.00 106.50 ? 24 LEU C CD1 1 
ATOM 1394 C CD2 . LEU C 1 27 ? 18.830  13.379  -6.152  1.00 110.61 ? 24 LEU C CD2 1 
ATOM 1395 N N   . LEU C 1 28 ? 17.689  16.471  -1.869  1.00 104.90 ? 25 LEU C N   1 
ATOM 1396 C CA  . LEU C 1 28 ? 16.844  16.711  -0.697  1.00 102.50 ? 25 LEU C CA  1 
ATOM 1397 C C   . LEU C 1 28 ? 16.062  18.001  -0.848  1.00 99.28  ? 25 LEU C C   1 
ATOM 1398 O O   . LEU C 1 28 ? 15.198  18.322  -0.051  1.00 98.35  ? 25 LEU C O   1 
ATOM 1399 C CB  . LEU C 1 28 ? 17.695  16.757  0.573   1.00 100.40 ? 25 LEU C CB  1 
ATOM 1400 C CG  . LEU C 1 28 ? 17.881  15.462  1.370   1.00 114.56 ? 25 LEU C CG  1 
ATOM 1401 C CD1 . LEU C 1 28 ? 18.568  15.753  2.695   1.00 114.97 ? 25 LEU C CD1 1 
ATOM 1402 C CD2 . LEU C 1 28 ? 16.538  14.789  1.622   1.00 120.35 ? 25 LEU C CD2 1 
ATOM 1403 N N   . ASN C 1 29 ? 16.332  18.696  -1.936  1.00 100.03 ? 26 ASN C N   1 
ATOM 1404 C CA  . ASN C 1 29 ? 15.682  19.940  -2.269  1.00 104.79 ? 26 ASN C CA  1 
ATOM 1405 C C   . ASN C 1 29 ? 14.325  19.585  -2.855  1.00 104.94 ? 26 ASN C C   1 
ATOM 1406 O O   . ASN C 1 29 ? 13.343  20.301  -2.681  1.00 111.24 ? 26 ASN C O   1 
ATOM 1407 C CB  . ASN C 1 29 ? 16.523  20.624  -3.352  1.00 111.48 ? 26 ASN C CB  1 
ATOM 1408 C CG  . ASN C 1 29 ? 16.256  22.100  -3.469  1.00 125.22 ? 26 ASN C CG  1 
ATOM 1409 O OD1 . ASN C 1 29 ? 16.155  22.802  -2.451  1.00 135.88 ? 26 ASN C OD1 1 
ATOM 1410 N ND2 . ASN C 1 29 ? 16.143  22.594  -4.717  1.00 121.25 ? 26 ASN C ND2 1 
ATOM 1411 N N   . LYS C 1 30 ? 14.274  18.424  -3.508  1.00 102.98 ? 27 LYS C N   1 
ATOM 1412 C CA  . LYS C 1 30 ? 13.068  17.952  -4.166  1.00 98.11  ? 27 LYS C CA  1 
ATOM 1413 C C   . LYS C 1 30 ? 12.469  16.792  -3.411  1.00 95.24  ? 27 LYS C C   1 
ATOM 1414 O O   . LYS C 1 30 ? 11.409  16.280  -3.773  1.00 99.01  ? 27 LYS C O   1 
ATOM 1415 C CB  . LYS C 1 30 ? 13.381  17.547  -5.596  1.00 96.50  ? 27 LYS C CB  1 
ATOM 1416 C CG  . LYS C 1 30 ? 14.832  17.265  -5.850  1.00 94.33  ? 27 LYS C CG  1 
ATOM 1417 C CD  . LYS C 1 30 ? 15.128  17.424  -7.329  1.00 92.72  ? 27 LYS C CD  1 
ATOM 1418 C CE  . LYS C 1 30 ? 16.146  18.539  -7.574  1.00 100.82 ? 27 LYS C CE  1 
ATOM 1419 N NZ  . LYS C 1 30 ? 16.267  18.955  -8.999  1.00 102.87 ? 27 LYS C NZ  1 
ATOM 1420 N N   . SER C 1 31 ? 13.117  16.443  -2.307  1.00 96.52  ? 28 SER C N   1 
ATOM 1421 C CA  . SER C 1 31 ? 12.682  15.351  -1.455  1.00 101.50 ? 28 SER C CA  1 
ATOM 1422 C C   . SER C 1 31 ? 11.256  15.527  -0.944  1.00 98.91  ? 28 SER C C   1 
ATOM 1423 O O   . SER C 1 31 ? 10.636  14.582  -0.456  1.00 99.79  ? 28 SER C O   1 
ATOM 1424 C CB  . SER C 1 31 ? 13.651  15.203  -0.279  1.00 103.94 ? 28 SER C CB  1 
ATOM 1425 O OG  . SER C 1 31 ? 13.246  14.181  0.607   1.00 118.15 ? 28 SER C OG  1 
ATOM 1426 N N   . ASN C 1 32 ? 10.719  16.726  -1.111  1.00 103.10 ? 29 ASN C N   1 
ATOM 1427 C CA  . ASN C 1 32 ? 9.419   17.048  -0.562  1.00 106.05 ? 29 ASN C CA  1 
ATOM 1428 C C   . ASN C 1 32 ? 8.358   17.074  -1.634  1.00 96.09  ? 29 ASN C C   1 
ATOM 1429 O O   . ASN C 1 32 ? 7.177   16.891  -1.343  1.00 93.38  ? 29 ASN C O   1 
ATOM 1430 C CB  . ASN C 1 32 ? 9.470   18.425  0.100   1.00 101.70 ? 29 ASN C CB  1 
ATOM 1431 C CG  . ASN C 1 32 ? 9.658   18.343  1.575   1.00 95.58  ? 29 ASN C CG  1 
ATOM 1432 O OD1 . ASN C 1 32 ? 9.581   17.264  2.175   1.00 91.83  ? 29 ASN C OD1 1 
ATOM 1433 N ND2 . ASN C 1 32 ? 9.831   19.497  2.197   1.00 102.80 ? 29 ASN C ND2 1 
ATOM 1434 N N   . VAL C 1 33 ? 8.802   17.321  -2.865  1.00 94.15  ? 30 VAL C N   1 
ATOM 1435 C CA  . VAL C 1 33 ? 7.941   17.380  -4.038  1.00 96.02  ? 30 VAL C CA  1 
ATOM 1436 C C   . VAL C 1 33 ? 7.693   15.935  -4.422  1.00 96.19  ? 30 VAL C C   1 
ATOM 1437 O O   . VAL C 1 33 ? 6.586   15.544  -4.810  1.00 95.52  ? 30 VAL C O   1 
ATOM 1438 C CB  . VAL C 1 33 ? 8.625   18.176  -5.204  1.00 97.68  ? 30 VAL C CB  1 
ATOM 1439 C CG1 . VAL C 1 33 ? 8.175   17.692  -6.596  1.00 92.58  ? 30 VAL C CG1 1 
ATOM 1440 C CG2 . VAL C 1 33 ? 8.412   19.701  -5.027  1.00 92.64  ? 30 VAL C CG2 1 
ATOM 1441 N N   . TYR C 1 34 ? 8.724   15.121  -4.238  1.00 94.64  ? 31 TYR C N   1 
ATOM 1442 C CA  . TYR C 1 34 ? 8.620   13.713  -4.567  1.00 93.29  ? 31 TYR C CA  1 
ATOM 1443 C C   . TYR C 1 34 ? 7.745   13.039  -3.520  1.00 94.34  ? 31 TYR C C   1 
ATOM 1444 O O   . TYR C 1 34 ? 6.978   12.095  -3.842  1.00 93.60  ? 31 TYR C O   1 
ATOM 1445 C CB  . TYR C 1 34 ? 10.015  13.073  -4.625  1.00 101.56 ? 31 TYR C CB  1 
ATOM 1446 C CG  . TYR C 1 34 ? 10.648  13.110  -6.008  1.00 104.49 ? 31 TYR C CG  1 
ATOM 1447 C CD1 . TYR C 1 34 ? 11.438  14.201  -6.420  1.00 102.20 ? 31 TYR C CD1 1 
ATOM 1448 C CD2 . TYR C 1 34 ? 10.449  12.058  -6.910  1.00 97.21  ? 31 TYR C CD2 1 
ATOM 1449 C CE1 . TYR C 1 34 ? 12.017  14.236  -7.693  1.00 104.03 ? 31 TYR C CE1 1 
ATOM 1450 C CE2 . TYR C 1 34 ? 11.019  12.082  -8.181  1.00 98.46  ? 31 TYR C CE2 1 
ATOM 1451 C CZ  . TYR C 1 34 ? 11.800  13.165  -8.564  1.00 103.80 ? 31 TYR C CZ  1 
ATOM 1452 O OH  . TYR C 1 34 ? 12.356  13.164  -9.817  1.00 98.63  ? 31 TYR C OH  1 
ATOM 1453 N N   . ALA C 1 35 ? 7.857   13.517  -2.275  1.00 93.18  ? 32 ALA C N   1 
ATOM 1454 C CA  . ALA C 1 35 ? 6.997   13.046  -1.191  1.00 90.94  ? 32 ALA C CA  1 
ATOM 1455 C C   . ALA C 1 35 ? 5.527   13.318  -1.523  1.00 89.19  ? 32 ALA C C   1 
ATOM 1456 O O   . ALA C 1 35 ? 4.646   12.466  -1.339  1.00 84.04  ? 32 ALA C O   1 
ATOM 1457 C CB  . ALA C 1 35 ? 7.388   13.673  0.131   1.00 88.20  ? 32 ALA C CB  1 
ATOM 1458 N N   . LEU C 1 36 ? 5.276   14.524  -2.024  1.00 91.45  ? 33 LEU C N   1 
ATOM 1459 C CA  . LEU C 1 36 ? 3.941   14.918  -2.441  1.00 95.37  ? 33 LEU C CA  1 
ATOM 1460 C C   . LEU C 1 36 ? 3.399   14.018  -3.521  1.00 91.10  ? 33 LEU C C   1 
ATOM 1461 O O   . LEU C 1 36 ? 2.263   13.571  -3.421  1.00 91.51  ? 33 LEU C O   1 
ATOM 1462 C CB  . LEU C 1 36 ? 3.892   16.370  -2.909  1.00 96.31  ? 33 LEU C CB  1 
ATOM 1463 C CG  . LEU C 1 36 ? 4.183   17.418  -1.849  1.00 91.71  ? 33 LEU C CG  1 
ATOM 1464 C CD1 . LEU C 1 36 ? 4.251   18.804  -2.458  1.00 101.01 ? 33 LEU C CD1 1 
ATOM 1465 C CD2 . LEU C 1 36 ? 3.100   17.359  -0.825  1.00 90.95  ? 33 LEU C CD2 1 
ATOM 1466 N N   . ALA C 1 37 ? 4.201   13.778  -4.557  1.00 94.91  ? 34 ALA C N   1 
ATOM 1467 C CA  . ALA C 1 37 ? 3.784   12.915  -5.665  1.00 91.95  ? 34 ALA C CA  1 
ATOM 1468 C C   . ALA C 1 37 ? 3.622   11.401  -5.383  1.00 89.58  ? 34 ALA C C   1 
ATOM 1469 O O   . ALA C 1 37 ? 2.845   10.718  -6.052  1.00 94.93  ? 34 ALA C O   1 
ATOM 1470 C CB  . ALA C 1 37 ? 4.799   12.980  -6.800  1.00 87.03  ? 34 ALA C CB  1 
ATOM 1471 N N   . ALA C 1 38 ? 4.329   10.874  -4.392  1.00 82.88  ? 35 ALA C N   1 
ATOM 1472 C CA  . ALA C 1 38 ? 4.068   9.508   -3.917  1.00 91.50  ? 35 ALA C CA  1 
ATOM 1473 C C   . ALA C 1 38 ? 2.727   9.323   -3.174  1.00 91.46  ? 35 ALA C C   1 
ATOM 1474 O O   . ALA C 1 38 ? 2.343   8.187   -2.829  1.00 97.70  ? 35 ALA C O   1 
ATOM 1475 C CB  . ALA C 1 38 ? 5.292   8.942   -3.205  1.00 98.32  ? 35 ALA C CB  1 
ATOM 1476 N N   . GLY C 1 39 ? 2.052   10.437  -2.897  1.00 90.29  ? 36 GLY C N   1 
ATOM 1477 C CA  . GLY C 1 39 ? 0.828   10.462  -2.108  1.00 94.42  ? 36 GLY C CA  1 
ATOM 1478 C C   . GLY C 1 39 ? -0.357  9.885   -2.867  1.00 100.88 ? 36 GLY C C   1 
ATOM 1479 O O   . GLY C 1 39 ? -1.482  9.879   -2.364  1.00 99.52  ? 36 GLY C O   1 
ATOM 1480 N N   . SER C 1 40 ? -0.096  9.412   -4.090  1.00 102.59 ? 37 SER C N   1 
ATOM 1481 C CA  . SER C 1 40 ? -1.085  8.681   -4.882  1.00 92.25  ? 37 SER C CA  1 
ATOM 1482 C C   . SER C 1 40 ? -0.596  7.264   -5.036  1.00 99.18  ? 37 SER C C   1 
ATOM 1483 O O   . SER C 1 40 ? -1.085  6.514   -5.897  1.00 107.95 ? 37 SER C O   1 
ATOM 1484 C CB  . SER C 1 40 ? -1.221  9.273   -6.283  1.00 89.84  ? 37 SER C CB  1 
ATOM 1485 O OG  . SER C 1 40 ? -1.298  10.674  -6.261  1.00 100.77 ? 37 SER C OG  1 
ATOM 1486 N N   . LEU C 1 41 ? 0.346   6.873   -4.187  1.00 93.12  ? 38 LEU C N   1 
ATOM 1487 C CA  . LEU C 1 41 ? 0.992   5.586   -4.372  1.00 89.02  ? 38 LEU C CA  1 
ATOM 1488 C C   . LEU C 1 41 ? 0.887   4.799   -3.088  1.00 96.10  ? 38 LEU C C   1 
ATOM 1489 O O   . LEU C 1 41 ? 0.291   5.269   -2.108  1.00 104.56 ? 38 LEU C O   1 
ATOM 1490 C CB  . LEU C 1 41 ? 2.443   5.767   -4.822  1.00 85.06  ? 38 LEU C CB  1 
ATOM 1491 C CG  . LEU C 1 41 ? 2.610   6.614   -6.092  1.00 89.83  ? 38 LEU C CG  1 
ATOM 1492 C CD1 . LEU C 1 41 ? 4.071   6.821   -6.469  1.00 89.95  ? 38 LEU C CD1 1 
ATOM 1493 C CD2 . LEU C 1 41 ? 1.829   6.033   -7.304  1.00 92.38  ? 38 LEU C CD2 1 
ATOM 1494 N N   . ASN C 1 42 ? 1.401   3.578   -3.105  1.00 95.27  ? 39 ASN C N   1 
ATOM 1495 C CA  . ASN C 1 42 ? 1.494   2.817   -1.887  1.00 99.83  ? 39 ASN C CA  1 
ATOM 1496 C C   . ASN C 1 42 ? 2.272   3.632   -0.878  1.00 107.24 ? 39 ASN C C   1 
ATOM 1497 O O   . ASN C 1 42 ? 3.262   4.281   -1.245  1.00 106.72 ? 39 ASN C O   1 
ATOM 1498 C CB  . ASN C 1 42 ? 2.248   1.518   -2.129  1.00 101.95 ? 39 ASN C CB  1 
ATOM 1499 C CG  . ASN C 1 42 ? 2.237   0.618   -0.914  1.00 116.37 ? 39 ASN C CG  1 
ATOM 1500 O OD1 . ASN C 1 42 ? 3.108   0.713   -0.042  1.00 117.28 ? 39 ASN C OD1 1 
ATOM 1501 N ND2 . ASN C 1 42 ? 1.256   -0.273  -0.852  1.00 125.40 ? 39 ASN C ND2 1 
ATOM 1502 N N   . PRO C 1 43 ? 1.843   3.598   0.395   1.00 106.46 ? 40 PRO C N   1 
ATOM 1503 C CA  . PRO C 1 43 ? 2.600   4.200   1.501   1.00 112.61 ? 40 PRO C CA  1 
ATOM 1504 C C   . PRO C 1 43 ? 4.104   3.870   1.528   1.00 110.88 ? 40 PRO C C   1 
ATOM 1505 O O   . PRO C 1 43 ? 4.874   4.696   2.029   1.00 111.74 ? 40 PRO C O   1 
ATOM 1506 C CB  . PRO C 1 43 ? 1.869   3.661   2.730   1.00 117.59 ? 40 PRO C CB  1 
ATOM 1507 C CG  . PRO C 1 43 ? 0.429   3.685   2.287   1.00 114.24 ? 40 PRO C CG  1 
ATOM 1508 C CD  . PRO C 1 43 ? 0.442   3.350   0.781   1.00 108.02 ? 40 PRO C CD  1 
ATOM 1509 N N   . TYR C 1 44 ? 4.506   2.711   1.002   1.00 106.17 ? 41 TYR C N   1 
ATOM 1510 C CA  . TYR C 1 44 ? 5.923   2.378   0.818   1.00 103.08 ? 41 TYR C CA  1 
ATOM 1511 C C   . TYR C 1 44 ? 6.794   3.535   0.276   1.00 105.70 ? 41 TYR C C   1 
ATOM 1512 O O   . TYR C 1 44 ? 7.894   3.784   0.785   1.00 110.45 ? 41 TYR C O   1 
ATOM 1513 C CB  . TYR C 1 44 ? 6.085   1.154   -0.093  1.00 95.55  ? 41 TYR C CB  1 
ATOM 1514 C CG  . TYR C 1 44 ? 7.510   0.945   -0.576  1.00 95.32  ? 41 TYR C CG  1 
ATOM 1515 C CD1 . TYR C 1 44 ? 8.423   0.183   0.159   1.00 93.92  ? 41 TYR C CD1 1 
ATOM 1516 C CD2 . TYR C 1 44 ? 7.954   1.515   -1.778  1.00 98.98  ? 41 TYR C CD2 1 
ATOM 1517 C CE1 . TYR C 1 44 ? 9.740   -0.007  -0.296  1.00 86.54  ? 41 TYR C CE1 1 
ATOM 1518 C CE2 . TYR C 1 44 ? 9.267   1.331   -2.238  1.00 96.75  ? 41 TYR C CE2 1 
ATOM 1519 C CZ  . TYR C 1 44 ? 10.149  0.570   -1.498  1.00 87.74  ? 41 TYR C CZ  1 
ATOM 1520 O OH  . TYR C 1 44 ? 11.428  0.406   -1.969  1.00 82.41  ? 41 TYR C OH  1 
ATOM 1521 N N   . TYR C 1 45 ? 6.314   4.230   -0.753  1.00 104.38 ? 42 TYR C N   1 
ATOM 1522 C CA  . TYR C 1 45 ? 7.145   5.229   -1.436  1.00 102.35 ? 42 TYR C CA  1 
ATOM 1523 C C   . TYR C 1 45 ? 7.420   6.461   -0.577  1.00 106.16 ? 42 TYR C C   1 
ATOM 1524 O O   . TYR C 1 45 ? 8.581   6.853   -0.396  1.00 112.21 ? 42 TYR C O   1 
ATOM 1525 C CB  . TYR C 1 45 ? 6.557   5.598   -2.813  1.00 102.36 ? 42 TYR C CB  1 
ATOM 1526 C CG  . TYR C 1 45 ? 6.531   4.412   -3.768  1.00 99.66  ? 42 TYR C CG  1 
ATOM 1527 C CD1 . TYR C 1 45 ? 7.658   4.085   -4.514  1.00 99.50  ? 42 TYR C CD1 1 
ATOM 1528 C CD2 . TYR C 1 45 ? 5.397   3.614   -3.902  1.00 97.27  ? 42 TYR C CD2 1 
ATOM 1529 C CE1 . TYR C 1 45 ? 7.664   3.015   -5.354  1.00 100.38 ? 42 TYR C CE1 1 
ATOM 1530 C CE2 . TYR C 1 45 ? 5.393   2.525   -4.756  1.00 102.68 ? 42 TYR C CE2 1 
ATOM 1531 C CZ  . TYR C 1 45 ? 6.538   2.235   -5.478  1.00 100.76 ? 42 TYR C CZ  1 
ATOM 1532 O OH  . TYR C 1 45 ? 6.587   1.173   -6.344  1.00 96.55  ? 42 TYR C OH  1 
ATOM 1533 N N   . LYS C 1 46 ? 6.361   7.034   -0.004  1.00 104.89 ? 43 LYS C N   1 
ATOM 1534 C CA  . LYS C 1 46 ? 6.518   8.146   0.924   1.00 105.02 ? 43 LYS C CA  1 
ATOM 1535 C C   . LYS C 1 46 ? 7.377   7.690   2.092   1.00 109.32 ? 43 LYS C C   1 
ATOM 1536 O O   . LYS C 1 46 ? 8.394   8.303   2.363   1.00 111.92 ? 43 LYS C O   1 
ATOM 1537 C CB  . LYS C 1 46 ? 5.171   8.636   1.465   1.00 111.75 ? 43 LYS C CB  1 
ATOM 1538 C CG  . LYS C 1 46 ? 5.255   9.846   2.388   1.00 121.49 ? 43 LYS C CG  1 
ATOM 1539 C CD  . LYS C 1 46 ? 3.879   10.321  2.860   1.00 120.08 ? 43 LYS C CD  1 
ATOM 1540 C CE  . LYS C 1 46 ? 4.003   11.525  3.804   1.00 129.79 ? 43 LYS C CE  1 
ATOM 1541 N NZ  . LYS C 1 46 ? 2.670   12.032  4.300   1.00 122.44 ? 43 LYS C NZ  1 
ATOM 1542 N N   . ARG C 1 47 ? 6.977   6.600   2.755   1.00 110.29 ? 44 ARG C N   1 
ATOM 1543 C CA  . ARG C 1 47 ? 7.719   6.066   3.904   1.00 111.58 ? 44 ARG C CA  1 
ATOM 1544 C C   . ARG C 1 47 ? 9.222   5.935   3.633   1.00 112.82 ? 44 ARG C C   1 
ATOM 1545 O O   . ARG C 1 47 ? 10.053  6.183   4.514   1.00 121.69 ? 44 ARG C O   1 
ATOM 1546 C CB  . ARG C 1 47 ? 7.122   4.721   4.325   1.00 113.41 ? 44 ARG C CB  1 
ATOM 1547 C CG  . ARG C 1 47 ? 7.937   3.935   5.339   1.00 120.91 ? 44 ARG C CG  1 
ATOM 1548 C CD  . ARG C 1 47 ? 7.038   3.055   6.211   1.00 126.51 ? 44 ARG C CD  1 
ATOM 1549 N NE  . ARG C 1 47 ? 6.010   2.330   5.455   1.00 133.19 ? 44 ARG C NE  1 
ATOM 1550 C CZ  . ARG C 1 47 ? 6.229   1.264   4.677   1.00 134.28 ? 44 ARG C CZ  1 
ATOM 1551 N NH1 . ARG C 1 47 ? 7.458   0.771   4.530   1.00 129.85 ? 44 ARG C NH1 1 
ATOM 1552 N NH2 . ARG C 1 47 ? 5.213   0.684   4.042   1.00 125.90 ? 44 ARG C NH2 1 
ATOM 1553 N N   . THR C 1 48 ? 9.562   5.633   2.388   1.00 108.81 ? 45 THR C N   1 
ATOM 1554 C CA  . THR C 1 48 ? 10.942  5.356   1.999   1.00 114.44 ? 45 THR C CA  1 
ATOM 1555 C C   . THR C 1 48 ? 11.668  6.684   1.709   1.00 116.27 ? 45 THR C C   1 
ATOM 1556 O O   . THR C 1 48 ? 12.892  6.775   1.826   1.00 113.22 ? 45 THR C O   1 
ATOM 1557 C CB  . THR C 1 48 ? 10.953  4.383   0.761   1.00 105.40 ? 45 THR C CB  1 
ATOM 1558 O OG1 . THR C 1 48 ? 10.503  3.085   1.173   1.00 100.00 ? 45 THR C OG1 1 
ATOM 1559 C CG2 . THR C 1 48 ? 12.326  4.274   0.087   1.00 101.04 ? 45 THR C CG2 1 
ATOM 1560 N N   . ILE C 1 49 ? 10.901  7.729   1.395   1.00 117.08 ? 46 ILE C N   1 
ATOM 1561 C CA  . ILE C 1 49 ? 11.466  9.083   1.370   1.00 117.82 ? 46 ILE C CA  1 
ATOM 1562 C C   . ILE C 1 49 ? 11.672  9.634   2.787   1.00 118.62 ? 46 ILE C C   1 
ATOM 1563 O O   . ILE C 1 49 ? 12.739  10.170  3.102   1.00 124.34 ? 46 ILE C O   1 
ATOM 1564 C CB  . ILE C 1 49 ? 10.569  10.085  0.601   1.00 108.42 ? 46 ILE C CB  1 
ATOM 1565 C CG1 . ILE C 1 49 ? 10.512  9.715   -0.891  1.00 102.72 ? 46 ILE C CG1 1 
ATOM 1566 C CG2 . ILE C 1 49 ? 11.064  11.508  0.834   1.00 107.32 ? 46 ILE C CG2 1 
ATOM 1567 C CD1 . ILE C 1 49 ? 9.483   10.427  -1.741  1.00 93.29  ? 46 ILE C CD1 1 
ATOM 1568 N N   . MET C 1 50 ? 10.636  9.529   3.619   1.00 115.75 ? 47 MET C N   1 
ATOM 1569 C CA  . MET C 1 50 ? 10.704  9.897   5.026   1.00 115.49 ? 47 MET C CA  1 
ATOM 1570 C C   . MET C 1 50 ? 11.927  9.294   5.705   1.00 119.64 ? 47 MET C C   1 
ATOM 1571 O O   . MET C 1 50 ? 12.591  9.974   6.492   1.00 124.40 ? 47 MET C O   1 
ATOM 1572 C CB  . MET C 1 50 ? 9.429   9.461   5.764   1.00 116.03 ? 47 MET C CB  1 
ATOM 1573 C CG  . MET C 1 50 ? 8.120   9.780   5.033   1.00 123.83 ? 47 MET C CG  1 
ATOM 1574 S SD  . MET C 1 50 ? 7.251   11.264  5.567   1.00 142.91 ? 47 MET C SD  1 
ATOM 1575 C CE  . MET C 1 50 ? 8.123   12.552  4.664   1.00 125.33 ? 47 MET C CE  1 
ATOM 1576 N N   . MET C 1 51 ? 12.253  8.039   5.387   1.00 122.52 ? 48 MET C N   1 
ATOM 1577 C CA  . MET C 1 51 ? 13.373  7.389   6.095   1.00 125.97 ? 48 MET C CA  1 
ATOM 1578 C C   . MET C 1 51 ? 14.731  7.418   5.372   1.00 126.73 ? 48 MET C C   1 
ATOM 1579 O O   . MET C 1 51 ? 15.666  6.718   5.753   1.00 129.44 ? 48 MET C O   1 
ATOM 1580 C CB  . MET C 1 51 ? 13.015  5.964   6.549   1.00 129.18 ? 48 MET C CB  1 
ATOM 1581 C CG  . MET C 1 51 ? 12.784  4.972   5.427   1.00 131.57 ? 48 MET C CG  1 
ATOM 1582 S SD  . MET C 1 51 ? 12.107  3.407   6.030   1.00 149.31 ? 48 MET C SD  1 
ATOM 1583 C CE  . MET C 1 51 ? 12.071  2.434   4.521   1.00 132.33 ? 48 MET C CE  1 
ATOM 1584 N N   . ASN C 1 52 ? 14.834  8.254   4.347   1.00 127.20 ? 49 ASN C N   1 
ATOM 1585 C CA  . ASN C 1 52 ? 16.071  8.429   3.599   1.00 124.85 ? 49 ASN C CA  1 
ATOM 1586 C C   . ASN C 1 52 ? 16.500  9.863   3.782   1.00 122.33 ? 49 ASN C C   1 
ATOM 1587 O O   . ASN C 1 52 ? 17.695  10.181  3.708   1.00 127.08 ? 49 ASN C O   1 
ATOM 1588 C CB  . ASN C 1 52 ? 15.840  8.166   2.106   1.00 124.72 ? 49 ASN C CB  1 
ATOM 1589 C CG  . ASN C 1 52 ? 16.368  6.808   1.655   1.00 125.13 ? 49 ASN C CG  1 
ATOM 1590 O OD1 . ASN C 1 52 ? 17.554  6.511   1.839   1.00 128.91 ? 49 ASN C OD1 1 
ATOM 1591 N ND2 . ASN C 1 52 ? 15.505  5.993   1.026   1.00 118.82 ? 49 ASN C ND2 1 
ATOM 1592 N N   . GLU C 1 53 ? 15.503  10.720  4.016   1.00 123.82 ? 50 GLU C N   1 
ATOM 1593 C CA  . GLU C 1 53 ? 15.726  12.110  4.400   1.00 121.80 ? 50 GLU C CA  1 
ATOM 1594 C C   . GLU C 1 53 ? 16.515  12.150  5.707   1.00 124.59 ? 50 GLU C C   1 
ATOM 1595 O O   . GLU C 1 53 ? 17.510  12.859  5.819   1.00 125.42 ? 50 GLU C O   1 
ATOM 1596 C CB  . GLU C 1 53 ? 14.388  12.827  4.592   1.00 117.93 ? 50 GLU C CB  1 
ATOM 1597 C CG  . GLU C 1 53 ? 13.658  13.187  3.308   1.00 120.51 ? 50 GLU C CG  1 
ATOM 1598 C CD  . GLU C 1 53 ? 12.411  14.044  3.554   1.00 127.36 ? 50 GLU C CD  1 
ATOM 1599 O OE1 . GLU C 1 53 ? 12.526  15.052  4.294   1.00 134.11 ? 50 GLU C OE1 1 
ATOM 1600 O OE2 . GLU C 1 53 ? 11.328  13.724  2.996   1.00 123.51 ? 50 GLU C OE2 1 
ATOM 1601 N N   . TYR C 1 54 ? 16.067  11.357  6.673   1.00 126.50 ? 51 TYR C N   1 
ATOM 1602 C CA  . TYR C 1 54 ? 16.736  11.211  7.956   1.00 126.21 ? 51 TYR C CA  1 
ATOM 1603 C C   . TYR C 1 54 ? 18.234  10.897  7.876   1.00 131.15 ? 51 TYR C C   1 
ATOM 1604 O O   . TYR C 1 54 ? 19.074  11.690  8.348   1.00 134.21 ? 51 TYR C O   1 
ATOM 1605 C CB  . TYR C 1 54 ? 16.058  10.113  8.788   1.00 131.71 ? 51 TYR C CB  1 
ATOM 1606 C CG  . TYR C 1 54 ? 16.769  9.841   10.095  1.00 146.91 ? 51 TYR C CG  1 
ATOM 1607 C CD1 . TYR C 1 54 ? 16.614  10.699  11.188  1.00 146.08 ? 51 TYR C CD1 1 
ATOM 1608 C CD2 . TYR C 1 54 ? 17.617  8.739   10.237  1.00 149.73 ? 51 TYR C CD2 1 
ATOM 1609 C CE1 . TYR C 1 54 ? 17.278  10.464  12.390  1.00 148.94 ? 51 TYR C CE1 1 
ATOM 1610 C CE2 . TYR C 1 54 ? 18.285  8.495   11.434  1.00 152.65 ? 51 TYR C CE2 1 
ATOM 1611 C CZ  . TYR C 1 54 ? 18.113  9.360   12.508  1.00 153.15 ? 51 TYR C CZ  1 
ATOM 1612 O OH  . TYR C 1 54 ? 18.775  9.122   13.699  1.00 148.32 ? 51 TYR C OH  1 
ATOM 1613 N N   . ARG C 1 55 ? 18.557  9.733   7.315   1.00 134.32 ? 52 ARG C N   1 
ATOM 1614 C CA  . ARG C 1 55 ? 19.934  9.349   6.976   1.00 134.28 ? 52 ARG C CA  1 
ATOM 1615 C C   . ARG C 1 55 ? 20.736  10.451  6.285   1.00 133.94 ? 52 ARG C C   1 
ATOM 1616 O O   . ARG C 1 55 ? 21.826  10.805  6.742   1.00 133.22 ? 52 ARG C O   1 
ATOM 1617 C CB  . ARG C 1 55 ? 19.964  8.074   6.139   1.00 123.47 ? 52 ARG C CB  1 
ATOM 1618 C CG  . ARG C 1 55 ? 19.123  6.963   6.701   1.00 128.12 ? 52 ARG C CG  1 
ATOM 1619 C CD  . ARG C 1 55 ? 19.628  5.631   6.207   1.00 136.09 ? 52 ARG C CD  1 
ATOM 1620 N NE  . ARG C 1 55 ? 19.051  4.504   6.935   1.00 147.88 ? 52 ARG C NE  1 
ATOM 1621 C CZ  . ARG C 1 55 ? 18.177  3.649   6.403   1.00 150.95 ? 52 ARG C CZ  1 
ATOM 1622 N NH1 . ARG C 1 55 ? 17.776  3.806   5.146   1.00 143.30 ? 52 ARG C NH1 1 
ATOM 1623 N NH2 . ARG C 1 55 ? 17.700  2.641   7.125   1.00 152.46 ? 52 ARG C NH2 1 
ATOM 1624 N N   . ALA C 1 56 ? 20.196  11.002  5.197   1.00 134.34 ? 53 ALA C N   1 
ATOM 1625 C CA  . ALA C 1 56 ? 20.914  12.051  4.473   1.00 134.13 ? 53 ALA C CA  1 
ATOM 1626 C C   . ALA C 1 56 ? 21.274  13.245  5.375   1.00 135.23 ? 53 ALA C C   1 
ATOM 1627 O O   . ALA C 1 56 ? 22.418  13.719  5.351   1.00 141.21 ? 53 ALA C O   1 
ATOM 1628 C CB  . ALA C 1 56 ? 20.122  12.511  3.258   1.00 131.27 ? 53 ALA C CB  1 
ATOM 1629 N N   . LYS C 1 57 ? 20.310  13.718  6.174   1.00 136.46 ? 54 LYS C N   1 
ATOM 1630 C CA  . LYS C 1 57 ? 20.533  14.866  7.073   1.00 135.15 ? 54 LYS C CA  1 
ATOM 1631 C C   . LYS C 1 57 ? 21.594  14.613  8.157   1.00 135.67 ? 54 LYS C C   1 
ATOM 1632 O O   . LYS C 1 57 ? 22.526  15.425  8.346   1.00 132.35 ? 54 LYS C O   1 
ATOM 1633 C CB  . LYS C 1 57 ? 19.207  15.331  7.697   1.00 130.28 ? 54 LYS C CB  1 
ATOM 1634 C CG  . LYS C 1 57 ? 18.243  15.942  6.677   1.00 132.20 ? 54 LYS C CG  1 
ATOM 1635 C CD  . LYS C 1 57 ? 16.865  16.249  7.251   1.00 129.51 ? 54 LYS C CD  1 
ATOM 1636 C CE  . LYS C 1 57 ? 15.949  16.804  6.169   1.00 130.83 ? 54 LYS C CE  1 
ATOM 1637 N NZ  . LYS C 1 57 ? 14.529  16.948  6.611   1.00 123.05 ? 54 LYS C NZ  1 
ATOM 1638 N N   . ALA C 1 58 ? 21.474  13.478  8.844   1.00 138.02 ? 55 ALA C N   1 
ATOM 1639 C CA  . ALA C 1 58 ? 22.463  13.148  9.866   1.00 136.73 ? 55 ALA C CA  1 
ATOM 1640 C C   . ALA C 1 58 ? 23.833  13.079  9.200   1.00 142.51 ? 55 ALA C C   1 
ATOM 1641 O O   . ALA C 1 58 ? 24.793  13.697  9.667   1.00 142.94 ? 55 ALA C O   1 
ATOM 1642 C CB  . ALA C 1 58 ? 22.133  11.824  10.529  1.00 135.14 ? 55 ALA C CB  1 
ATOM 1643 N N   . ALA C 1 59 ? 23.882  12.377  8.070   1.00 142.65 ? 56 ALA C N   1 
ATOM 1644 C CA  . ALA C 1 59 ? 25.117  12.171  7.312   1.00 139.17 ? 56 ALA C CA  1 
ATOM 1645 C C   . ALA C 1 59 ? 25.796  13.472  6.896   1.00 140.32 ? 56 ALA C C   1 
ATOM 1646 O O   . ALA C 1 59 ? 27.024  13.546  6.893   1.00 141.27 ? 56 ALA C O   1 
ATOM 1647 C CB  . ALA C 1 59 ? 24.844  11.321  6.087   1.00 135.62 ? 56 ALA C CB  1 
ATOM 1648 N N   . LEU C 1 60 ? 25.007  14.478  6.509   1.00 142.83 ? 57 LEU C N   1 
ATOM 1649 C CA  . LEU C 1 60 ? 25.561  15.812  6.227   1.00 144.79 ? 57 LEU C CA  1 
ATOM 1650 C C   . LEU C 1 60 ? 26.105  16.496  7.474   1.00 144.00 ? 57 LEU C C   1 
ATOM 1651 O O   . LEU C 1 60 ? 27.113  17.218  7.419   1.00 137.57 ? 57 LEU C O   1 
ATOM 1652 C CB  . LEU C 1 60 ? 24.548  16.750  5.557   1.00 139.50 ? 57 LEU C CB  1 
ATOM 1653 C CG  . LEU C 1 60 ? 24.333  16.663  4.051   1.00 140.79 ? 57 LEU C CG  1 
ATOM 1654 C CD1 . LEU C 1 60 ? 23.910  18.038  3.538   1.00 136.64 ? 57 LEU C CD1 1 
ATOM 1655 C CD2 . LEU C 1 60 ? 25.585  16.165  3.338   1.00 135.32 ? 57 LEU C CD2 1 
ATOM 1656 N N   . LYS C 1 61 ? 25.403  16.284  8.586   1.00 145.18 ? 58 LYS C N   1 
ATOM 1657 C CA  . LYS C 1 61 ? 25.804  16.867  9.863   1.00 146.19 ? 58 LYS C CA  1 
ATOM 1658 C C   . LYS C 1 61 ? 27.119  16.306  10.429  1.00 149.95 ? 58 LYS C C   1 
ATOM 1659 O O   . LYS C 1 61 ? 27.943  17.071  10.925  1.00 154.50 ? 58 LYS C O   1 
ATOM 1660 C CB  . LYS C 1 61 ? 24.659  16.775  10.873  1.00 144.05 ? 58 LYS C CB  1 
ATOM 1661 C CG  . LYS C 1 61 ? 24.720  17.831  11.943  1.00 145.00 ? 58 LYS C CG  1 
ATOM 1662 C CD  . LYS C 1 61 ? 23.355  18.127  12.517  1.00 140.81 ? 58 LYS C CD  1 
ATOM 1663 C CE  . LYS C 1 61 ? 22.519  18.899  11.517  1.00 131.02 ? 58 LYS C CE  1 
ATOM 1664 N NZ  . LYS C 1 61 ? 21.403  19.599  12.206  1.00 131.61 ? 58 LYS C NZ  1 
ATOM 1665 N N   . LYS C 1 62 ? 27.321  14.990  10.352  1.00 144.87 ? 59 LYS C N   1 
ATOM 1666 C CA  . LYS C 1 62 ? 28.586  14.403  10.812  1.00 142.50 ? 59 LYS C CA  1 
ATOM 1667 C C   . LYS C 1 62 ? 29.664  14.363  9.720   1.00 139.86 ? 59 LYS C C   1 
ATOM 1668 O O   . LYS C 1 62 ? 30.773  13.876  9.949   1.00 140.35 ? 59 LYS C O   1 
ATOM 1669 C CB  . LYS C 1 62 ? 28.382  13.002  11.409  1.00 144.24 ? 59 LYS C CB  1 
ATOM 1670 C CG  . LYS C 1 62 ? 27.592  12.955  12.707  1.00 154.87 ? 59 LYS C CG  1 
ATOM 1671 C CD  . LYS C 1 62 ? 27.418  11.517  13.212  1.00 158.91 ? 59 LYS C CD  1 
ATOM 1672 C CE  . LYS C 1 62 ? 26.644  11.460  14.533  1.00 161.50 ? 59 LYS C CE  1 
ATOM 1673 N NZ  . LYS C 1 62 ? 26.443  10.064  15.031  1.00 162.96 ? 59 LYS C NZ  1 
ATOM 1674 N N   . ASN C 1 63 ? 29.305  14.872  8.540   1.00 141.05 ? 60 ASN C N   1 
ATOM 1675 C CA  . ASN C 1 63 ? 30.146  14.870  7.331   1.00 144.06 ? 60 ASN C CA  1 
ATOM 1676 C C   . ASN C 1 63 ? 30.778  13.512  6.977   1.00 145.66 ? 60 ASN C C   1 
ATOM 1677 O O   . ASN C 1 63 ? 31.864  13.460  6.412   1.00 144.73 ? 60 ASN C O   1 
ATOM 1678 C CB  . ASN C 1 63 ? 31.223  15.974  7.362   1.00 138.12 ? 60 ASN C CB  1 
ATOM 1679 C CG  . ASN C 1 63 ? 31.840  16.235  5.976   1.00 138.79 ? 60 ASN C CG  1 
ATOM 1680 O OD1 . ASN C 1 63 ? 31.437  17.151  5.263   1.00 139.30 ? 60 ASN C OD1 1 
ATOM 1681 N ND2 . ASN C 1 63 ? 32.802  15.401  5.588   1.00 142.04 ? 60 ASN C ND2 1 
ATOM 1682 N N   . ASP C 1 64 ? 30.093  12.418  7.287   1.00 145.02 ? 61 ASP C N   1 
ATOM 1683 C CA  . ASP C 1 64 ? 30.602  11.088  6.967   1.00 142.76 ? 61 ASP C CA  1 
ATOM 1684 C C   . ASP C 1 64 ? 30.427  10.860  5.467   1.00 140.15 ? 61 ASP C C   1 
ATOM 1685 O O   . ASP C 1 64 ? 29.353  11.109  4.935   1.00 139.12 ? 61 ASP C O   1 
ATOM 1686 C CB  . ASP C 1 64 ? 29.837  10.041  7.790   1.00 140.69 ? 61 ASP C CB  1 
ATOM 1687 C CG  . ASP C 1 64 ? 30.258  8.611   7.490   1.00 143.24 ? 61 ASP C CG  1 
ATOM 1688 O OD1 . ASP C 1 64 ? 30.688  8.290   6.360   1.00 140.14 ? 61 ASP C OD1 1 
ATOM 1689 O OD2 . ASP C 1 64 ? 30.155  7.791   8.422   1.00 153.02 ? 61 ASP C OD2 1 
ATOM 1690 N N   . PHE C 1 65 ? 31.464  10.370  4.790   1.00 138.42 ? 62 PHE C N   1 
ATOM 1691 C CA  . PHE C 1 65 ? 31.377  10.134  3.346   1.00 134.19 ? 62 PHE C CA  1 
ATOM 1692 C C   . PHE C 1 65 ? 30.426  8.994   2.974   1.00 134.86 ? 62 PHE C C   1 
ATOM 1693 O O   . PHE C 1 65 ? 29.539  9.166   2.134   1.00 135.49 ? 62 PHE C O   1 
ATOM 1694 C CB  . PHE C 1 65 ? 32.766  9.853   2.755   1.00 128.25 ? 62 PHE C CB  1 
ATOM 1695 C CG  . PHE C 1 65 ? 32.751  9.523   1.276   1.00 134.47 ? 62 PHE C CG  1 
ATOM 1696 C CD1 . PHE C 1 65 ? 32.701  10.534  0.323   1.00 138.29 ? 62 PHE C CD1 1 
ATOM 1697 C CD2 . PHE C 1 65 ? 32.809  8.206   0.839   1.00 133.42 ? 62 PHE C CD2 1 
ATOM 1698 C CE1 . PHE C 1 65 ? 32.695  10.233  -1.038  1.00 140.21 ? 62 PHE C CE1 1 
ATOM 1699 C CE2 . PHE C 1 65 ? 32.804  7.900   -0.518  1.00 133.67 ? 62 PHE C CE2 1 
ATOM 1700 C CZ  . PHE C 1 65 ? 32.747  8.913   -1.457  1.00 137.94 ? 62 PHE C CZ  1 
ATOM 1701 N N   . VAL C 1 66 ? 30.604  7.840   3.608   1.00 136.27 ? 63 VAL C N   1 
ATOM 1702 C CA  . VAL C 1 66 ? 29.890  6.628   3.199   1.00 137.31 ? 63 VAL C CA  1 
ATOM 1703 C C   . VAL C 1 66 ? 28.375  6.710   3.392   1.00 134.45 ? 63 VAL C C   1 
ATOM 1704 O O   . VAL C 1 66 ? 27.604  6.166   2.585   1.00 133.89 ? 63 VAL C O   1 
ATOM 1705 C CB  . VAL C 1 66 ? 30.428  5.355   3.900   1.00 143.37 ? 63 VAL C CB  1 
ATOM 1706 C CG1 . VAL C 1 66 ? 30.350  4.141   2.951   1.00 140.90 ? 63 VAL C CG1 1 
ATOM 1707 C CG2 . VAL C 1 66 ? 31.853  5.581   4.410   1.00 144.19 ? 63 VAL C CG2 1 
ATOM 1708 N N   . SER C 1 67 ? 27.952  7.394   4.453   1.00 136.46 ? 64 SER C N   1 
ATOM 1709 C CA  . SER C 1 67 ? 26.528  7.567   4.718   1.00 135.27 ? 64 SER C CA  1 
ATOM 1710 C C   . SER C 1 67 ? 25.922  8.515   3.691   1.00 130.05 ? 64 SER C C   1 
ATOM 1711 O O   . SER C 1 67 ? 24.778  8.329   3.253   1.00 130.33 ? 64 SER C O   1 
ATOM 1712 C CB  . SER C 1 67 ? 26.300  8.091   6.139   1.00 144.18 ? 64 SER C CB  1 
ATOM 1713 O OG  . SER C 1 67 ? 26.612  7.099   7.103   1.00 154.33 ? 64 SER C OG  1 
ATOM 1714 N N   . MET C 1 68 ? 26.715  9.497   3.271   1.00 128.85 ? 65 MET C N   1 
ATOM 1715 C CA  . MET C 1 68 ? 26.290  10.448  2.245   1.00 130.11 ? 65 MET C CA  1 
ATOM 1716 C C   . MET C 1 68 ? 26.111  9.764   0.875   1.00 126.84 ? 65 MET C C   1 
ATOM 1717 O O   . MET C 1 68 ? 25.100  9.976   0.188   1.00 126.63 ? 65 MET C O   1 
ATOM 1718 C CB  . MET C 1 68 ? 27.293  11.607  2.159   1.00 132.48 ? 65 MET C CB  1 
ATOM 1719 C CG  . MET C 1 68 ? 27.251  12.562  3.361   1.00 136.09 ? 65 MET C CG  1 
ATOM 1720 S SD  . MET C 1 68 ? 28.239  14.075  3.197   1.00 140.04 ? 65 MET C SD  1 
ATOM 1721 C CE  . MET C 1 68 ? 29.890  13.403  3.018   1.00 136.71 ? 65 MET C CE  1 
ATOM 1722 N N   . ALA C 1 69 ? 27.072  8.916   0.500   1.00 126.27 ? 66 ALA C N   1 
ATOM 1723 C CA  . ALA C 1 69 ? 27.008  8.176   -0.762  1.00 126.15 ? 66 ALA C CA  1 
ATOM 1724 C C   . ALA C 1 69 ? 25.835  7.185   -0.778  1.00 128.36 ? 66 ALA C C   1 
ATOM 1725 O O   . ALA C 1 69 ? 25.123  7.037   -1.803  1.00 123.68 ? 66 ALA C O   1 
ATOM 1726 C CB  . ALA C 1 69 ? 28.320  7.454   -1.013  1.00 129.57 ? 66 ALA C CB  1 
ATOM 1727 N N   . ASP C 1 70 ? 25.645  6.513   0.362   1.00 131.75 ? 67 ASP C N   1 
ATOM 1728 C CA  . ASP C 1 70 ? 24.545  5.570   0.545   1.00 125.99 ? 67 ASP C CA  1 
ATOM 1729 C C   . ASP C 1 70 ? 23.183  6.244   0.360   1.00 125.62 ? 67 ASP C C   1 
ATOM 1730 O O   . ASP C 1 70 ? 22.336  5.783   -0.446  1.00 126.25 ? 67 ASP C O   1 
ATOM 1731 C CB  . ASP C 1 70 ? 24.618  4.936   1.931   1.00 125.64 ? 67 ASP C CB  1 
ATOM 1732 C CG  . ASP C 1 70 ? 25.677  3.846   2.025   1.00 135.32 ? 67 ASP C CG  1 
ATOM 1733 O OD1 . ASP C 1 70 ? 26.378  3.586   1.020   1.00 133.11 ? 67 ASP C OD1 1 
ATOM 1734 O OD2 . ASP C 1 70 ? 25.787  3.232   3.112   1.00 144.11 ? 67 ASP C OD2 1 
ATOM 1735 N N   . ALA C 1 71 ? 22.982  7.349   1.078   1.00 122.90 ? 68 ALA C N   1 
ATOM 1736 C CA  . ALA C 1 71 ? 21.744  8.107   0.922   1.00 123.98 ? 68 ALA C CA  1 
ATOM 1737 C C   . ALA C 1 71 ? 21.549  8.633   -0.511  1.00 122.33 ? 68 ALA C C   1 
ATOM 1738 O O   . ALA C 1 71 ? 20.416  8.684   -1.006  1.00 120.95 ? 68 ALA C O   1 
ATOM 1739 C CB  . ALA C 1 71 ? 21.680  9.238   1.923   1.00 125.18 ? 68 ALA C CB  1 
ATOM 1740 N N   . LYS C 1 72 ? 22.644  9.012   -1.172  1.00 125.92 ? 69 LYS C N   1 
ATOM 1741 C CA  . LYS C 1 72 ? 22.546  9.621   -2.496  1.00 123.83 ? 69 LYS C CA  1 
ATOM 1742 C C   . LYS C 1 72 ? 22.001  8.578   -3.463  1.00 115.09 ? 69 LYS C C   1 
ATOM 1743 O O   . LYS C 1 72 ? 21.004  8.815   -4.162  1.00 110.82 ? 69 LYS C O   1 
ATOM 1744 C CB  . LYS C 1 72 ? 23.916  10.112  -2.987  1.00 127.04 ? 69 LYS C CB  1 
ATOM 1745 C CG  . LYS C 1 72 ? 23.838  10.998  -4.235  1.00 126.35 ? 69 LYS C CG  1 
ATOM 1746 C CD  . LYS C 1 72 ? 25.171  11.167  -4.967  1.00 122.77 ? 69 LYS C CD  1 
ATOM 1747 C CE  . LYS C 1 72 ? 25.482  9.970   -5.859  1.00 124.76 ? 69 LYS C CE  1 
ATOM 1748 N NZ  . LYS C 1 72 ? 26.658  10.216  -6.741  1.00 119.47 ? 69 LYS C NZ  1 
ATOM 1749 N N   . VAL C 1 73 ? 22.646  7.413   -3.463  1.00 114.07 ? 70 VAL C N   1 
ATOM 1750 C CA  . VAL C 1 73 ? 22.208  6.313   -4.314  1.00 118.38 ? 70 VAL C CA  1 
ATOM 1751 C C   . VAL C 1 73 ? 20.734  6.011   -4.046  1.00 116.86 ? 70 VAL C C   1 
ATOM 1752 O O   . VAL C 1 73 ? 19.923  5.896   -4.993  1.00 111.80 ? 70 VAL C O   1 
ATOM 1753 C CB  . VAL C 1 73 ? 23.049  5.049   -4.057  1.00 115.81 ? 70 VAL C CB  1 
ATOM 1754 C CG1 . VAL C 1 73 ? 22.495  3.860   -4.827  1.00 108.82 ? 70 VAL C CG1 1 
ATOM 1755 C CG2 . VAL C 1 73 ? 24.488  5.307   -4.433  1.00 118.72 ? 70 VAL C CG2 1 
ATOM 1756 N N   . ALA C 1 74 ? 20.397  5.915   -2.754  1.00 111.18 ? 71 ALA C N   1 
ATOM 1757 C CA  . ALA C 1 74 ? 19.033  5.597   -2.319  1.00 108.15 ? 71 ALA C CA  1 
ATOM 1758 C C   . ALA C 1 74 ? 17.976  6.528   -2.942  1.00 109.03 ? 71 ALA C C   1 
ATOM 1759 O O   . ALA C 1 74 ? 16.966  6.065   -3.527  1.00 108.79 ? 71 ALA C O   1 
ATOM 1760 C CB  . ALA C 1 74 ? 18.968  5.664   -0.814  1.00 110.72 ? 71 ALA C CB  1 
ATOM 1761 N N   . LEU C 1 75 ? 18.255  7.830   -2.849  1.00 107.35 ? 72 LEU C N   1 
ATOM 1762 C CA  . LEU C 1 75 ? 17.363  8.873   -3.342  1.00 102.84 ? 72 LEU C CA  1 
ATOM 1763 C C   . LEU C 1 75 ? 17.261  8.931   -4.867  1.00 103.99 ? 72 LEU C C   1 
ATOM 1764 O O   . LEU C 1 75 ? 16.151  9.094   -5.393  1.00 101.82 ? 72 LEU C O   1 
ATOM 1765 C CB  . LEU C 1 75 ? 17.795  10.246  -2.805  1.00 109.53 ? 72 LEU C CB  1 
ATOM 1766 C CG  . LEU C 1 75 ? 17.561  10.644  -1.338  1.00 107.25 ? 72 LEU C CG  1 
ATOM 1767 C CD1 . LEU C 1 75 ? 18.487  11.791  -1.008  1.00 112.16 ? 72 LEU C CD1 1 
ATOM 1768 C CD2 . LEU C 1 75 ? 16.111  11.041  -1.060  1.00 103.13 ? 72 LEU C CD2 1 
ATOM 1769 N N   . GLU C 1 76 ? 18.381  8.802   -5.590  1.00 106.33 ? 73 GLU C N   1 
ATOM 1770 C CA  . GLU C 1 76 ? 18.262  8.769   -7.059  1.00 110.68 ? 73 GLU C CA  1 
ATOM 1771 C C   . GLU C 1 76 ? 17.417  7.578   -7.493  1.00 106.03 ? 73 GLU C C   1 
ATOM 1772 O O   . GLU C 1 76 ? 16.587  7.700   -8.411  1.00 100.84 ? 73 GLU C O   1 
ATOM 1773 C CB  . GLU C 1 76 ? 19.617  8.707   -7.797  1.00 116.30 ? 73 GLU C CB  1 
ATOM 1774 C CG  . GLU C 1 76 ? 20.851  9.127   -7.007  1.00 118.33 ? 73 GLU C CG  1 
ATOM 1775 C CD  . GLU C 1 76 ? 22.114  9.153   -7.858  1.00 122.49 ? 73 GLU C CD  1 
ATOM 1776 O OE1 . GLU C 1 76 ? 23.144  8.598   -7.412  1.00 121.66 ? 73 GLU C OE1 1 
ATOM 1777 O OE2 . GLU C 1 76 ? 22.088  9.758   -8.955  1.00 118.81 ? 73 GLU C OE2 1 
ATOM 1778 N N   . LYS C 1 77 ? 17.611  6.443   -6.813  1.00 104.40 ? 74 LYS C N   1 
ATOM 1779 C CA  . LYS C 1 77 ? 16.870  5.222   -7.135  1.00 104.48 ? 74 LYS C CA  1 
ATOM 1780 C C   . LYS C 1 77 ? 15.363  5.390   -6.961  1.00 105.48 ? 74 LYS C C   1 
ATOM 1781 O O   . LYS C 1 77 ? 14.583  5.114   -7.900  1.00 100.88 ? 74 LYS C O   1 
ATOM 1782 C CB  . LYS C 1 77 ? 17.363  4.037   -6.298  1.00 107.45 ? 74 LYS C CB  1 
ATOM 1783 C CG  . LYS C 1 77 ? 16.610  2.726   -6.563  1.00 116.42 ? 74 LYS C CG  1 
ATOM 1784 C CD  . LYS C 1 77 ? 17.297  1.556   -5.871  1.00 119.43 ? 74 LYS C CD  1 
ATOM 1785 C CE  . LYS C 1 77 ? 16.408  0.327   -5.788  1.00 114.88 ? 74 LYS C CE  1 
ATOM 1786 N NZ  . LYS C 1 77 ? 15.478  0.429   -4.622  1.00 109.38 ? 74 LYS C NZ  1 
ATOM 1787 N N   . ILE C 1 78 ? 14.958  5.836   -5.765  1.00 106.57 ? 75 ILE C N   1 
ATOM 1788 C CA  . ILE C 1 78 ? 13.528  6.055   -5.471  1.00 96.29  ? 75 ILE C CA  1 
ATOM 1789 C C   . ILE C 1 78 ? 12.861  7.174   -6.307  1.00 96.18  ? 75 ILE C C   1 
ATOM 1790 O O   . ILE C 1 78 ? 11.666  7.093   -6.642  1.00 90.79  ? 75 ILE C O   1 
ATOM 1791 C CB  . ILE C 1 78 ? 13.280  6.285   -3.980  1.00 100.11 ? 75 ILE C CB  1 
ATOM 1792 C CG1 . ILE C 1 78 ? 11.808  6.066   -3.658  1.00 97.60  ? 75 ILE C CG1 1 
ATOM 1793 C CG2 . ILE C 1 78 ? 13.747  7.687   -3.531  1.00 103.12 ? 75 ILE C CG2 1 
ATOM 1794 C CD1 . ILE C 1 78 ? 11.473  4.667   -3.339  1.00 94.89  ? 75 ILE C CD1 1 
ATOM 1795 N N   . TYR C 1 79 ? 13.633  8.205   -6.659  1.00 99.68  ? 76 TYR C N   1 
ATOM 1796 C CA  . TYR C 1 79 ? 13.117  9.234   -7.556  1.00 100.84 ? 76 TYR C CA  1 
ATOM 1797 C C   . TYR C 1 79 ? 12.894  8.655   -8.951  1.00 96.89  ? 76 TYR C C   1 
ATOM 1798 O O   . TYR C 1 79 ? 11.926  9.023   -9.640  1.00 91.07  ? 76 TYR C O   1 
ATOM 1799 C CB  . TYR C 1 79 ? 14.049  10.445  -7.641  1.00 99.85  ? 76 TYR C CB  1 
ATOM 1800 C CG  . TYR C 1 79 ? 14.159  11.241  -6.367  1.00 100.12 ? 76 TYR C CG  1 
ATOM 1801 C CD1 . TYR C 1 79 ? 13.487  10.851  -5.213  1.00 98.02  ? 76 TYR C CD1 1 
ATOM 1802 C CD2 . TYR C 1 79 ? 14.946  12.389  -6.311  1.00 101.55 ? 76 TYR C CD2 1 
ATOM 1803 C CE1 . TYR C 1 79 ? 13.604  11.585  -4.042  1.00 102.54 ? 76 TYR C CE1 1 
ATOM 1804 C CE2 . TYR C 1 79 ? 15.069  13.119  -5.147  1.00 100.62 ? 76 TYR C CE2 1 
ATOM 1805 C CZ  . TYR C 1 79 ? 14.400  12.710  -4.024  1.00 103.23 ? 76 TYR C CZ  1 
ATOM 1806 O OH  . TYR C 1 79 ? 14.530  13.417  -2.872  1.00 101.61 ? 76 TYR C OH  1 
ATOM 1807 N N   . LYS C 1 80 ? 13.778  7.742   -9.360  1.00 95.16  ? 77 LYS C N   1 
ATOM 1808 C CA  . LYS C 1 80 ? 13.670  7.173   -10.694 1.00 97.56  ? 77 LYS C CA  1 
ATOM 1809 C C   . LYS C 1 80 ? 12.440  6.254   -10.739 1.00 95.39  ? 77 LYS C C   1 
ATOM 1810 O O   . LYS C 1 80 ? 11.635  6.304   -11.688 1.00 89.02  ? 77 LYS C O   1 
ATOM 1811 C CB  . LYS C 1 80 ? 14.958  6.437   -11.095 1.00 102.54 ? 77 LYS C CB  1 
ATOM 1812 C CG  . LYS C 1 80 ? 15.052  6.148   -12.589 1.00 108.63 ? 77 LYS C CG  1 
ATOM 1813 C CD  . LYS C 1 80 ? 16.233  5.252   -12.962 1.00 108.82 ? 77 LYS C CD  1 
ATOM 1814 C CE  . LYS C 1 80 ? 16.232  4.972   -14.478 1.00 113.47 ? 77 LYS C CE  1 
ATOM 1815 N NZ  . LYS C 1 80 ? 17.471  4.303   -14.970 1.00 108.98 ? 77 LYS C NZ  1 
ATOM 1816 N N   . GLU C 1 81 ? 12.274  5.448   -9.695  1.00 94.95  ? 78 GLU C N   1 
ATOM 1817 C CA  . GLU C 1 81 ? 11.080  4.606   -9.580  1.00 90.14  ? 78 GLU C CA  1 
ATOM 1818 C C   . GLU C 1 81 ? 9.787   5.419   -9.669  1.00 92.00  ? 78 GLU C C   1 
ATOM 1819 O O   . GLU C 1 81 ? 8.913   5.132   -10.517 1.00 89.26  ? 78 GLU C O   1 
ATOM 1820 C CB  . GLU C 1 81 ? 11.120  3.737   -8.319  1.00 88.88  ? 78 GLU C CB  1 
ATOM 1821 C CG  . GLU C 1 81 ? 12.053  2.547   -8.450  1.00 94.45  ? 78 GLU C CG  1 
ATOM 1822 C CD  . GLU C 1 81 ? 12.328  1.840   -7.135  1.00 106.37 ? 78 GLU C CD  1 
ATOM 1823 O OE1 . GLU C 1 81 ? 12.232  2.470   -6.057  1.00 114.98 ? 78 GLU C OE1 1 
ATOM 1824 O OE2 . GLU C 1 81 ? 12.654  0.639   -7.190  1.00 106.46 ? 78 GLU C OE2 1 
ATOM 1825 N N   . ILE C 1 82 ? 9.673   6.429   -8.796  1.00 93.26  ? 79 ILE C N   1 
ATOM 1826 C CA  . ILE C 1 82 ? 8.536   7.347   -8.817  1.00 89.47  ? 79 ILE C CA  1 
ATOM 1827 C C   . ILE C 1 82 ? 8.254   7.975   -10.197 1.00 90.00  ? 79 ILE C C   1 
ATOM 1828 O O   . ILE C 1 82 ? 7.146   7.832   -10.730 1.00 83.25  ? 79 ILE C O   1 
ATOM 1829 C CB  . ILE C 1 82 ? 8.692   8.421   -7.746  1.00 93.81  ? 79 ILE C CB  1 
ATOM 1830 C CG1 . ILE C 1 82 ? 8.744   7.761   -6.370  1.00 89.91  ? 79 ILE C CG1 1 
ATOM 1831 C CG2 . ILE C 1 82 ? 7.529   9.405   -7.802  1.00 95.61  ? 79 ILE C CG2 1 
ATOM 1832 C CD1 . ILE C 1 82 ? 8.516   8.708   -5.241  1.00 97.58  ? 79 ILE C CD1 1 
ATOM 1833 N N   . ASP C 1 83 ? 9.244   8.662   -10.772 1.00 88.69  ? 80 ASP C N   1 
ATOM 1834 C CA  . ASP C 1 83 ? 9.150   9.155   -12.157 1.00 93.08  ? 80 ASP C CA  1 
ATOM 1835 C C   . ASP C 1 83 ? 8.511   8.137   -13.111 1.00 90.51  ? 80 ASP C C   1 
ATOM 1836 O O   . ASP C 1 83 ? 7.546   8.451   -13.809 1.00 87.79  ? 80 ASP C O   1 
ATOM 1837 C CB  . ASP C 1 83 ? 10.547  9.434   -12.712 1.00 94.87  ? 80 ASP C CB  1 
ATOM 1838 C CG  . ASP C 1 83 ? 11.163  10.678  -12.168 1.00 95.24  ? 80 ASP C CG  1 
ATOM 1839 O OD1 . ASP C 1 83 ? 10.438  11.505  -11.588 1.00 100.52 ? 80 ASP C OD1 1 
ATOM 1840 O OD2 . ASP C 1 83 ? 12.391  10.816  -12.327 1.00 99.61  ? 80 ASP C OD2 1 
ATOM 1841 N N   . GLU C 1 84 ? 9.090   6.931   -13.142 1.00 95.32  ? 81 GLU C N   1 
ATOM 1842 C CA  . GLU C 1 84 ? 8.665   5.826   -14.015 1.00 89.67  ? 81 GLU C CA  1 
ATOM 1843 C C   . GLU C 1 84 ? 7.193   5.486   -13.875 1.00 85.86  ? 81 GLU C C   1 
ATOM 1844 O O   . GLU C 1 84 ? 6.441   5.435   -14.881 1.00 72.91  ? 81 GLU C O   1 
ATOM 1845 C CB  . GLU C 1 84 ? 9.386   4.565   -13.582 1.00 92.58  ? 81 GLU C CB  1 
ATOM 1846 C CG  . GLU C 1 84 ? 10.633  4.227   -14.316 1.00 104.08 ? 81 GLU C CG  1 
ATOM 1847 C CD  . GLU C 1 84 ? 11.189  2.948   -13.774 1.00 107.75 ? 81 GLU C CD  1 
ATOM 1848 O OE1 . GLU C 1 84 ? 10.365  2.181   -13.214 1.00 100.75 ? 81 GLU C OE1 1 
ATOM 1849 O OE2 . GLU C 1 84 ? 12.430  2.749   -13.854 1.00 107.12 ? 81 GLU C OE2 1 
ATOM 1850 N N   . ILE C 1 85 ? 6.828   5.179   -12.624 1.00 81.77  ? 82 ILE C N   1 
ATOM 1851 C CA  . ILE C 1 85 ? 5.454   4.908   -12.236 1.00 73.26  ? 82 ILE C CA  1 
ATOM 1852 C C   . ILE C 1 85 ? 4.529   5.998   -12.739 1.00 78.96  ? 82 ILE C C   1 
ATOM 1853 O O   . ILE C 1 85 ? 3.482   5.713   -13.306 1.00 74.32  ? 82 ILE C O   1 
ATOM 1854 C CB  . ILE C 1 85 ? 5.321   4.784   -10.714 1.00 78.39  ? 82 ILE C CB  1 
ATOM 1855 C CG1 . ILE C 1 85 ? 6.179   3.625   -10.190 1.00 84.34  ? 82 ILE C CG1 1 
ATOM 1856 C CG2 . ILE C 1 85 ? 3.862   4.664   -10.302 1.00 70.11  ? 82 ILE C CG2 1 
ATOM 1857 C CD1 . ILE C 1 85 ? 6.015   3.324   -8.695  1.00 81.26  ? 82 ILE C CD1 1 
ATOM 1858 N N   . ILE C 1 86 ? 4.937   7.251   -12.559 1.00 88.47  ? 83 ILE C N   1 
ATOM 1859 C CA  . ILE C 1 86 ? 4.026   8.381   -12.781 1.00 85.83  ? 83 ILE C CA  1 
ATOM 1860 C C   . ILE C 1 86 ? 3.842   8.735   -14.263 1.00 86.07  ? 83 ILE C C   1 
ATOM 1861 O O   . ILE C 1 86 ? 2.755   9.166   -14.686 1.00 82.10  ? 83 ILE C O   1 
ATOM 1862 C CB  . ILE C 1 86 ? 4.500   9.625   -11.972 1.00 77.60  ? 83 ILE C CB  1 
ATOM 1863 C CG1 . ILE C 1 86 ? 4.357   9.330   -10.484 1.00 79.58  ? 83 ILE C CG1 1 
ATOM 1864 C CG2 . ILE C 1 86 ? 3.748   10.901  -12.391 1.00 79.73  ? 83 ILE C CG2 1 
ATOM 1865 C CD1 . ILE C 1 86 ? 3.144   9.886   -9.889  1.00 81.24  ? 83 ILE C CD1 1 
ATOM 1866 N N   . ASN C 1 87 ? 4.890   8.482   -15.041 1.00 78.57  ? 84 ASN C N   1 
ATOM 1867 C CA  . ASN C 1 87 ? 4.957   8.859   -16.431 1.00 78.48  ? 84 ASN C CA  1 
ATOM 1868 C C   . ASN C 1 87 ? 4.214   7.836   -17.293 1.00 88.81  ? 84 ASN C C   1 
ATOM 1869 O O   . ASN C 1 87 ? 3.627   8.187   -18.318 1.00 89.77  ? 84 ASN C O   1 
ATOM 1870 C CB  . ASN C 1 87 ? 6.417   8.838   -16.844 1.00 84.62  ? 84 ASN C CB  1 
ATOM 1871 C CG  . ASN C 1 87 ? 7.101   10.146  -16.641 1.00 96.48  ? 84 ASN C CG  1 
ATOM 1872 O OD1 . ASN C 1 87 ? 7.200   10.634  -15.516 1.00 103.58 ? 84 ASN C OD1 1 
ATOM 1873 N ND2 . ASN C 1 87 ? 7.637   10.708  -17.724 1.00 96.22  ? 84 ASN C ND2 1 
ATOM 1874 N N   . ARG C 1 88 ? 4.235   6.577   -16.855 1.00 92.11  ? 85 ARG C N   1 
ATOM 1875 C CA  . ARG C 1 88 ? 3.684   5.436   -17.601 1.00 85.68  ? 85 ARG C CA  1 
ATOM 1876 C C   . ARG C 1 88 ? 4.093   5.412   -19.056 1.00 84.21  ? 85 ARG C C   1 
ATOM 1877 O O   . ARG C 1 88 ? 3.226   5.389   -19.924 1.00 95.27  ? 85 ARG C O   1 
ATOM 1878 C CB  . ARG C 1 88 ? 2.158   5.456   -17.534 1.00 83.85  ? 85 ARG C CB  1 
ATOM 1879 C CG  . ARG C 1 88 ? 1.576   5.942   -16.221 1.00 68.09  ? 85 ARG C CG  1 
ATOM 1880 C CD  . ARG C 1 88 ? 0.097   6.287   -16.378 1.00 70.43  ? 85 ARG C CD  1 
ATOM 1881 N NE  . ARG C 1 88 ? -0.773  5.110   -16.397 1.00 81.29  ? 85 ARG C NE  1 
ATOM 1882 C CZ  . ARG C 1 88 ? -0.798  4.146   -15.473 1.00 78.14  ? 85 ARG C CZ  1 
ATOM 1883 N NH1 . ARG C 1 88 ? -0.009  4.201   -14.414 1.00 68.78  ? 85 ARG C NH1 1 
ATOM 1884 N NH2 . ARG C 1 88 ? -1.617  3.113   -15.612 1.00 78.62  ? 85 ARG C NH2 1 
# 
loop_
_pdbx_poly_seq_scheme.asym_id 
_pdbx_poly_seq_scheme.entity_id 
_pdbx_poly_seq_scheme.seq_id 
_pdbx_poly_seq_scheme.mon_id 
_pdbx_poly_seq_scheme.ndb_seq_num 
_pdbx_poly_seq_scheme.pdb_seq_num 
_pdbx_poly_seq_scheme.auth_seq_num 
_pdbx_poly_seq_scheme.pdb_mon_id 
_pdbx_poly_seq_scheme.auth_mon_id 
_pdbx_poly_seq_scheme.pdb_strand_id 
_pdbx_poly_seq_scheme.pdb_ins_code 
_pdbx_poly_seq_scheme.hetero 
A 1 1  GLY 1  -2 ?  ?   ?   A . n 
A 1 2  SER 2  -1 ?  ?   ?   A . n 
A 1 3  THR 3  0  ?  ?   ?   A . n 
A 1 4  SER 4  1  ?  ?   ?   A . n 
A 1 5  SER 5  2  ?  ?   ?   A . n 
A 1 6  LEU 6  3  ?  ?   ?   A . n 
A 1 7  ASP 7  4  ?  ?   ?   A . n 
A 1 8  LYS 8  5  ?  ?   ?   A . n 
A 1 9  TYR 9  6  ?  ?   ?   A . n 
A 1 10 LEU 10 7  ?  ?   ?   A . n 
A 1 11 THR 11 8  ?  ?   ?   A . n 
A 1 12 GLU 12 9  9  GLU GLU A . n 
A 1 13 SER 13 10 10 SER SER A . n 
A 1 14 GLN 14 11 11 GLN GLN A . n 
A 1 15 PHE 15 12 12 PHE PHE A . n 
A 1 16 HIS 16 13 13 HIS HIS A . n 
A 1 17 ASP 17 14 14 ASP ASP A . n 
A 1 18 LYS 18 15 15 LYS LYS A . n 
A 1 19 ARG 19 16 16 ARG ARG A . n 
A 1 20 ILE 20 17 17 ILE ILE A . n 
A 1 21 ALA 21 18 18 ALA ALA A . n 
A 1 22 GLU 22 19 19 GLU GLU A . n 
A 1 23 GLU 23 20 20 GLU GLU A . n 
A 1 24 LEU 24 21 21 LEU LEU A . n 
A 1 25 ARG 25 22 22 ARG ARG A . n 
A 1 26 THR 26 23 23 THR THR A . n 
A 1 27 LEU 27 24 24 LEU LEU A . n 
A 1 28 LEU 28 25 25 LEU LEU A . n 
A 1 29 ASN 29 26 26 ASN ASN A . n 
A 1 30 LYS 30 27 27 LYS LYS A . n 
A 1 31 SER 31 28 28 SER SER A . n 
A 1 32 ASN 32 29 29 ASN ASN A . n 
A 1 33 VAL 33 30 30 VAL VAL A . n 
A 1 34 TYR 34 31 31 TYR TYR A . n 
A 1 35 ALA 35 32 32 ALA ALA A . n 
A 1 36 LEU 36 33 33 LEU LEU A . n 
A 1 37 ALA 37 34 34 ALA ALA A . n 
A 1 38 ALA 38 35 35 ALA ALA A . n 
A 1 39 GLY 39 36 36 GLY GLY A . n 
A 1 40 SER 40 37 37 SER SER A . n 
A 1 41 LEU 41 38 38 LEU LEU A . n 
A 1 42 ASN 42 39 39 ASN ASN A . n 
A 1 43 PRO 43 40 40 PRO PRO A . n 
A 1 44 TYR 44 41 41 TYR TYR A . n 
A 1 45 TYR 45 42 42 TYR TYR A . n 
A 1 46 LYS 46 43 43 LYS LYS A . n 
A 1 47 ARG 47 44 44 ARG ARG A . n 
A 1 48 THR 48 45 45 THR THR A . n 
A 1 49 ILE 49 46 46 ILE ILE A . n 
A 1 50 MET 50 47 47 MET MET A . n 
A 1 51 MET 51 48 48 MET MET A . n 
A 1 52 ASN 52 49 49 ASN ASN A . n 
A 1 53 GLU 53 50 50 GLU GLU A . n 
A 1 54 TYR 54 51 51 TYR TYR A . n 
A 1 55 ARG 55 52 52 ARG ARG A . n 
A 1 56 ALA 56 53 53 ALA ALA A . n 
A 1 57 LYS 57 54 54 LYS LYS A . n 
A 1 58 ALA 58 55 55 ALA ALA A . n 
A 1 59 ALA 59 56 56 ALA ALA A . n 
A 1 60 LEU 60 57 57 LEU LEU A . n 
A 1 61 LYS 61 58 58 LYS LYS A . n 
A 1 62 LYS 62 59 59 LYS LYS A . n 
A 1 63 ASN 63 60 60 ASN ASN A . n 
A 1 64 ASP 64 61 61 ASP ASP A . n 
A 1 65 PHE 65 62 62 PHE PHE A . n 
A 1 66 VAL 66 63 63 VAL VAL A . n 
A 1 67 SER 67 64 64 SER SER A . n 
A 1 68 MET 68 65 65 MET MET A . n 
A 1 69 ALA 69 66 66 ALA ALA A . n 
A 1 70 ASP 70 67 67 ASP ASP A . n 
A 1 71 ALA 71 68 68 ALA ALA A . n 
A 1 72 LYS 72 69 69 LYS LYS A . n 
A 1 73 VAL 73 70 70 VAL VAL A . n 
A 1 74 ALA 74 71 71 ALA ALA A . n 
A 1 75 LEU 75 72 72 LEU LEU A . n 
A 1 76 GLU 76 73 73 GLU GLU A . n 
A 1 77 LYS 77 74 74 LYS LYS A . n 
A 1 78 ILE 78 75 75 ILE ILE A . n 
A 1 79 TYR 79 76 76 TYR TYR A . n 
A 1 80 LYS 80 77 77 LYS LYS A . n 
A 1 81 GLU 81 78 78 GLU GLU A . n 
A 1 82 ILE 82 79 79 ILE ILE A . n 
A 1 83 ASP 83 80 80 ASP ASP A . n 
A 1 84 GLU 84 81 81 GLU GLU A . n 
A 1 85 ILE 85 82 82 ILE ILE A . n 
A 1 86 ILE 86 83 83 ILE ILE A . n 
A 1 87 ASN 87 84 84 ASN ASN A . n 
A 1 88 ARG 88 85 85 ARG ARG A . n 
B 1 1  GLY 1  -2 ?  ?   ?   B . n 
B 1 2  SER 2  -1 ?  ?   ?   B . n 
B 1 3  THR 3  0  ?  ?   ?   B . n 
B 1 4  SER 4  1  ?  ?   ?   B . n 
B 1 5  SER 5  2  ?  ?   ?   B . n 
B 1 6  LEU 6  3  ?  ?   ?   B . n 
B 1 7  ASP 7  4  ?  ?   ?   B . n 
B 1 8  LYS 8  5  ?  ?   ?   B . n 
B 1 9  TYR 9  6  ?  ?   ?   B . n 
B 1 10 LEU 10 7  ?  ?   ?   B . n 
B 1 11 THR 11 8  ?  ?   ?   B . n 
B 1 12 GLU 12 9  9  GLU GLU B . n 
B 1 13 SER 13 10 10 SER SER B . n 
B 1 14 GLN 14 11 11 GLN GLN B . n 
B 1 15 PHE 15 12 12 PHE PHE B . n 
B 1 16 HIS 16 13 13 HIS HIS B . n 
B 1 17 ASP 17 14 14 ASP ASP B . n 
B 1 18 LYS 18 15 15 LYS LYS B . n 
B 1 19 ARG 19 16 16 ARG ARG B . n 
B 1 20 ILE 20 17 17 ILE ILE B . n 
B 1 21 ALA 21 18 18 ALA ALA B . n 
B 1 22 GLU 22 19 19 GLU GLU B . n 
B 1 23 GLU 23 20 20 GLU GLU B . n 
B 1 24 LEU 24 21 21 LEU LEU B . n 
B 1 25 ARG 25 22 22 ARG ARG B . n 
B 1 26 THR 26 23 23 THR THR B . n 
B 1 27 LEU 27 24 24 LEU LEU B . n 
B 1 28 LEU 28 25 25 LEU LEU B . n 
B 1 29 ASN 29 26 26 ASN ASN B . n 
B 1 30 LYS 30 27 27 LYS LYS B . n 
B 1 31 SER 31 28 28 SER SER B . n 
B 1 32 ASN 32 29 29 ASN ASN B . n 
B 1 33 VAL 33 30 30 VAL VAL B . n 
B 1 34 TYR 34 31 31 TYR TYR B . n 
B 1 35 ALA 35 32 32 ALA ALA B . n 
B 1 36 LEU 36 33 33 LEU LEU B . n 
B 1 37 ALA 37 34 34 ALA ALA B . n 
B 1 38 ALA 38 35 35 ALA ALA B . n 
B 1 39 GLY 39 36 36 GLY GLY B . n 
B 1 40 SER 40 37 37 SER SER B . n 
B 1 41 LEU 41 38 38 LEU LEU B . n 
B 1 42 ASN 42 39 39 ASN ASN B . n 
B 1 43 PRO 43 40 40 PRO PRO B . n 
B 1 44 TYR 44 41 41 TYR TYR B . n 
B 1 45 TYR 45 42 42 TYR TYR B . n 
B 1 46 LYS 46 43 43 LYS LYS B . n 
B 1 47 ARG 47 44 44 ARG ARG B . n 
B 1 48 THR 48 45 45 THR THR B . n 
B 1 49 ILE 49 46 46 ILE ILE B . n 
B 1 50 MET 50 47 47 MET MET B . n 
B 1 51 MET 51 48 48 MET MET B . n 
B 1 52 ASN 52 49 49 ASN ASN B . n 
B 1 53 GLU 53 50 50 GLU GLU B . n 
B 1 54 TYR 54 51 51 TYR TYR B . n 
B 1 55 ARG 55 52 52 ARG ARG B . n 
B 1 56 ALA 56 53 53 ALA ALA B . n 
B 1 57 LYS 57 54 54 LYS LYS B . n 
B 1 58 ALA 58 55 55 ALA ALA B . n 
B 1 59 ALA 59 56 56 ALA ALA B . n 
B 1 60 LEU 60 57 57 LEU LEU B . n 
B 1 61 LYS 61 58 58 LYS LYS B . n 
B 1 62 LYS 62 59 59 LYS LYS B . n 
B 1 63 ASN 63 60 60 ASN ASN B . n 
B 1 64 ASP 64 61 61 ASP ASP B . n 
B 1 65 PHE 65 62 62 PHE PHE B . n 
B 1 66 VAL 66 63 63 VAL VAL B . n 
B 1 67 SER 67 64 64 SER SER B . n 
B 1 68 MET 68 65 65 MET MET B . n 
B 1 69 ALA 69 66 66 ALA ALA B . n 
B 1 70 ASP 70 67 67 ASP ASP B . n 
B 1 71 ALA 71 68 68 ALA ALA B . n 
B 1 72 LYS 72 69 69 LYS LYS B . n 
B 1 73 VAL 73 70 70 VAL VAL B . n 
B 1 74 ALA 74 71 71 ALA ALA B . n 
B 1 75 LEU 75 72 72 LEU LEU B . n 
B 1 76 GLU 76 73 73 GLU GLU B . n 
B 1 77 LYS 77 74 74 LYS LYS B . n 
B 1 78 ILE 78 75 75 ILE ILE B . n 
B 1 79 TYR 79 76 76 TYR TYR B . n 
B 1 80 LYS 80 77 77 LYS LYS B . n 
B 1 81 GLU 81 78 78 GLU GLU B . n 
B 1 82 ILE 82 79 79 ILE ILE B . n 
B 1 83 ASP 83 80 80 ASP ASP B . n 
B 1 84 GLU 84 81 81 GLU GLU B . n 
B 1 85 ILE 85 82 82 ILE ILE B . n 
B 1 86 ILE 86 83 83 ILE ILE B . n 
B 1 87 ASN 87 84 84 ASN ASN B . n 
B 1 88 ARG 88 85 85 ARG ARG B . n 
C 1 1  GLY 1  -2 ?  ?   ?   C . n 
C 1 2  SER 2  -1 ?  ?   ?   C . n 
C 1 3  THR 3  0  ?  ?   ?   C . n 
C 1 4  SER 4  1  ?  ?   ?   C . n 
C 1 5  SER 5  2  ?  ?   ?   C . n 
C 1 6  LEU 6  3  ?  ?   ?   C . n 
C 1 7  ASP 7  4  ?  ?   ?   C . n 
C 1 8  LYS 8  5  ?  ?   ?   C . n 
C 1 9  TYR 9  6  ?  ?   ?   C . n 
C 1 10 LEU 10 7  ?  ?   ?   C . n 
C 1 11 THR 11 8  ?  ?   ?   C . n 
C 1 12 GLU 12 9  9  GLU GLU C . n 
C 1 13 SER 13 10 10 SER SER C . n 
C 1 14 GLN 14 11 11 GLN GLN C . n 
C 1 15 PHE 15 12 12 PHE PHE C . n 
C 1 16 HIS 16 13 13 HIS HIS C . n 
C 1 17 ASP 17 14 14 ASP ASP C . n 
C 1 18 LYS 18 15 15 LYS LYS C . n 
C 1 19 ARG 19 16 16 ARG ARG C . n 
C 1 20 ILE 20 17 17 ILE ILE C . n 
C 1 21 ALA 21 18 18 ALA ALA C . n 
C 1 22 GLU 22 19 19 GLU GLU C . n 
C 1 23 GLU 23 20 20 GLU GLU C . n 
C 1 24 LEU 24 21 21 LEU LEU C . n 
C 1 25 ARG 25 22 22 ARG ARG C . n 
C 1 26 THR 26 23 23 THR THR C . n 
C 1 27 LEU 27 24 24 LEU LEU C . n 
C 1 28 LEU 28 25 25 LEU LEU C . n 
C 1 29 ASN 29 26 26 ASN ASN C . n 
C 1 30 LYS 30 27 27 LYS LYS C . n 
C 1 31 SER 31 28 28 SER SER C . n 
C 1 32 ASN 32 29 29 ASN ASN C . n 
C 1 33 VAL 33 30 30 VAL VAL C . n 
C 1 34 TYR 34 31 31 TYR TYR C . n 
C 1 35 ALA 35 32 32 ALA ALA C . n 
C 1 36 LEU 36 33 33 LEU LEU C . n 
C 1 37 ALA 37 34 34 ALA ALA C . n 
C 1 38 ALA 38 35 35 ALA ALA C . n 
C 1 39 GLY 39 36 36 GLY GLY C . n 
C 1 40 SER 40 37 37 SER SER C . n 
C 1 41 LEU 41 38 38 LEU LEU C . n 
C 1 42 ASN 42 39 39 ASN ASN C . n 
C 1 43 PRO 43 40 40 PRO PRO C . n 
C 1 44 TYR 44 41 41 TYR TYR C . n 
C 1 45 TYR 45 42 42 TYR TYR C . n 
C 1 46 LYS 46 43 43 LYS LYS C . n 
C 1 47 ARG 47 44 44 ARG ARG C . n 
C 1 48 THR 48 45 45 THR THR C . n 
C 1 49 ILE 49 46 46 ILE ILE C . n 
C 1 50 MET 50 47 47 MET MET C . n 
C 1 51 MET 51 48 48 MET MET C . n 
C 1 52 ASN 52 49 49 ASN ASN C . n 
C 1 53 GLU 53 50 50 GLU GLU C . n 
C 1 54 TYR 54 51 51 TYR TYR C . n 
C 1 55 ARG 55 52 52 ARG ARG C . n 
C 1 56 ALA 56 53 53 ALA ALA C . n 
C 1 57 LYS 57 54 54 LYS LYS C . n 
C 1 58 ALA 58 55 55 ALA ALA C . n 
C 1 59 ALA 59 56 56 ALA ALA C . n 
C 1 60 LEU 60 57 57 LEU LEU C . n 
C 1 61 LYS 61 58 58 LYS LYS C . n 
C 1 62 LYS 62 59 59 LYS LYS C . n 
C 1 63 ASN 63 60 60 ASN ASN C . n 
C 1 64 ASP 64 61 61 ASP ASP C . n 
C 1 65 PHE 65 62 62 PHE PHE C . n 
C 1 66 VAL 66 63 63 VAL VAL C . n 
C 1 67 SER 67 64 64 SER SER C . n 
C 1 68 MET 68 65 65 MET MET C . n 
C 1 69 ALA 69 66 66 ALA ALA C . n 
C 1 70 ASP 70 67 67 ASP ASP C . n 
C 1 71 ALA 71 68 68 ALA ALA C . n 
C 1 72 LYS 72 69 69 LYS LYS C . n 
C 1 73 VAL 73 70 70 VAL VAL C . n 
C 1 74 ALA 74 71 71 ALA ALA C . n 
C 1 75 LEU 75 72 72 LEU LEU C . n 
C 1 76 GLU 76 73 73 GLU GLU C . n 
C 1 77 LYS 77 74 74 LYS LYS C . n 
C 1 78 ILE 78 75 75 ILE ILE C . n 
C 1 79 TYR 79 76 76 TYR TYR C . n 
C 1 80 LYS 80 77 77 LYS LYS C . n 
C 1 81 GLU 81 78 78 GLU GLU C . n 
C 1 82 ILE 82 79 79 ILE ILE C . n 
C 1 83 ASP 83 80 80 ASP ASP C . n 
C 1 84 GLU 84 81 81 GLU GLU C . n 
C 1 85 ILE 85 82 82 ILE ILE C . n 
C 1 86 ILE 86 83 83 ILE ILE C . n 
C 1 87 ASN 87 84 84 ASN ASN C . n 
C 1 88 ARG 88 85 85 ARG ARG C . n 
# 
loop_
_pdbx_struct_assembly.id 
_pdbx_struct_assembly.details 
_pdbx_struct_assembly.method_details 
_pdbx_struct_assembly.oligomeric_details 
_pdbx_struct_assembly.oligomeric_count 
1 author_and_software_defined_assembly PISA monomeric 1 
2 author_and_software_defined_assembly PISA monomeric 1 
3 author_and_software_defined_assembly PISA monomeric 1 
# 
loop_
_pdbx_struct_assembly_gen.assembly_id 
_pdbx_struct_assembly_gen.oper_expression 
_pdbx_struct_assembly_gen.asym_id_list 
1 1 A 
2 1 B 
3 1 C 
# 
_pdbx_struct_oper_list.id                   1 
_pdbx_struct_oper_list.type                 'identity operation' 
_pdbx_struct_oper_list.name                 1_555 
_pdbx_struct_oper_list.symmetry_operation   x,y,z 
_pdbx_struct_oper_list.matrix[1][1]         1.0000000000 
_pdbx_struct_oper_list.matrix[1][2]         0.0000000000 
_pdbx_struct_oper_list.matrix[1][3]         0.0000000000 
_pdbx_struct_oper_list.vector[1]            0.0000000000 
_pdbx_struct_oper_list.matrix[2][1]         0.0000000000 
_pdbx_struct_oper_list.matrix[2][2]         1.0000000000 
_pdbx_struct_oper_list.matrix[2][3]         0.0000000000 
_pdbx_struct_oper_list.vector[2]            0.0000000000 
_pdbx_struct_oper_list.matrix[3][1]         0.0000000000 
_pdbx_struct_oper_list.matrix[3][2]         0.0000000000 
_pdbx_struct_oper_list.matrix[3][3]         1.0000000000 
_pdbx_struct_oper_list.vector[3]            0.0000000000 
# 
loop_
_pdbx_audit_revision_history.ordinal 
_pdbx_audit_revision_history.data_content_type 
_pdbx_audit_revision_history.major_revision 
_pdbx_audit_revision_history.minor_revision 
_pdbx_audit_revision_history.revision_date 
1 'Structure model' 1 0 2012-12-19 
2 'Structure model' 1 1 2013-01-02 
3 'Structure model' 1 2 2013-02-13 
4 'Structure model' 1 3 2017-11-15 
5 'Structure model' 1 4 2023-09-20 
# 
_pdbx_audit_revision_details.ordinal             1 
_pdbx_audit_revision_details.revision_ordinal    1 
_pdbx_audit_revision_details.data_content_type   'Structure model' 
_pdbx_audit_revision_details.provider            repository 
_pdbx_audit_revision_details.type                'Initial release' 
_pdbx_audit_revision_details.description         ? 
_pdbx_audit_revision_details.details             ? 
# 
loop_
_pdbx_audit_revision_group.ordinal 
_pdbx_audit_revision_group.revision_ordinal 
_pdbx_audit_revision_group.data_content_type 
_pdbx_audit_revision_group.group 
1 2 'Structure model' 'Database references'    
2 3 'Structure model' 'Database references'    
3 4 'Structure model' 'Refinement description' 
4 5 'Structure model' 'Data collection'        
5 5 'Structure model' 'Database references'    
6 5 'Structure model' 'Refinement description' 
# 
loop_
_pdbx_audit_revision_category.ordinal 
_pdbx_audit_revision_category.revision_ordinal 
_pdbx_audit_revision_category.data_content_type 
_pdbx_audit_revision_category.category 
1 4 'Structure model' software                      
2 5 'Structure model' chem_comp_atom                
3 5 'Structure model' chem_comp_bond                
4 5 'Structure model' database_2                    
5 5 'Structure model' pdbx_initial_refinement_model 
6 5 'Structure model' struct_ref_seq_dif            
# 
loop_
_pdbx_audit_revision_item.ordinal 
_pdbx_audit_revision_item.revision_ordinal 
_pdbx_audit_revision_item.data_content_type 
_pdbx_audit_revision_item.item 
1 5 'Structure model' '_database_2.pdbx_DOI'                
2 5 'Structure model' '_database_2.pdbx_database_accession' 
3 5 'Structure model' '_struct_ref_seq_dif.details'         
# 
_diffrn_reflns.diffrn_id                   1 
_diffrn_reflns.pdbx_d_res_high             3.100 
_diffrn_reflns.pdbx_d_res_low              50.000 
_diffrn_reflns.pdbx_number_obs             5479 
_diffrn_reflns.pdbx_Rmerge_I_obs           0.071 
_diffrn_reflns.pdbx_Rsym_value             ? 
_diffrn_reflns.pdbx_chi_squared            1.02 
_diffrn_reflns.av_sigmaI_over_netI         18.57 
_diffrn_reflns.pdbx_redundancy             4.60 
_diffrn_reflns.pdbx_percent_possible_obs   93.20 
_diffrn_reflns.number                      25131 
_diffrn_reflns.pdbx_observed_criterion     ? 
_diffrn_reflns.limit_h_max                 ? 
_diffrn_reflns.limit_h_min                 ? 
_diffrn_reflns.limit_k_max                 ? 
_diffrn_reflns.limit_k_min                 ? 
_diffrn_reflns.limit_l_max                 ? 
_diffrn_reflns.limit_l_min                 ? 
# 
loop_
_pdbx_diffrn_reflns_shell.diffrn_id 
_pdbx_diffrn_reflns_shell.d_res_high 
_pdbx_diffrn_reflns_shell.d_res_low 
_pdbx_diffrn_reflns_shell.number_obs 
_pdbx_diffrn_reflns_shell.rejects 
_pdbx_diffrn_reflns_shell.Rmerge_I_obs 
_pdbx_diffrn_reflns_shell.Rsym_value 
_pdbx_diffrn_reflns_shell.chi_squared 
_pdbx_diffrn_reflns_shell.redundancy 
_pdbx_diffrn_reflns_shell.percent_possible_obs 
1 6.67 50.00 ? ? 0.028 ? 1.020 4.40 97.80  
1 5.30 6.67  ? ? 0.066 ? 1.001 4.60 100.00 
1 4.63 5.30  ? ? 0.074 ? 1.012 4.80 99.70  
1 4.21 4.63  ? ? 0.073 ? 1.033 4.90 100.00 
1 3.91 4.21  ? ? 0.089 ? 0.977 4.90 99.70  
1 3.68 3.91  ? ? 0.121 ? 1.087 4.80 99.70  
1 3.49 3.68  ? ? 0.173 ? 0.978 4.50 98.10  
1 3.34 3.49  ? ? 0.223 ? 1.030 4.30 94.40  
1 3.21 3.34  ? ? 0.194 ? 1.053 4.10 80.80  
1 3.10 3.21  ? ? 0.272 ? 1.024 4.30 61.40  
# 
_phasing.method   MR 
# 
loop_
_software.pdbx_ordinal 
_software.name 
_software.version 
_software.date 
_software.type 
_software.contact_author 
_software.contact_author_email 
_software.classification 
_software.location 
_software.language 
_software.citation_id 
1 DENZO       .        ?                package 'Zbyszek Otwinowski'    hkl@hkl-xray.com            'data reduction'  
http://www.hkl-xray.com/                    ?   ? 
2 SCALEPACK   .        ?                package 'Zbyszek Otwinowski'    hkl@hkl-xray.com            'data scaling'    
http://www.hkl-xray.com/                    ?   ? 
3 PHASER      .        ?                program 'Randy J. Read'         cimr-phaser@lists.cam.ac.uk phasing           
http://www-structmed.cimr.cam.ac.uk/phaser/ ?   ? 
4 RESOLVE     .        ?                program 'Thomas C. Terwilliger' terwilliger@lanl.gov        phasing           
http://www.solve.lanl.gov/                  ?   ? 
5 PHENIX      1.8_1069 ?                package 'Paul D. Adams'         PDAdams@lbl.gov             refinement        
http://www.phenix-online.org/               C++ ? 
6 PDB_EXTRACT 3.11     'April 22, 2011' package PDB                     deposit@deposit.rcsb.org    'data extraction' 
http://sw-tools.pdb.org/apps/PDB_EXTRACT/   C++ ? 
7 HKL-2000    .        ?                ?       ?                       ?                           'data collection' ? ?   ? 
8 HKL-2000    .        ?                ?       ?                       ?                           'data reduction'  ? ?   ? 
9 HKL-2000    .        ?                ?       ?                       ?                           'data scaling'    ? ?   ? 
# 
_pdbx_validate_symm_contact.id                1 
_pdbx_validate_symm_contact.PDB_model_num     1 
_pdbx_validate_symm_contact.auth_atom_id_1    OE1 
_pdbx_validate_symm_contact.auth_asym_id_1    A 
_pdbx_validate_symm_contact.auth_comp_id_1    GLN 
_pdbx_validate_symm_contact.auth_seq_id_1     11 
_pdbx_validate_symm_contact.PDB_ins_code_1    ? 
_pdbx_validate_symm_contact.label_alt_id_1    ? 
_pdbx_validate_symm_contact.site_symmetry_1   1_555 
_pdbx_validate_symm_contact.auth_atom_id_2    OD2 
_pdbx_validate_symm_contact.auth_asym_id_2    C 
_pdbx_validate_symm_contact.auth_comp_id_2    ASP 
_pdbx_validate_symm_contact.auth_seq_id_2     67 
_pdbx_validate_symm_contact.PDB_ins_code_2    ? 
_pdbx_validate_symm_contact.label_alt_id_2    ? 
_pdbx_validate_symm_contact.site_symmetry_2   5_455 
_pdbx_validate_symm_contact.dist              2.07 
# 
loop_
_pdbx_validate_torsion.id 
_pdbx_validate_torsion.PDB_model_num 
_pdbx_validate_torsion.auth_comp_id 
_pdbx_validate_torsion.auth_asym_id 
_pdbx_validate_torsion.auth_seq_id 
_pdbx_validate_torsion.PDB_ins_code 
_pdbx_validate_torsion.label_alt_id 
_pdbx_validate_torsion.phi 
_pdbx_validate_torsion.psi 
1 1 ASP A 67 ? ? -56.06 -77.24 
2 1 ALA A 68 ? ? -38.48 -35.01 
# 
loop_
_pdbx_unobs_or_zero_occ_residues.id 
_pdbx_unobs_or_zero_occ_residues.PDB_model_num 
_pdbx_unobs_or_zero_occ_residues.polymer_flag 
_pdbx_unobs_or_zero_occ_residues.occupancy_flag 
_pdbx_unobs_or_zero_occ_residues.auth_asym_id 
_pdbx_unobs_or_zero_occ_residues.auth_comp_id 
_pdbx_unobs_or_zero_occ_residues.auth_seq_id 
_pdbx_unobs_or_zero_occ_residues.PDB_ins_code 
_pdbx_unobs_or_zero_occ_residues.label_asym_id 
_pdbx_unobs_or_zero_occ_residues.label_comp_id 
_pdbx_unobs_or_zero_occ_residues.label_seq_id 
1  1 Y 1 A GLY -2 ? A GLY 1  
2  1 Y 1 A SER -1 ? A SER 2  
3  1 Y 1 A THR 0  ? A THR 3  
4  1 Y 1 A SER 1  ? A SER 4  
5  1 Y 1 A SER 2  ? A SER 5  
6  1 Y 1 A LEU 3  ? A LEU 6  
7  1 Y 1 A ASP 4  ? A ASP 7  
8  1 Y 1 A LYS 5  ? A LYS 8  
9  1 Y 1 A TYR 6  ? A TYR 9  
10 1 Y 1 A LEU 7  ? A LEU 10 
11 1 Y 1 A THR 8  ? A THR 11 
12 1 Y 1 B GLY -2 ? B GLY 1  
13 1 Y 1 B SER -1 ? B SER 2  
14 1 Y 1 B THR 0  ? B THR 3  
15 1 Y 1 B SER 1  ? B SER 4  
16 1 Y 1 B SER 2  ? B SER 5  
17 1 Y 1 B LEU 3  ? B LEU 6  
18 1 Y 1 B ASP 4  ? B ASP 7  
19 1 Y 1 B LYS 5  ? B LYS 8  
20 1 Y 1 B TYR 6  ? B TYR 9  
21 1 Y 1 B LEU 7  ? B LEU 10 
22 1 Y 1 B THR 8  ? B THR 11 
23 1 Y 1 C GLY -2 ? C GLY 1  
24 1 Y 1 C SER -1 ? C SER 2  
25 1 Y 1 C THR 0  ? C THR 3  
26 1 Y 1 C SER 1  ? C SER 4  
27 1 Y 1 C SER 2  ? C SER 5  
28 1 Y 1 C LEU 3  ? C LEU 6  
29 1 Y 1 C ASP 4  ? C ASP 7  
30 1 Y 1 C LYS 5  ? C LYS 8  
31 1 Y 1 C TYR 6  ? C TYR 9  
32 1 Y 1 C LEU 7  ? C LEU 10 
33 1 Y 1 C THR 8  ? C THR 11 
# 
loop_
_chem_comp_atom.comp_id 
_chem_comp_atom.atom_id 
_chem_comp_atom.type_symbol 
_chem_comp_atom.pdbx_aromatic_flag 
_chem_comp_atom.pdbx_stereo_config 
_chem_comp_atom.pdbx_ordinal 
ALA N    N N N 1   
ALA CA   C N S 2   
ALA C    C N N 3   
ALA O    O N N 4   
ALA CB   C N N 5   
ALA OXT  O N N 6   
ALA H    H N N 7   
ALA H2   H N N 8   
ALA HA   H N N 9   
ALA HB1  H N N 10  
ALA HB2  H N N 11  
ALA HB3  H N N 12  
ALA HXT  H N N 13  
ARG N    N N N 14  
ARG CA   C N S 15  
ARG C    C N N 16  
ARG O    O N N 17  
ARG CB   C N N 18  
ARG CG   C N N 19  
ARG CD   C N N 20  
ARG NE   N N N 21  
ARG CZ   C N N 22  
ARG NH1  N N N 23  
ARG NH2  N N N 24  
ARG OXT  O N N 25  
ARG H    H N N 26  
ARG H2   H N N 27  
ARG HA   H N N 28  
ARG HB2  H N N 29  
ARG HB3  H N N 30  
ARG HG2  H N N 31  
ARG HG3  H N N 32  
ARG HD2  H N N 33  
ARG HD3  H N N 34  
ARG HE   H N N 35  
ARG HH11 H N N 36  
ARG HH12 H N N 37  
ARG HH21 H N N 38  
ARG HH22 H N N 39  
ARG HXT  H N N 40  
ASN N    N N N 41  
ASN CA   C N S 42  
ASN C    C N N 43  
ASN O    O N N 44  
ASN CB   C N N 45  
ASN CG   C N N 46  
ASN OD1  O N N 47  
ASN ND2  N N N 48  
ASN OXT  O N N 49  
ASN H    H N N 50  
ASN H2   H N N 51  
ASN HA   H N N 52  
ASN HB2  H N N 53  
ASN HB3  H N N 54  
ASN HD21 H N N 55  
ASN HD22 H N N 56  
ASN HXT  H N N 57  
ASP N    N N N 58  
ASP CA   C N S 59  
ASP C    C N N 60  
ASP O    O N N 61  
ASP CB   C N N 62  
ASP CG   C N N 63  
ASP OD1  O N N 64  
ASP OD2  O N N 65  
ASP OXT  O N N 66  
ASP H    H N N 67  
ASP H2   H N N 68  
ASP HA   H N N 69  
ASP HB2  H N N 70  
ASP HB3  H N N 71  
ASP HD2  H N N 72  
ASP HXT  H N N 73  
GLN N    N N N 74  
GLN CA   C N S 75  
GLN C    C N N 76  
GLN O    O N N 77  
GLN CB   C N N 78  
GLN CG   C N N 79  
GLN CD   C N N 80  
GLN OE1  O N N 81  
GLN NE2  N N N 82  
GLN OXT  O N N 83  
GLN H    H N N 84  
GLN H2   H N N 85  
GLN HA   H N N 86  
GLN HB2  H N N 87  
GLN HB3  H N N 88  
GLN HG2  H N N 89  
GLN HG3  H N N 90  
GLN HE21 H N N 91  
GLN HE22 H N N 92  
GLN HXT  H N N 93  
GLU N    N N N 94  
GLU CA   C N S 95  
GLU C    C N N 96  
GLU O    O N N 97  
GLU CB   C N N 98  
GLU CG   C N N 99  
GLU CD   C N N 100 
GLU OE1  O N N 101 
GLU OE2  O N N 102 
GLU OXT  O N N 103 
GLU H    H N N 104 
GLU H2   H N N 105 
GLU HA   H N N 106 
GLU HB2  H N N 107 
GLU HB3  H N N 108 
GLU HG2  H N N 109 
GLU HG3  H N N 110 
GLU HE2  H N N 111 
GLU HXT  H N N 112 
GLY N    N N N 113 
GLY CA   C N N 114 
GLY C    C N N 115 
GLY O    O N N 116 
GLY OXT  O N N 117 
GLY H    H N N 118 
GLY H2   H N N 119 
GLY HA2  H N N 120 
GLY HA3  H N N 121 
GLY HXT  H N N 122 
HIS N    N N N 123 
HIS CA   C N S 124 
HIS C    C N N 125 
HIS O    O N N 126 
HIS CB   C N N 127 
HIS CG   C Y N 128 
HIS ND1  N Y N 129 
HIS CD2  C Y N 130 
HIS CE1  C Y N 131 
HIS NE2  N Y N 132 
HIS OXT  O N N 133 
HIS H    H N N 134 
HIS H2   H N N 135 
HIS HA   H N N 136 
HIS HB2  H N N 137 
HIS HB3  H N N 138 
HIS HD1  H N N 139 
HIS HD2  H N N 140 
HIS HE1  H N N 141 
HIS HE2  H N N 142 
HIS HXT  H N N 143 
ILE N    N N N 144 
ILE CA   C N S 145 
ILE C    C N N 146 
ILE O    O N N 147 
ILE CB   C N S 148 
ILE CG1  C N N 149 
ILE CG2  C N N 150 
ILE CD1  C N N 151 
ILE OXT  O N N 152 
ILE H    H N N 153 
ILE H2   H N N 154 
ILE HA   H N N 155 
ILE HB   H N N 156 
ILE HG12 H N N 157 
ILE HG13 H N N 158 
ILE HG21 H N N 159 
ILE HG22 H N N 160 
ILE HG23 H N N 161 
ILE HD11 H N N 162 
ILE HD12 H N N 163 
ILE HD13 H N N 164 
ILE HXT  H N N 165 
LEU N    N N N 166 
LEU CA   C N S 167 
LEU C    C N N 168 
LEU O    O N N 169 
LEU CB   C N N 170 
LEU CG   C N N 171 
LEU CD1  C N N 172 
LEU CD2  C N N 173 
LEU OXT  O N N 174 
LEU H    H N N 175 
LEU H2   H N N 176 
LEU HA   H N N 177 
LEU HB2  H N N 178 
LEU HB3  H N N 179 
LEU HG   H N N 180 
LEU HD11 H N N 181 
LEU HD12 H N N 182 
LEU HD13 H N N 183 
LEU HD21 H N N 184 
LEU HD22 H N N 185 
LEU HD23 H N N 186 
LEU HXT  H N N 187 
LYS N    N N N 188 
LYS CA   C N S 189 
LYS C    C N N 190 
LYS O    O N N 191 
LYS CB   C N N 192 
LYS CG   C N N 193 
LYS CD   C N N 194 
LYS CE   C N N 195 
LYS NZ   N N N 196 
LYS OXT  O N N 197 
LYS H    H N N 198 
LYS H2   H N N 199 
LYS HA   H N N 200 
LYS HB2  H N N 201 
LYS HB3  H N N 202 
LYS HG2  H N N 203 
LYS HG3  H N N 204 
LYS HD2  H N N 205 
LYS HD3  H N N 206 
LYS HE2  H N N 207 
LYS HE3  H N N 208 
LYS HZ1  H N N 209 
LYS HZ2  H N N 210 
LYS HZ3  H N N 211 
LYS HXT  H N N 212 
MET N    N N N 213 
MET CA   C N S 214 
MET C    C N N 215 
MET O    O N N 216 
MET CB   C N N 217 
MET CG   C N N 218 
MET SD   S N N 219 
MET CE   C N N 220 
MET OXT  O N N 221 
MET H    H N N 222 
MET H2   H N N 223 
MET HA   H N N 224 
MET HB2  H N N 225 
MET HB3  H N N 226 
MET HG2  H N N 227 
MET HG3  H N N 228 
MET HE1  H N N 229 
MET HE2  H N N 230 
MET HE3  H N N 231 
MET HXT  H N N 232 
PHE N    N N N 233 
PHE CA   C N S 234 
PHE C    C N N 235 
PHE O    O N N 236 
PHE CB   C N N 237 
PHE CG   C Y N 238 
PHE CD1  C Y N 239 
PHE CD2  C Y N 240 
PHE CE1  C Y N 241 
PHE CE2  C Y N 242 
PHE CZ   C Y N 243 
PHE OXT  O N N 244 
PHE H    H N N 245 
PHE H2   H N N 246 
PHE HA   H N N 247 
PHE HB2  H N N 248 
PHE HB3  H N N 249 
PHE HD1  H N N 250 
PHE HD2  H N N 251 
PHE HE1  H N N 252 
PHE HE2  H N N 253 
PHE HZ   H N N 254 
PHE HXT  H N N 255 
PRO N    N N N 256 
PRO CA   C N S 257 
PRO C    C N N 258 
PRO O    O N N 259 
PRO CB   C N N 260 
PRO CG   C N N 261 
PRO CD   C N N 262 
PRO OXT  O N N 263 
PRO H    H N N 264 
PRO HA   H N N 265 
PRO HB2  H N N 266 
PRO HB3  H N N 267 
PRO HG2  H N N 268 
PRO HG3  H N N 269 
PRO HD2  H N N 270 
PRO HD3  H N N 271 
PRO HXT  H N N 272 
SER N    N N N 273 
SER CA   C N S 274 
SER C    C N N 275 
SER O    O N N 276 
SER CB   C N N 277 
SER OG   O N N 278 
SER OXT  O N N 279 
SER H    H N N 280 
SER H2   H N N 281 
SER HA   H N N 282 
SER HB2  H N N 283 
SER HB3  H N N 284 
SER HG   H N N 285 
SER HXT  H N N 286 
THR N    N N N 287 
THR CA   C N S 288 
THR C    C N N 289 
THR O    O N N 290 
THR CB   C N R 291 
THR OG1  O N N 292 
THR CG2  C N N 293 
THR OXT  O N N 294 
THR H    H N N 295 
THR H2   H N N 296 
THR HA   H N N 297 
THR HB   H N N 298 
THR HG1  H N N 299 
THR HG21 H N N 300 
THR HG22 H N N 301 
THR HG23 H N N 302 
THR HXT  H N N 303 
TYR N    N N N 304 
TYR CA   C N S 305 
TYR C    C N N 306 
TYR O    O N N 307 
TYR CB   C N N 308 
TYR CG   C Y N 309 
TYR CD1  C Y N 310 
TYR CD2  C Y N 311 
TYR CE1  C Y N 312 
TYR CE2  C Y N 313 
TYR CZ   C Y N 314 
TYR OH   O N N 315 
TYR OXT  O N N 316 
TYR H    H N N 317 
TYR H2   H N N 318 
TYR HA   H N N 319 
TYR HB2  H N N 320 
TYR HB3  H N N 321 
TYR HD1  H N N 322 
TYR HD2  H N N 323 
TYR HE1  H N N 324 
TYR HE2  H N N 325 
TYR HH   H N N 326 
TYR HXT  H N N 327 
VAL N    N N N 328 
VAL CA   C N S 329 
VAL C    C N N 330 
VAL O    O N N 331 
VAL CB   C N N 332 
VAL CG1  C N N 333 
VAL CG2  C N N 334 
VAL OXT  O N N 335 
VAL H    H N N 336 
VAL H2   H N N 337 
VAL HA   H N N 338 
VAL HB   H N N 339 
VAL HG11 H N N 340 
VAL HG12 H N N 341 
VAL HG13 H N N 342 
VAL HG21 H N N 343 
VAL HG22 H N N 344 
VAL HG23 H N N 345 
VAL HXT  H N N 346 
# 
loop_
_chem_comp_bond.comp_id 
_chem_comp_bond.atom_id_1 
_chem_comp_bond.atom_id_2 
_chem_comp_bond.value_order 
_chem_comp_bond.pdbx_aromatic_flag 
_chem_comp_bond.pdbx_stereo_config 
_chem_comp_bond.pdbx_ordinal 
ALA N   CA   sing N N 1   
ALA N   H    sing N N 2   
ALA N   H2   sing N N 3   
ALA CA  C    sing N N 4   
ALA CA  CB   sing N N 5   
ALA CA  HA   sing N N 6   
ALA C   O    doub N N 7   
ALA C   OXT  sing N N 8   
ALA CB  HB1  sing N N 9   
ALA CB  HB2  sing N N 10  
ALA CB  HB3  sing N N 11  
ALA OXT HXT  sing N N 12  
ARG N   CA   sing N N 13  
ARG N   H    sing N N 14  
ARG N   H2   sing N N 15  
ARG CA  C    sing N N 16  
ARG CA  CB   sing N N 17  
ARG CA  HA   sing N N 18  
ARG C   O    doub N N 19  
ARG C   OXT  sing N N 20  
ARG CB  CG   sing N N 21  
ARG CB  HB2  sing N N 22  
ARG CB  HB3  sing N N 23  
ARG CG  CD   sing N N 24  
ARG CG  HG2  sing N N 25  
ARG CG  HG3  sing N N 26  
ARG CD  NE   sing N N 27  
ARG CD  HD2  sing N N 28  
ARG CD  HD3  sing N N 29  
ARG NE  CZ   sing N N 30  
ARG NE  HE   sing N N 31  
ARG CZ  NH1  sing N N 32  
ARG CZ  NH2  doub N N 33  
ARG NH1 HH11 sing N N 34  
ARG NH1 HH12 sing N N 35  
ARG NH2 HH21 sing N N 36  
ARG NH2 HH22 sing N N 37  
ARG OXT HXT  sing N N 38  
ASN N   CA   sing N N 39  
ASN N   H    sing N N 40  
ASN N   H2   sing N N 41  
ASN CA  C    sing N N 42  
ASN CA  CB   sing N N 43  
ASN CA  HA   sing N N 44  
ASN C   O    doub N N 45  
ASN C   OXT  sing N N 46  
ASN CB  CG   sing N N 47  
ASN CB  HB2  sing N N 48  
ASN CB  HB3  sing N N 49  
ASN CG  OD1  doub N N 50  
ASN CG  ND2  sing N N 51  
ASN ND2 HD21 sing N N 52  
ASN ND2 HD22 sing N N 53  
ASN OXT HXT  sing N N 54  
ASP N   CA   sing N N 55  
ASP N   H    sing N N 56  
ASP N   H2   sing N N 57  
ASP CA  C    sing N N 58  
ASP CA  CB   sing N N 59  
ASP CA  HA   sing N N 60  
ASP C   O    doub N N 61  
ASP C   OXT  sing N N 62  
ASP CB  CG   sing N N 63  
ASP CB  HB2  sing N N 64  
ASP CB  HB3  sing N N 65  
ASP CG  OD1  doub N N 66  
ASP CG  OD2  sing N N 67  
ASP OD2 HD2  sing N N 68  
ASP OXT HXT  sing N N 69  
GLN N   CA   sing N N 70  
GLN N   H    sing N N 71  
GLN N   H2   sing N N 72  
GLN CA  C    sing N N 73  
GLN CA  CB   sing N N 74  
GLN CA  HA   sing N N 75  
GLN C   O    doub N N 76  
GLN C   OXT  sing N N 77  
GLN CB  CG   sing N N 78  
GLN CB  HB2  sing N N 79  
GLN CB  HB3  sing N N 80  
GLN CG  CD   sing N N 81  
GLN CG  HG2  sing N N 82  
GLN CG  HG3  sing N N 83  
GLN CD  OE1  doub N N 84  
GLN CD  NE2  sing N N 85  
GLN NE2 HE21 sing N N 86  
GLN NE2 HE22 sing N N 87  
GLN OXT HXT  sing N N 88  
GLU N   CA   sing N N 89  
GLU N   H    sing N N 90  
GLU N   H2   sing N N 91  
GLU CA  C    sing N N 92  
GLU CA  CB   sing N N 93  
GLU CA  HA   sing N N 94  
GLU C   O    doub N N 95  
GLU C   OXT  sing N N 96  
GLU CB  CG   sing N N 97  
GLU CB  HB2  sing N N 98  
GLU CB  HB3  sing N N 99  
GLU CG  CD   sing N N 100 
GLU CG  HG2  sing N N 101 
GLU CG  HG3  sing N N 102 
GLU CD  OE1  doub N N 103 
GLU CD  OE2  sing N N 104 
GLU OE2 HE2  sing N N 105 
GLU OXT HXT  sing N N 106 
GLY N   CA   sing N N 107 
GLY N   H    sing N N 108 
GLY N   H2   sing N N 109 
GLY CA  C    sing N N 110 
GLY CA  HA2  sing N N 111 
GLY CA  HA3  sing N N 112 
GLY C   O    doub N N 113 
GLY C   OXT  sing N N 114 
GLY OXT HXT  sing N N 115 
HIS N   CA   sing N N 116 
HIS N   H    sing N N 117 
HIS N   H2   sing N N 118 
HIS CA  C    sing N N 119 
HIS CA  CB   sing N N 120 
HIS CA  HA   sing N N 121 
HIS C   O    doub N N 122 
HIS C   OXT  sing N N 123 
HIS CB  CG   sing N N 124 
HIS CB  HB2  sing N N 125 
HIS CB  HB3  sing N N 126 
HIS CG  ND1  sing Y N 127 
HIS CG  CD2  doub Y N 128 
HIS ND1 CE1  doub Y N 129 
HIS ND1 HD1  sing N N 130 
HIS CD2 NE2  sing Y N 131 
HIS CD2 HD2  sing N N 132 
HIS CE1 NE2  sing Y N 133 
HIS CE1 HE1  sing N N 134 
HIS NE2 HE2  sing N N 135 
HIS OXT HXT  sing N N 136 
ILE N   CA   sing N N 137 
ILE N   H    sing N N 138 
ILE N   H2   sing N N 139 
ILE CA  C    sing N N 140 
ILE CA  CB   sing N N 141 
ILE CA  HA   sing N N 142 
ILE C   O    doub N N 143 
ILE C   OXT  sing N N 144 
ILE CB  CG1  sing N N 145 
ILE CB  CG2  sing N N 146 
ILE CB  HB   sing N N 147 
ILE CG1 CD1  sing N N 148 
ILE CG1 HG12 sing N N 149 
ILE CG1 HG13 sing N N 150 
ILE CG2 HG21 sing N N 151 
ILE CG2 HG22 sing N N 152 
ILE CG2 HG23 sing N N 153 
ILE CD1 HD11 sing N N 154 
ILE CD1 HD12 sing N N 155 
ILE CD1 HD13 sing N N 156 
ILE OXT HXT  sing N N 157 
LEU N   CA   sing N N 158 
LEU N   H    sing N N 159 
LEU N   H2   sing N N 160 
LEU CA  C    sing N N 161 
LEU CA  CB   sing N N 162 
LEU CA  HA   sing N N 163 
LEU C   O    doub N N 164 
LEU C   OXT  sing N N 165 
LEU CB  CG   sing N N 166 
LEU CB  HB2  sing N N 167 
LEU CB  HB3  sing N N 168 
LEU CG  CD1  sing N N 169 
LEU CG  CD2  sing N N 170 
LEU CG  HG   sing N N 171 
LEU CD1 HD11 sing N N 172 
LEU CD1 HD12 sing N N 173 
LEU CD1 HD13 sing N N 174 
LEU CD2 HD21 sing N N 175 
LEU CD2 HD22 sing N N 176 
LEU CD2 HD23 sing N N 177 
LEU OXT HXT  sing N N 178 
LYS N   CA   sing N N 179 
LYS N   H    sing N N 180 
LYS N   H2   sing N N 181 
LYS CA  C    sing N N 182 
LYS CA  CB   sing N N 183 
LYS CA  HA   sing N N 184 
LYS C   O    doub N N 185 
LYS C   OXT  sing N N 186 
LYS CB  CG   sing N N 187 
LYS CB  HB2  sing N N 188 
LYS CB  HB3  sing N N 189 
LYS CG  CD   sing N N 190 
LYS CG  HG2  sing N N 191 
LYS CG  HG3  sing N N 192 
LYS CD  CE   sing N N 193 
LYS CD  HD2  sing N N 194 
LYS CD  HD3  sing N N 195 
LYS CE  NZ   sing N N 196 
LYS CE  HE2  sing N N 197 
LYS CE  HE3  sing N N 198 
LYS NZ  HZ1  sing N N 199 
LYS NZ  HZ2  sing N N 200 
LYS NZ  HZ3  sing N N 201 
LYS OXT HXT  sing N N 202 
MET N   CA   sing N N 203 
MET N   H    sing N N 204 
MET N   H2   sing N N 205 
MET CA  C    sing N N 206 
MET CA  CB   sing N N 207 
MET CA  HA   sing N N 208 
MET C   O    doub N N 209 
MET C   OXT  sing N N 210 
MET CB  CG   sing N N 211 
MET CB  HB2  sing N N 212 
MET CB  HB3  sing N N 213 
MET CG  SD   sing N N 214 
MET CG  HG2  sing N N 215 
MET CG  HG3  sing N N 216 
MET SD  CE   sing N N 217 
MET CE  HE1  sing N N 218 
MET CE  HE2  sing N N 219 
MET CE  HE3  sing N N 220 
MET OXT HXT  sing N N 221 
PHE N   CA   sing N N 222 
PHE N   H    sing N N 223 
PHE N   H2   sing N N 224 
PHE CA  C    sing N N 225 
PHE CA  CB   sing N N 226 
PHE CA  HA   sing N N 227 
PHE C   O    doub N N 228 
PHE C   OXT  sing N N 229 
PHE CB  CG   sing N N 230 
PHE CB  HB2  sing N N 231 
PHE CB  HB3  sing N N 232 
PHE CG  CD1  doub Y N 233 
PHE CG  CD2  sing Y N 234 
PHE CD1 CE1  sing Y N 235 
PHE CD1 HD1  sing N N 236 
PHE CD2 CE2  doub Y N 237 
PHE CD2 HD2  sing N N 238 
PHE CE1 CZ   doub Y N 239 
PHE CE1 HE1  sing N N 240 
PHE CE2 CZ   sing Y N 241 
PHE CE2 HE2  sing N N 242 
PHE CZ  HZ   sing N N 243 
PHE OXT HXT  sing N N 244 
PRO N   CA   sing N N 245 
PRO N   CD   sing N N 246 
PRO N   H    sing N N 247 
PRO CA  C    sing N N 248 
PRO CA  CB   sing N N 249 
PRO CA  HA   sing N N 250 
PRO C   O    doub N N 251 
PRO C   OXT  sing N N 252 
PRO CB  CG   sing N N 253 
PRO CB  HB2  sing N N 254 
PRO CB  HB3  sing N N 255 
PRO CG  CD   sing N N 256 
PRO CG  HG2  sing N N 257 
PRO CG  HG3  sing N N 258 
PRO CD  HD2  sing N N 259 
PRO CD  HD3  sing N N 260 
PRO OXT HXT  sing N N 261 
SER N   CA   sing N N 262 
SER N   H    sing N N 263 
SER N   H2   sing N N 264 
SER CA  C    sing N N 265 
SER CA  CB   sing N N 266 
SER CA  HA   sing N N 267 
SER C   O    doub N N 268 
SER C   OXT  sing N N 269 
SER CB  OG   sing N N 270 
SER CB  HB2  sing N N 271 
SER CB  HB3  sing N N 272 
SER OG  HG   sing N N 273 
SER OXT HXT  sing N N 274 
THR N   CA   sing N N 275 
THR N   H    sing N N 276 
THR N   H2   sing N N 277 
THR CA  C    sing N N 278 
THR CA  CB   sing N N 279 
THR CA  HA   sing N N 280 
THR C   O    doub N N 281 
THR C   OXT  sing N N 282 
THR CB  OG1  sing N N 283 
THR CB  CG2  sing N N 284 
THR CB  HB   sing N N 285 
THR OG1 HG1  sing N N 286 
THR CG2 HG21 sing N N 287 
THR CG2 HG22 sing N N 288 
THR CG2 HG23 sing N N 289 
THR OXT HXT  sing N N 290 
TYR N   CA   sing N N 291 
TYR N   H    sing N N 292 
TYR N   H2   sing N N 293 
TYR CA  C    sing N N 294 
TYR CA  CB   sing N N 295 
TYR CA  HA   sing N N 296 
TYR C   O    doub N N 297 
TYR C   OXT  sing N N 298 
TYR CB  CG   sing N N 299 
TYR CB  HB2  sing N N 300 
TYR CB  HB3  sing N N 301 
TYR CG  CD1  doub Y N 302 
TYR CG  CD2  sing Y N 303 
TYR CD1 CE1  sing Y N 304 
TYR CD1 HD1  sing N N 305 
TYR CD2 CE2  doub Y N 306 
TYR CD2 HD2  sing N N 307 
TYR CE1 CZ   doub Y N 308 
TYR CE1 HE1  sing N N 309 
TYR CE2 CZ   sing Y N 310 
TYR CE2 HE2  sing N N 311 
TYR CZ  OH   sing N N 312 
TYR OH  HH   sing N N 313 
TYR OXT HXT  sing N N 314 
VAL N   CA   sing N N 315 
VAL N   H    sing N N 316 
VAL N   H2   sing N N 317 
VAL CA  C    sing N N 318 
VAL CA  CB   sing N N 319 
VAL CA  HA   sing N N 320 
VAL C   O    doub N N 321 
VAL C   OXT  sing N N 322 
VAL CB  CG1  sing N N 323 
VAL CB  CG2  sing N N 324 
VAL CB  HB   sing N N 325 
VAL CG1 HG11 sing N N 326 
VAL CG1 HG12 sing N N 327 
VAL CG1 HG13 sing N N 328 
VAL CG2 HG21 sing N N 329 
VAL CG2 HG22 sing N N 330 
VAL CG2 HG23 sing N N 331 
VAL OXT HXT  sing N N 332 
# 
_pdbx_initial_refinement_model.id               1 
_pdbx_initial_refinement_model.entity_id_list   ? 
_pdbx_initial_refinement_model.type             'experimental model' 
_pdbx_initial_refinement_model.source_name      PDB 
_pdbx_initial_refinement_model.accession_code   3T49 
_pdbx_initial_refinement_model.details          'STARTING MODEL 3T49' 
# 
